data_9CW6
#
_entry.id   9CW6
#
_cell.length_a   59.486
_cell.length_b   153.227
_cell.length_c   108.848
_cell.angle_alpha   90.00
_cell.angle_beta   90.82
_cell.angle_gamma   90.00
#
_symmetry.space_group_name_H-M   'P 1 21 1'
#
loop_
_entity.id
_entity.type
_entity.pdbx_description
1 polymer 'Nitric oxide synthase, endothelial'
2 non-polymer 'PROTOPORPHYRIN IX CONTAINING FE'
3 non-polymer 5,6,7,8-TETRAHYDROBIOPTERIN
4 non-polymer (6P)-6-{3-chloro-5-[(dimethylamino)methyl]phenyl}-4-methylpyridin-2-amine
5 non-polymer 2-[BIS-(2-HYDROXY-ETHYL)-AMINO]-2-HYDROXYMETHYL-PROPANE-1,3-DIOL
6 non-polymer GLYCEROL
7 non-polymer 'CHLORIDE ION'
8 non-polymer 'GADOLINIUM ION'
9 non-polymer 'ZINC ION'
10 water water
#
_entity_poly.entity_id   1
_entity_poly.type   'polypeptide(L)'
_entity_poly.pdbx_seq_one_letter_code
;APASLLPPAPEHSPPSSPLTQPPEGPKFPRVKNWEVGSITYDTLSAQAQQDGPCTPRRCLGSLVFPRKLQGRPSPGPPAP
EQLLSQARDFINQYYSSIKRSGSQAHEQRLQEVEAEVAATGTYQLRESELVFGAKQAWRNAPRCVGRIQWGKLQVFDARD
CRSAQEMFTYICNHIKYATNRGNLRSAITVFPQRCPGRGDFRIWNSQLVRYAGYRQQDGSVRGDPANVEITELCIQHGWT
PGNGRFDVLPLLLQAPDEPPELFLLPPELVLEVPLEHPTLEWFAALGLRWYALPAVSNMLLEIGGLEFPAAPFSGWYMST
EIGTRNLCDPHRYNILEDVAVCMDLDTRTTSSLWKDKAAVEINVAVLHSYQLAKVTIVDHHAATASFMKHLENEQKARGG
CPADWAWIVPPISGSLTPVFHQEMVNYFLSPAFRYQPDPW
;
_entity_poly.pdbx_strand_id   A,B,C,D
#
loop_
_chem_comp.id
_chem_comp.type
_chem_comp.name
_chem_comp.formula
A1A0N non-polymer (6P)-6-{3-chloro-5-[(dimethylamino)methyl]phenyl}-4-methylpyridin-2-amine 'C15 H18 Cl N3'
BTB non-polymer 2-[BIS-(2-HYDROXY-ETHYL)-AMINO]-2-HYDROXYMETHYL-PROPANE-1,3-DIOL 'C8 H19 N O5'
CL non-polymer 'CHLORIDE ION' 'Cl -1'
GD3 non-polymer 'GADOLINIUM ION' 'Gd 3'
GOL non-polymer GLYCEROL 'C3 H8 O3'
H4B non-polymer 5,6,7,8-TETRAHYDROBIOPTERIN 'C9 H15 N5 O3'
HEM non-polymer 'PROTOPORPHYRIN IX CONTAINING FE' 'C34 H32 Fe N4 O4'
ZN non-polymer 'ZINC ION' 'Zn 2'
#
# COMPACT_ATOMS: atom_id res chain seq x y z
N LYS A 27 37.78 23.79 27.36
CA LYS A 27 37.95 24.92 26.46
C LYS A 27 37.73 24.49 25.00
N PHE A 28 37.70 23.17 24.79
CA PHE A 28 37.44 22.60 23.47
C PHE A 28 36.14 21.80 23.48
N PRO A 29 35.05 22.36 22.94
CA PRO A 29 33.74 21.69 23.05
C PRO A 29 33.73 20.23 22.67
N ARG A 30 33.26 19.40 23.60
CA ARG A 30 32.99 18.00 23.35
C ARG A 30 31.73 17.88 22.51
N VAL A 31 31.81 17.12 21.43
CA VAL A 31 30.73 16.99 20.47
C VAL A 31 30.49 15.51 20.22
N LYS A 32 29.24 15.08 20.33
CA LYS A 32 28.87 13.69 20.29
C LYS A 32 27.95 13.45 19.10
N ASN A 33 28.04 12.23 18.55
CA ASN A 33 27.04 11.71 17.62
C ASN A 33 26.23 10.62 18.30
N TRP A 34 24.92 10.84 18.40
CA TRP A 34 24.04 9.96 19.18
C TRP A 34 23.67 8.69 18.44
N GLU A 35 23.68 8.70 17.10
CA GLU A 35 23.40 7.49 16.34
C GLU A 35 24.49 6.44 16.53
N VAL A 36 25.74 6.88 16.62
CA VAL A 36 26.87 5.98 16.66
C VAL A 36 27.56 5.95 18.02
N GLY A 37 27.59 7.06 18.76
CA GLY A 37 28.32 7.16 20.00
C GLY A 37 29.68 7.82 19.90
N SER A 38 30.12 8.17 18.69
CA SER A 38 31.43 8.76 18.52
C SER A 38 31.50 10.14 19.19
N ILE A 39 32.71 10.51 19.63
CA ILE A 39 32.98 11.75 20.32
C ILE A 39 34.15 12.43 19.61
N THR A 40 34.01 13.72 19.29
CA THR A 40 35.10 14.52 18.76
C THR A 40 35.17 15.84 19.54
N TYR A 41 36.25 16.58 19.32
CA TYR A 41 36.46 17.89 19.93
C TYR A 41 36.68 18.94 18.84
N ASP A 42 35.97 20.06 18.96
CA ASP A 42 36.09 21.18 18.02
C ASP A 42 37.15 22.10 18.59
N THR A 43 38.40 21.89 18.15
CA THR A 43 39.45 22.84 18.47
C THR A 43 39.38 24.07 17.59
N LEU A 44 38.85 23.93 16.36
CA LEU A 44 38.79 25.06 15.44
C LEU A 44 37.94 26.19 16.01
N SER A 45 37.02 25.87 16.93
CA SER A 45 36.18 26.88 17.56
C SER A 45 36.99 27.96 18.25
N ALA A 46 38.27 27.70 18.53
CA ALA A 46 39.10 28.63 19.27
C ALA A 46 39.20 30.01 18.61
N GLN A 47 39.10 30.07 17.27
CA GLN A 47 39.37 31.32 16.55
C GLN A 47 38.24 32.34 16.69
N ALA A 48 37.17 32.18 15.90
CA ALA A 48 35.93 32.97 15.97
C ALA A 48 36.11 34.48 16.16
N GLN A 49 36.04 35.25 15.07
CA GLN A 49 36.12 36.71 15.14
C GLN A 49 34.78 37.30 15.56
N GLN A 50 33.90 37.59 14.61
CA GLN A 50 32.75 38.45 14.86
C GLN A 50 31.83 37.78 15.88
N ASP A 51 31.95 38.22 17.14
CA ASP A 51 31.25 37.61 18.27
C ASP A 51 29.82 37.25 17.90
N GLY A 52 29.43 36.03 18.27
CA GLY A 52 28.09 35.54 18.00
C GLY A 52 27.07 36.14 18.94
N PRO A 53 25.80 35.87 18.65
CA PRO A 53 24.70 36.54 19.38
C PRO A 53 24.39 35.92 20.75
N CYS A 54 24.96 34.77 21.08
CA CYS A 54 24.62 34.05 22.31
C CYS A 54 25.49 34.51 23.46
N THR A 55 24.91 34.52 24.65
CA THR A 55 25.61 34.73 25.91
C THR A 55 25.26 33.61 26.88
N PRO A 56 26.08 33.40 27.93
CA PRO A 56 25.78 32.40 28.96
C PRO A 56 24.39 32.47 29.56
N ARG A 57 23.71 33.62 29.42
CA ARG A 57 22.39 33.79 30.02
C ARG A 57 21.23 33.44 29.08
N ARG A 58 21.45 33.43 27.77
CA ARG A 58 20.38 33.17 26.82
C ARG A 58 20.99 32.70 25.52
N CYS A 59 20.36 31.75 24.85
CA CYS A 59 20.82 31.28 23.54
C CYS A 59 19.93 31.84 22.44
N LEU A 60 20.55 32.47 21.45
CA LEU A 60 19.83 33.10 20.35
C LEU A 60 20.09 32.42 19.02
N GLY A 61 20.58 31.17 19.05
CA GLY A 61 20.89 30.44 17.83
C GLY A 61 19.76 30.37 16.82
N SER A 62 18.50 30.46 17.25
CA SER A 62 17.42 30.30 16.30
C SER A 62 17.10 31.56 15.51
N LEU A 63 17.68 32.70 15.86
CA LEU A 63 17.43 33.94 15.11
C LEU A 63 18.06 33.88 13.72
N VAL A 64 17.31 34.31 12.71
CA VAL A 64 17.76 34.29 11.31
C VAL A 64 18.88 35.30 11.08
N PHE A 65 18.60 36.58 11.37
CA PHE A 65 19.59 37.66 11.31
C PHE A 65 19.91 38.17 12.71
N PRO A 66 20.83 37.51 13.43
CA PRO A 66 21.17 37.69 14.85
C PRO A 66 20.76 39.02 15.48
N PRO A 80 41.00 53.94 10.95
CA PRO A 80 40.90 53.29 9.63
C PRO A 80 41.67 51.97 9.53
N GLU A 81 42.89 51.93 10.08
CA GLU A 81 43.84 50.83 9.87
C GLU A 81 43.52 49.57 10.67
N GLN A 82 42.23 49.27 10.86
CA GLN A 82 41.83 47.92 11.27
C GLN A 82 42.01 46.93 10.13
N LEU A 83 42.02 47.42 8.89
CA LEU A 83 42.15 46.58 7.69
C LEU A 83 43.39 45.71 7.70
N LEU A 84 44.44 46.12 8.44
CA LEU A 84 45.73 45.45 8.37
C LEU A 84 45.72 44.11 9.08
N SER A 85 45.13 44.04 10.29
CA SER A 85 45.05 42.78 11.02
C SER A 85 44.28 41.73 10.21
N GLN A 86 43.13 42.11 9.67
CA GLN A 86 42.38 41.19 8.82
C GLN A 86 43.20 40.76 7.62
N ALA A 87 44.09 41.64 7.12
CA ALA A 87 44.87 41.31 5.94
C ALA A 87 46.03 40.36 6.25
N ARG A 88 46.77 40.61 7.34
CA ARG A 88 47.82 39.67 7.73
C ARG A 88 47.28 38.26 7.82
N ASP A 89 46.26 38.06 8.68
CA ASP A 89 45.74 36.72 8.95
C ASP A 89 45.30 36.01 7.68
N PHE A 90 44.58 36.70 6.78
CA PHE A 90 44.17 36.04 5.55
C PHE A 90 45.36 35.58 4.73
N ILE A 91 46.41 36.43 4.63
CA ILE A 91 47.62 36.07 3.89
C ILE A 91 48.32 34.90 4.57
N ASN A 92 48.28 34.87 5.91
CA ASN A 92 48.89 33.78 6.67
C ASN A 92 48.17 32.46 6.43
N GLN A 93 46.83 32.49 6.38
CA GLN A 93 46.05 31.33 5.95
C GLN A 93 46.55 30.83 4.59
N TYR A 94 46.42 31.68 3.57
CA TYR A 94 46.78 31.34 2.19
C TYR A 94 48.07 30.52 2.13
N TYR A 95 49.13 31.01 2.76
CA TYR A 95 50.43 30.37 2.58
C TYR A 95 50.54 29.06 3.34
N SER A 96 49.88 28.94 4.49
CA SER A 96 49.88 27.65 5.17
C SER A 96 49.08 26.61 4.37
N SER A 97 48.02 27.04 3.68
CA SER A 97 47.24 26.17 2.81
C SER A 97 47.97 25.75 1.54
N ILE A 98 49.15 26.29 1.26
CA ILE A 98 49.92 25.83 0.10
C ILE A 98 51.29 25.38 0.56
N LYS A 99 51.40 24.98 1.84
CA LYS A 99 52.67 24.52 2.41
C LYS A 99 53.77 25.54 2.20
N ARG A 100 53.42 26.83 2.39
CA ARG A 100 54.31 27.93 2.02
C ARG A 100 54.32 29.03 3.07
N SER A 101 53.90 28.74 4.30
CA SER A 101 54.05 29.71 5.37
C SER A 101 55.51 29.83 5.76
N GLY A 102 55.94 31.07 6.02
CA GLY A 102 57.31 31.30 6.46
C GLY A 102 58.37 31.09 5.40
N SER A 103 58.05 31.33 4.13
CA SER A 103 59.00 31.13 3.05
C SER A 103 58.86 32.23 2.01
N GLN A 104 60.00 32.81 1.63
CA GLN A 104 60.16 33.85 0.62
C GLN A 104 58.93 34.66 0.27
N ALA A 105 58.12 34.17 -0.68
CA ALA A 105 57.01 34.96 -1.22
C ALA A 105 55.95 35.32 -0.19
N HIS A 106 55.94 34.65 0.97
CA HIS A 106 54.98 34.96 2.02
C HIS A 106 55.34 36.26 2.74
N GLU A 107 56.53 36.32 3.34
CA GLU A 107 57.01 37.55 3.94
C GLU A 107 57.00 38.69 2.92
N GLN A 108 57.37 38.38 1.67
CA GLN A 108 57.29 39.37 0.59
C GLN A 108 55.87 39.91 0.44
N ARG A 109 54.90 39.02 0.22
CA ARG A 109 53.51 39.45 0.06
C ARG A 109 53.01 40.20 1.28
N LEU A 110 53.58 39.93 2.46
CA LEU A 110 53.22 40.69 3.65
C LEU A 110 53.64 42.15 3.52
N GLN A 111 54.76 42.41 2.83
CA GLN A 111 55.24 43.79 2.68
C GLN A 111 54.39 44.59 1.71
N GLU A 112 54.09 44.01 0.53
CA GLU A 112 53.33 44.73 -0.48
C GLU A 112 51.96 45.18 0.03
N VAL A 113 51.30 44.39 0.89
CA VAL A 113 50.06 44.86 1.46
C VAL A 113 50.31 45.92 2.53
N GLU A 114 51.34 45.73 3.36
CA GLU A 114 51.79 46.81 4.23
C GLU A 114 51.93 48.11 3.46
N ALA A 115 52.65 48.07 2.33
CA ALA A 115 52.88 49.27 1.53
C ALA A 115 51.59 49.72 0.82
N GLU A 116 50.80 48.78 0.30
CA GLU A 116 49.57 49.15 -0.41
C GLU A 116 48.63 49.95 0.49
N VAL A 117 48.39 49.46 1.71
CA VAL A 117 47.50 50.16 2.61
C VAL A 117 48.17 51.41 3.16
N ALA A 118 49.45 51.33 3.50
CA ALA A 118 50.18 52.52 3.94
C ALA A 118 50.02 53.66 2.94
N ALA A 119 50.19 53.37 1.65
CA ALA A 119 50.10 54.42 0.63
C ALA A 119 48.65 54.84 0.37
N THR A 120 47.76 53.86 0.20
CA THR A 120 46.42 54.13 -0.33
C THR A 120 45.28 53.79 0.63
N GLY A 121 45.56 53.19 1.78
CA GLY A 121 44.51 52.91 2.75
C GLY A 121 43.59 51.78 2.36
N THR A 122 44.08 50.82 1.58
CA THR A 122 43.31 49.69 1.07
C THR A 122 44.28 48.79 0.30
N TYR A 123 43.79 47.69 -0.28
CA TYR A 123 44.69 46.88 -1.09
C TYR A 123 43.88 46.04 -2.08
N GLN A 124 44.57 45.55 -3.10
CA GLN A 124 43.99 44.62 -4.06
C GLN A 124 44.51 43.22 -3.79
N LEU A 125 43.70 42.22 -4.11
CA LEU A 125 44.04 40.83 -3.86
C LEU A 125 44.64 40.23 -5.12
N ARG A 126 45.76 39.50 -4.95
CA ARG A 126 46.24 38.60 -5.99
C ARG A 126 45.14 37.62 -6.39
N GLU A 127 45.06 37.33 -7.69
CA GLU A 127 43.92 36.59 -8.24
C GLU A 127 43.73 35.23 -7.56
N SER A 128 44.83 34.57 -7.18
CA SER A 128 44.71 33.30 -6.49
C SER A 128 44.19 33.48 -5.07
N GLU A 129 44.52 34.61 -4.44
CA GLU A 129 44.00 34.90 -3.11
C GLU A 129 42.50 35.11 -3.15
N LEU A 130 42.03 35.91 -4.10
CA LEU A 130 40.60 36.05 -4.29
C LEU A 130 39.94 34.69 -4.50
N VAL A 131 40.57 33.84 -5.32
CA VAL A 131 40.12 32.47 -5.49
C VAL A 131 40.15 31.72 -4.16
N PHE A 132 41.22 31.91 -3.39
CA PHE A 132 41.34 31.18 -2.13
C PHE A 132 40.33 31.68 -1.11
N GLY A 133 40.08 33.00 -1.08
CA GLY A 133 39.12 33.55 -0.15
C GLY A 133 37.69 33.14 -0.45
N ALA A 134 37.31 33.16 -1.73
CA ALA A 134 35.95 32.77 -2.09
C ALA A 134 35.67 31.32 -1.72
N LYS A 135 36.65 30.44 -1.93
CA LYS A 135 36.45 29.06 -1.55
C LYS A 135 36.39 28.87 -0.03
N GLN A 136 37.24 29.60 0.71
CA GLN A 136 37.26 29.44 2.15
C GLN A 136 36.00 30.00 2.77
N ALA A 137 35.50 31.12 2.24
CA ALA A 137 34.23 31.67 2.71
C ALA A 137 33.13 30.61 2.62
N TRP A 138 32.97 30.00 1.44
CA TRP A 138 32.04 28.89 1.29
C TRP A 138 32.30 27.80 2.34
N ARG A 139 33.56 27.40 2.50
CA ARG A 139 33.94 26.39 3.49
C ARG A 139 33.51 26.78 4.91
N ASN A 140 33.30 28.07 5.16
CA ASN A 140 33.00 28.59 6.48
C ASN A 140 31.55 28.97 6.68
N ALA A 141 30.68 28.83 5.66
CA ALA A 141 29.27 29.17 5.76
C ALA A 141 28.52 28.17 6.65
N PRO A 142 28.24 28.50 7.91
CA PRO A 142 27.74 27.48 8.84
C PRO A 142 26.40 26.88 8.45
N ARG A 143 25.55 27.63 7.76
CA ARG A 143 24.23 27.16 7.40
C ARG A 143 24.17 26.46 6.07
N CYS A 144 25.29 26.35 5.35
CA CYS A 144 25.30 25.69 4.05
C CYS A 144 25.52 24.19 4.24
N VAL A 145 24.58 23.38 3.73
CA VAL A 145 24.71 21.94 3.80
C VAL A 145 25.46 21.36 2.61
N GLY A 146 25.81 22.19 1.63
CA GLY A 146 26.48 21.69 0.44
C GLY A 146 27.98 21.82 0.42
N ARG A 147 28.60 22.07 1.58
CA ARG A 147 30.03 22.42 1.58
C ARG A 147 30.94 21.24 1.30
N ILE A 148 30.44 20.02 1.14
CA ILE A 148 31.29 18.93 0.64
C ILE A 148 31.85 19.31 -0.72
N GLN A 149 31.22 20.26 -1.40
CA GLN A 149 31.59 20.74 -2.73
C GLN A 149 32.53 21.94 -2.70
N TRP A 150 33.02 22.32 -1.52
CA TRP A 150 33.59 23.66 -1.37
C TRP A 150 34.85 23.84 -2.21
N GLY A 151 35.55 22.77 -2.53
CA GLY A 151 36.78 22.90 -3.28
C GLY A 151 36.61 22.98 -4.78
N LYS A 152 35.39 22.97 -5.27
CA LYS A 152 35.08 23.01 -6.69
C LYS A 152 34.26 24.27 -6.90
N LEU A 153 34.96 25.39 -7.03
CA LEU A 153 34.32 26.69 -7.21
C LEU A 153 35.01 27.44 -8.34
N GLN A 154 34.22 27.97 -9.26
CA GLN A 154 34.72 28.73 -10.40
C GLN A 154 34.53 30.21 -10.09
N VAL A 155 35.64 30.93 -9.90
CA VAL A 155 35.62 32.34 -9.55
C VAL A 155 35.81 33.16 -10.82
N PHE A 156 34.84 34.03 -11.12
CA PHE A 156 34.96 35.02 -12.19
C PHE A 156 35.32 36.35 -11.57
N ASP A 157 36.46 36.90 -11.97
CA ASP A 157 36.93 38.18 -11.48
C ASP A 157 36.29 39.29 -12.32
N ALA A 158 35.33 39.99 -11.71
CA ALA A 158 34.66 41.14 -12.32
C ALA A 158 35.07 42.44 -11.65
N ARG A 159 36.32 42.51 -11.19
CA ARG A 159 36.77 43.71 -10.49
C ARG A 159 37.02 44.88 -11.44
N ASP A 160 37.34 44.62 -12.70
CA ASP A 160 37.52 45.74 -13.62
C ASP A 160 36.17 46.16 -14.19
N CYS A 161 35.19 46.41 -13.32
CA CYS A 161 33.82 46.67 -13.73
C CYS A 161 33.45 48.13 -13.51
N ARG A 162 32.51 48.60 -14.33
CA ARG A 162 31.92 49.93 -14.19
C ARG A 162 30.67 49.99 -15.07
N SER A 163 29.58 50.54 -14.51
CA SER A 163 28.25 50.67 -15.11
C SER A 163 27.44 49.37 -15.04
N ALA A 164 26.12 49.51 -14.82
CA ALA A 164 25.23 48.36 -14.75
C ALA A 164 25.18 47.61 -16.07
N GLN A 165 25.25 48.32 -17.20
CA GLN A 165 25.24 47.68 -18.50
C GLN A 165 26.39 46.70 -18.67
N GLU A 166 27.43 46.82 -17.85
CA GLU A 166 28.55 45.89 -17.88
C GLU A 166 28.37 44.74 -16.89
N MET A 167 27.95 45.08 -15.66
CA MET A 167 27.58 44.04 -14.71
C MET A 167 26.63 43.05 -15.37
N PHE A 168 25.65 43.56 -16.12
CA PHE A 168 24.63 42.72 -16.70
C PHE A 168 25.23 41.59 -17.52
N THR A 169 26.25 41.89 -18.35
CA THR A 169 26.85 40.82 -19.13
C THR A 169 27.76 39.93 -18.29
N TYR A 170 28.33 40.46 -17.21
CA TYR A 170 29.04 39.60 -16.25
C TYR A 170 28.07 38.64 -15.57
N ILE A 171 26.91 39.15 -15.16
CA ILE A 171 25.89 38.31 -14.54
C ILE A 171 25.41 37.27 -15.54
N CYS A 172 25.28 37.68 -16.81
CA CYS A 172 24.76 36.79 -17.85
C CYS A 172 25.76 35.73 -18.24
N ASN A 173 27.07 35.99 -18.13
CA ASN A 173 28.05 34.95 -18.40
C ASN A 173 28.07 33.93 -17.27
N HIS A 174 28.01 34.41 -16.04
CA HIS A 174 27.81 33.54 -14.88
C HIS A 174 26.60 32.63 -15.10
N ILE A 175 25.42 33.23 -15.26
CA ILE A 175 24.18 32.47 -15.35
C ILE A 175 24.30 31.36 -16.37
N LYS A 176 24.78 31.70 -17.58
CA LYS A 176 24.83 30.71 -18.63
C LYS A 176 25.98 29.71 -18.40
N TYR A 177 27.06 30.14 -17.76
CA TYR A 177 28.08 29.16 -17.35
C TYR A 177 27.58 28.30 -16.20
N ALA A 178 26.92 28.92 -15.22
CA ALA A 178 26.39 28.15 -14.10
C ALA A 178 25.36 27.14 -14.59
N THR A 179 24.40 27.59 -15.40
CA THR A 179 23.32 26.72 -15.86
C THR A 179 23.88 25.55 -16.68
N ASN A 180 24.57 25.84 -17.79
CA ASN A 180 25.26 24.79 -18.56
C ASN A 180 24.27 23.74 -19.07
N ARG A 181 23.09 24.20 -19.46
CA ARG A 181 22.04 23.33 -20.01
C ARG A 181 21.56 22.30 -18.99
N GLY A 182 21.56 22.66 -17.71
CA GLY A 182 21.00 21.83 -16.67
C GLY A 182 22.03 21.04 -15.89
N ASN A 183 23.25 20.90 -16.41
CA ASN A 183 24.34 20.26 -15.66
C ASN A 183 25.05 21.34 -14.85
N LEU A 184 24.47 21.66 -13.69
CA LEU A 184 24.82 22.87 -12.97
C LEU A 184 26.24 22.82 -12.39
N ARG A 185 26.84 24.00 -12.29
CA ARG A 185 28.23 24.15 -11.86
C ARG A 185 28.34 25.34 -10.92
N SER A 186 29.00 25.13 -9.78
CA SER A 186 29.13 26.19 -8.79
C SER A 186 30.02 27.31 -9.31
N ALA A 187 29.51 28.54 -9.27
CA ALA A 187 30.29 29.69 -9.67
C ALA A 187 29.95 30.87 -8.79
N ILE A 188 30.93 31.75 -8.65
CA ILE A 188 30.77 33.05 -8.01
C ILE A 188 31.39 34.08 -8.94
N THR A 189 30.77 35.25 -9.02
CA THR A 189 31.31 36.37 -9.77
C THR A 189 31.54 37.52 -8.80
N VAL A 190 32.78 37.99 -8.72
CA VAL A 190 33.18 38.97 -7.71
C VAL A 190 33.33 40.33 -8.39
N PHE A 191 32.45 41.24 -8.04
CA PHE A 191 32.51 42.61 -8.55
C PHE A 191 33.42 43.46 -7.68
N PRO A 192 33.74 44.68 -8.08
CA PRO A 192 34.83 45.42 -7.43
C PRO A 192 34.57 45.60 -5.94
N GLN A 193 35.65 45.65 -5.18
CA GLN A 193 35.57 45.83 -3.74
C GLN A 193 35.11 47.26 -3.44
N ARG A 194 35.26 47.68 -2.20
CA ARG A 194 34.65 48.90 -1.73
C ARG A 194 35.70 49.84 -1.14
N CYS A 195 35.48 51.13 -1.31
CA CYS A 195 36.33 52.18 -0.77
C CYS A 195 35.43 53.29 -0.23
N PRO A 196 35.96 54.14 0.64
CA PRO A 196 35.19 55.29 1.09
C PRO A 196 35.12 56.37 -0.01
N GLY A 197 34.29 57.37 0.25
CA GLY A 197 34.07 58.46 -0.70
C GLY A 197 33.39 58.08 -1.99
N ARG A 198 33.08 56.80 -2.19
CA ARG A 198 32.53 56.29 -3.44
C ARG A 198 31.38 55.33 -3.15
N GLY A 199 30.43 55.25 -4.07
CA GLY A 199 29.30 54.35 -3.98
C GLY A 199 29.68 52.88 -4.06
N ASP A 200 28.72 52.01 -4.35
CA ASP A 200 28.96 50.58 -4.29
C ASP A 200 28.17 49.85 -5.38
N PHE A 201 28.75 48.76 -5.88
CA PHE A 201 27.99 47.84 -6.70
C PHE A 201 27.06 47.01 -5.82
N ARG A 202 25.78 46.98 -6.19
CA ARG A 202 24.78 46.18 -5.50
C ARG A 202 23.82 45.58 -6.51
N ILE A 203 23.47 44.31 -6.31
CA ILE A 203 22.32 43.71 -6.97
C ILE A 203 21.13 43.82 -6.03
N TRP A 204 20.04 44.41 -6.51
CA TRP A 204 18.92 44.72 -5.65
C TRP A 204 17.97 43.55 -5.43
N ASN A 205 18.10 42.47 -6.20
CA ASN A 205 17.33 41.27 -5.94
C ASN A 205 18.12 40.35 -5.01
N SER A 206 17.38 39.57 -4.20
CA SER A 206 18.03 38.59 -3.33
C SER A 206 18.62 37.44 -4.11
N GLN A 207 17.94 37.01 -5.16
CA GLN A 207 18.45 36.04 -6.11
C GLN A 207 18.49 36.67 -7.48
N LEU A 208 19.12 35.97 -8.43
CA LEU A 208 19.07 36.45 -9.80
C LEU A 208 17.79 36.00 -10.51
N VAL A 209 17.19 34.89 -10.08
CA VAL A 209 15.92 34.43 -10.60
C VAL A 209 14.91 34.53 -9.45
N ARG A 210 13.99 35.49 -9.56
CA ARG A 210 12.91 35.68 -8.61
C ARG A 210 11.60 35.84 -9.36
N TYR A 211 10.53 35.31 -8.78
CA TYR A 211 9.22 35.39 -9.41
C TYR A 211 8.42 36.55 -8.84
N ALA A 212 7.56 37.09 -9.70
CA ALA A 212 6.76 38.27 -9.36
C ALA A 212 5.84 38.01 -8.17
N GLY A 213 5.51 39.08 -7.45
CA GLY A 213 4.51 39.07 -6.40
C GLY A 213 3.60 40.28 -6.45
N TYR A 214 2.36 40.09 -6.90
CA TYR A 214 1.42 41.18 -7.13
C TYR A 214 0.30 41.13 -6.10
N ARG A 215 -0.11 42.30 -5.60
CA ARG A 215 -1.24 42.41 -4.69
C ARG A 215 -2.57 42.49 -5.46
N GLN A 216 -3.68 42.62 -4.73
CA GLN A 216 -5.00 42.61 -5.35
C GLN A 216 -5.92 43.62 -4.66
N GLN A 217 -7.16 43.68 -5.15
CA GLN A 217 -8.24 44.51 -4.62
C GLN A 217 -8.58 44.16 -3.18
N ASP A 218 -7.64 43.50 -2.50
CA ASP A 218 -7.87 42.89 -1.21
C ASP A 218 -6.54 42.47 -0.57
N GLY A 219 -5.45 43.08 -1.02
CA GLY A 219 -4.14 42.85 -0.43
C GLY A 219 -3.48 41.53 -0.77
N SER A 220 -4.26 40.45 -0.78
CA SER A 220 -3.73 39.11 -1.03
C SER A 220 -2.95 39.06 -2.35
N VAL A 221 -1.97 38.17 -2.40
CA VAL A 221 -0.90 38.22 -3.40
C VAL A 221 -1.10 37.14 -4.45
N ARG A 222 -0.94 37.53 -5.72
CA ARG A 222 -0.70 36.63 -6.82
C ARG A 222 0.80 36.61 -7.09
N GLY A 223 1.37 35.42 -7.27
CA GLY A 223 2.81 35.29 -7.34
C GLY A 223 3.46 35.02 -5.98
N ASP A 224 4.78 35.15 -5.96
CA ASP A 224 5.56 34.85 -4.78
C ASP A 224 5.47 35.99 -3.77
N PRO A 225 4.92 35.76 -2.57
CA PRO A 225 4.85 36.85 -1.57
C PRO A 225 6.18 37.24 -0.99
N ALA A 226 7.22 36.40 -1.11
CA ALA A 226 8.53 36.80 -0.62
C ALA A 226 9.06 38.05 -1.33
N ASN A 227 8.71 38.23 -2.61
CA ASN A 227 9.34 39.24 -3.45
C ASN A 227 8.48 40.48 -3.67
N VAL A 228 7.25 40.50 -3.15
CA VAL A 228 6.31 41.61 -3.22
C VAL A 228 6.98 42.98 -3.17
N GLU A 229 7.99 43.12 -2.32
CA GLU A 229 8.65 44.41 -2.15
C GLU A 229 9.49 44.78 -3.37
N ILE A 230 10.36 43.88 -3.82
CA ILE A 230 11.17 44.20 -4.99
C ILE A 230 10.32 44.20 -6.26
N THR A 231 9.17 43.52 -6.24
CA THR A 231 8.23 43.64 -7.36
C THR A 231 7.68 45.04 -7.47
N GLU A 232 7.45 45.69 -6.31
CA GLU A 232 6.96 47.07 -6.32
C GLU A 232 8.00 48.02 -6.90
N LEU A 233 9.29 47.73 -6.71
CA LEU A 233 10.33 48.62 -7.20
C LEU A 233 10.47 48.51 -8.71
N CYS A 234 10.56 47.28 -9.23
CA CYS A 234 10.61 47.08 -10.67
C CYS A 234 9.47 47.83 -11.36
N ILE A 235 8.26 47.70 -10.82
CA ILE A 235 7.13 48.44 -11.36
C ILE A 235 7.33 49.94 -11.15
N GLN A 236 7.83 50.33 -9.99
CA GLN A 236 8.13 51.75 -9.76
C GLN A 236 9.16 52.27 -10.74
N HIS A 237 10.15 51.43 -11.08
CA HIS A 237 11.16 51.76 -12.08
C HIS A 237 10.75 51.37 -13.49
N GLY A 238 9.46 51.48 -13.80
CA GLY A 238 8.96 51.33 -15.16
C GLY A 238 9.08 49.95 -15.78
N TRP A 239 8.48 48.95 -15.15
CA TRP A 239 8.45 47.60 -15.67
C TRP A 239 7.01 47.15 -15.86
N THR A 240 6.76 46.38 -16.91
CA THR A 240 5.43 45.88 -17.21
C THR A 240 5.08 44.72 -16.28
N PRO A 241 4.13 44.88 -15.37
CA PRO A 241 3.69 43.75 -14.55
C PRO A 241 2.91 42.75 -15.40
N GLY A 242 3.22 41.47 -15.22
CA GLY A 242 2.47 40.42 -15.86
C GLY A 242 1.18 40.11 -15.11
N ASN A 243 0.56 39.00 -15.50
CA ASN A 243 -0.65 38.52 -14.87
C ASN A 243 -0.47 37.12 -14.30
N GLY A 244 0.77 36.72 -13.99
CA GLY A 244 1.04 35.33 -13.65
C GLY A 244 1.56 35.00 -12.27
N ARG A 245 1.40 33.73 -11.88
CA ARG A 245 1.99 33.21 -10.66
C ARG A 245 3.50 33.00 -10.80
N PHE A 246 4.02 32.94 -12.02
CA PHE A 246 5.41 32.55 -12.25
C PHE A 246 6.05 33.42 -13.31
N ASP A 247 5.95 34.75 -13.13
CA ASP A 247 6.64 35.71 -13.98
C ASP A 247 8.01 35.97 -13.40
N VAL A 248 9.06 35.67 -14.17
CA VAL A 248 10.42 36.00 -13.75
C VAL A 248 10.57 37.51 -13.66
N LEU A 249 11.11 37.97 -12.54
CA LEU A 249 11.34 39.40 -12.36
C LEU A 249 12.56 39.85 -13.14
N PRO A 250 12.66 41.14 -13.46
CA PRO A 250 13.89 41.68 -14.05
C PRO A 250 14.84 42.20 -13.00
N LEU A 251 16.13 42.00 -13.25
CA LEU A 251 17.16 42.50 -12.35
C LEU A 251 17.11 44.01 -12.25
N LEU A 252 17.34 44.53 -11.06
CA LEU A 252 17.66 45.93 -10.85
C LEU A 252 19.12 45.96 -10.42
N LEU A 253 19.99 46.43 -11.32
CA LEU A 253 21.41 46.52 -11.06
C LEU A 253 21.79 47.98 -10.83
N GLN A 254 22.76 48.19 -9.94
CA GLN A 254 23.12 49.54 -9.50
C GLN A 254 24.64 49.71 -9.52
N ALA A 255 25.11 50.80 -10.20
CA ALA A 255 26.50 51.22 -10.23
C ALA A 255 26.74 52.33 -9.22
N PRO A 256 27.98 52.44 -8.69
CA PRO A 256 28.28 53.43 -7.63
C PRO A 256 27.69 54.82 -7.87
N ASP A 257 27.03 55.35 -6.84
CA ASP A 257 26.49 56.71 -6.82
C ASP A 257 25.47 56.94 -7.93
N GLU A 258 24.90 55.89 -8.50
CA GLU A 258 23.95 56.03 -9.58
C GLU A 258 22.67 55.27 -9.27
N PRO A 259 21.54 55.71 -9.81
CA PRO A 259 20.28 55.00 -9.58
C PRO A 259 20.32 53.63 -10.24
N PRO A 260 19.38 52.75 -9.89
CA PRO A 260 19.37 51.41 -10.50
C PRO A 260 18.90 51.50 -11.95
N GLU A 261 19.06 50.38 -12.65
CA GLU A 261 18.64 50.26 -14.04
C GLU A 261 18.06 48.88 -14.27
N LEU A 262 16.80 48.83 -14.75
CA LEU A 262 16.13 47.57 -15.06
C LEU A 262 16.87 46.81 -16.16
N PHE A 263 16.69 45.49 -16.16
CA PHE A 263 17.26 44.60 -17.16
C PHE A 263 16.38 43.37 -17.32
N LEU A 264 15.84 43.16 -18.51
CA LEU A 264 15.16 41.90 -18.82
C LEU A 264 16.21 40.82 -19.04
N LEU A 265 16.12 39.74 -18.29
CA LEU A 265 17.03 38.62 -18.53
C LEU A 265 16.63 37.90 -19.82
N PRO A 266 17.59 37.43 -20.61
CA PRO A 266 17.25 36.69 -21.83
C PRO A 266 16.43 35.46 -21.50
N PRO A 267 15.22 35.35 -22.06
CA PRO A 267 14.35 34.23 -21.69
C PRO A 267 14.89 32.87 -22.07
N GLU A 268 15.86 32.80 -22.98
CA GLU A 268 16.55 31.55 -23.22
C GLU A 268 17.66 31.28 -22.20
N LEU A 269 17.94 32.25 -21.34
CA LEU A 269 18.93 32.09 -20.29
C LEU A 269 18.32 31.66 -18.96
N VAL A 270 17.01 31.76 -18.81
CA VAL A 270 16.32 31.42 -17.57
C VAL A 270 15.78 30.00 -17.74
N LEU A 271 16.55 29.02 -17.28
CA LEU A 271 16.12 27.64 -17.39
C LEU A 271 15.13 27.32 -16.28
N GLU A 272 13.95 26.83 -16.67
CA GLU A 272 12.91 26.52 -15.70
C GLU A 272 12.42 25.10 -15.93
N VAL A 273 11.82 24.54 -14.88
CA VAL A 273 11.41 23.15 -14.86
C VAL A 273 9.93 23.08 -14.52
N PRO A 274 9.08 22.67 -15.46
CA PRO A 274 7.67 22.47 -15.11
C PRO A 274 7.52 21.28 -14.19
N LEU A 275 6.57 21.36 -13.25
CA LEU A 275 6.48 20.36 -12.20
C LEU A 275 5.39 19.36 -12.56
N GLU A 276 5.79 18.11 -12.71
CA GLU A 276 4.88 16.99 -12.83
C GLU A 276 5.26 15.92 -11.82
N HIS A 277 4.27 15.13 -11.43
CA HIS A 277 4.42 14.00 -10.53
C HIS A 277 4.42 12.71 -11.34
N PRO A 278 5.24 11.72 -11.00
CA PRO A 278 5.32 10.53 -11.86
C PRO A 278 4.07 9.66 -11.89
N THR A 279 3.12 9.82 -10.96
CA THR A 279 1.91 9.01 -10.98
C THR A 279 0.63 9.78 -10.70
N LEU A 280 0.69 10.99 -10.15
CA LEU A 280 -0.50 11.82 -9.98
C LEU A 280 -0.62 12.68 -11.23
N GLU A 281 -1.39 12.20 -12.20
CA GLU A 281 -1.42 12.80 -13.54
C GLU A 281 -1.95 14.22 -13.51
N TRP A 282 -2.75 14.58 -12.52
CA TRP A 282 -3.32 15.92 -12.41
C TRP A 282 -2.33 16.96 -11.91
N PHE A 283 -1.19 16.56 -11.35
CA PHE A 283 -0.26 17.52 -10.75
C PHE A 283 0.26 18.51 -11.78
N ALA A 284 0.71 17.99 -12.94
CA ALA A 284 1.00 18.81 -14.11
C ALA A 284 -0.01 19.95 -14.31
N ALA A 285 -1.31 19.62 -14.33
CA ALA A 285 -2.34 20.63 -14.57
C ALA A 285 -2.36 21.74 -13.52
N LEU A 286 -1.82 21.50 -12.32
CA LEU A 286 -1.69 22.57 -11.33
C LEU A 286 -0.79 23.70 -11.81
N GLY A 287 -0.05 23.50 -12.91
CA GLY A 287 0.77 24.53 -13.54
C GLY A 287 1.86 25.16 -12.69
N LEU A 288 2.56 24.37 -11.87
CA LEU A 288 3.64 24.90 -11.07
C LEU A 288 4.98 24.74 -11.79
N ARG A 289 5.88 25.69 -11.56
CA ARG A 289 7.25 25.62 -12.06
C ARG A 289 8.20 26.19 -11.01
N TRP A 290 9.46 25.76 -11.08
CA TRP A 290 10.54 26.46 -10.40
C TRP A 290 11.73 26.56 -11.35
N TYR A 291 12.59 27.55 -11.10
CA TYR A 291 13.77 27.76 -11.92
C TYR A 291 14.93 26.88 -11.44
N ALA A 292 15.88 26.64 -12.34
CA ALA A 292 16.94 25.66 -12.13
C ALA A 292 18.12 26.17 -11.31
N LEU A 293 18.36 27.48 -11.27
CA LEU A 293 19.63 28.00 -10.77
C LEU A 293 19.44 28.82 -9.52
N PRO A 294 19.83 28.30 -8.35
CA PRO A 294 19.79 29.09 -7.12
C PRO A 294 21.06 29.93 -7.03
N ALA A 295 20.89 31.24 -7.13
CA ALA A 295 22.02 32.15 -7.35
C ALA A 295 21.79 33.37 -6.49
N VAL A 296 22.57 33.49 -5.43
CA VAL A 296 22.29 34.39 -4.33
C VAL A 296 23.08 35.69 -4.53
N SER A 297 22.35 36.78 -4.75
CA SER A 297 22.93 38.03 -5.23
C SER A 297 22.70 39.15 -4.26
N ASN A 298 22.82 38.89 -2.97
CA ASN A 298 22.66 39.99 -2.03
C ASN A 298 23.52 39.87 -0.78
N MET A 299 24.39 38.89 -0.67
CA MET A 299 25.30 38.78 0.46
C MET A 299 26.63 39.42 0.11
N LEU A 300 27.39 39.72 1.16
CA LEU A 300 28.59 40.54 1.08
C LEU A 300 29.79 39.64 1.34
N LEU A 301 30.57 39.38 0.30
CA LEU A 301 31.79 38.59 0.45
C LEU A 301 32.85 39.44 1.15
N GLU A 302 33.36 38.92 2.26
CA GLU A 302 34.39 39.60 3.05
C GLU A 302 35.62 38.70 3.08
N ILE A 303 36.65 39.07 2.32
CA ILE A 303 37.92 38.36 2.30
C ILE A 303 39.02 39.30 2.77
N GLY A 304 39.87 38.81 3.67
CA GLY A 304 41.09 39.50 4.05
C GLY A 304 40.94 40.93 4.51
N GLY A 305 39.74 41.29 4.94
CA GLY A 305 39.48 42.65 5.37
C GLY A 305 38.85 43.53 4.31
N LEU A 306 38.56 42.98 3.14
CA LEU A 306 37.90 43.75 2.09
C LEU A 306 36.48 43.24 1.91
N GLU A 307 35.58 44.13 1.50
CA GLU A 307 34.16 43.84 1.45
C GLU A 307 33.62 44.08 0.04
N PHE A 308 33.07 43.04 -0.57
CA PHE A 308 32.45 43.12 -1.88
C PHE A 308 30.95 42.98 -1.71
N PRO A 309 30.18 44.08 -1.62
CA PRO A 309 28.73 43.96 -1.46
C PRO A 309 28.02 43.33 -2.66
N ALA A 310 28.72 43.11 -3.77
CA ALA A 310 28.16 42.45 -4.95
C ALA A 310 29.11 41.30 -5.31
N ALA A 311 28.66 40.06 -5.07
CA ALA A 311 29.46 38.86 -5.33
C ALA A 311 28.57 37.63 -5.46
N PRO A 312 27.68 37.59 -6.47
CA PRO A 312 26.67 36.52 -6.50
C PRO A 312 27.30 35.15 -6.72
N PHE A 313 26.87 34.18 -5.91
CA PHE A 313 27.28 32.80 -6.04
C PHE A 313 26.09 31.91 -6.39
N SER A 314 26.39 30.72 -6.90
CA SER A 314 25.31 29.82 -7.25
C SER A 314 25.83 28.39 -7.16
N GLY A 315 24.90 27.46 -6.94
CA GLY A 315 25.23 26.06 -6.96
C GLY A 315 24.12 25.26 -7.62
N TRP A 316 23.46 24.41 -6.86
CA TRP A 316 22.25 23.76 -7.31
C TRP A 316 21.35 23.54 -6.11
N TYR A 317 20.08 23.30 -6.38
CA TYR A 317 19.13 23.22 -5.30
C TYR A 317 19.25 21.88 -4.59
N MET A 318 18.96 21.90 -3.30
CA MET A 318 18.47 20.73 -2.58
C MET A 318 16.95 20.70 -2.71
N SER A 319 16.39 19.53 -2.96
CA SER A 319 14.98 19.47 -3.38
C SER A 319 14.01 20.07 -2.37
N THR A 320 14.29 19.94 -1.05
CA THR A 320 13.33 20.41 -0.07
C THR A 320 13.22 21.93 -0.08
N GLU A 321 14.27 22.61 -0.55
CA GLU A 321 14.23 24.06 -0.67
C GLU A 321 13.06 24.49 -1.54
N ILE A 322 12.88 23.80 -2.66
CA ILE A 322 11.79 24.13 -3.58
C ILE A 322 10.47 23.53 -3.10
N GLY A 323 10.47 22.22 -2.85
CA GLY A 323 9.23 21.54 -2.54
C GLY A 323 8.66 21.94 -1.20
N THR A 324 9.49 21.95 -0.16
CA THR A 324 8.93 22.26 1.15
C THR A 324 8.91 23.75 1.44
N ARG A 325 10.03 24.46 1.29
CA ARG A 325 10.03 25.84 1.76
C ARG A 325 9.28 26.75 0.79
N ASN A 326 9.63 26.73 -0.49
CA ASN A 326 9.07 27.70 -1.43
C ASN A 326 7.62 27.42 -1.79
N LEU A 327 7.26 26.16 -2.02
CA LEU A 327 5.90 25.88 -2.43
C LEU A 327 4.94 25.57 -1.27
N CYS A 328 5.43 25.29 -0.07
CA CYS A 328 4.52 24.95 1.03
C CYS A 328 4.51 25.92 2.21
N ASP A 329 5.49 26.80 2.35
CA ASP A 329 5.48 27.69 3.50
C ASP A 329 4.21 28.55 3.49
N PRO A 330 3.56 28.72 4.64
CA PRO A 330 2.29 29.46 4.67
C PRO A 330 2.38 30.85 4.06
N HIS A 331 3.55 31.49 4.11
CA HIS A 331 3.74 32.84 3.61
C HIS A 331 4.43 32.85 2.25
N ARG A 332 4.57 31.69 1.64
CA ARG A 332 5.16 31.61 0.32
C ARG A 332 4.04 31.17 -0.62
N TYR A 333 4.30 30.24 -1.54
CA TYR A 333 3.22 29.85 -2.43
C TYR A 333 2.09 29.13 -1.70
N ASN A 334 2.36 28.49 -0.56
CA ASN A 334 1.28 27.95 0.28
C ASN A 334 0.35 27.01 -0.48
N ILE A 335 0.92 26.08 -1.26
CA ILE A 335 0.08 25.19 -2.07
C ILE A 335 -0.40 23.95 -1.32
N LEU A 336 0.04 23.75 -0.07
CA LEU A 336 -0.10 22.44 0.55
C LEU A 336 -1.56 21.98 0.57
N GLU A 337 -2.48 22.88 0.95
CA GLU A 337 -3.86 22.46 1.07
C GLU A 337 -4.49 22.22 -0.31
N ASP A 338 -4.02 22.94 -1.32
CA ASP A 338 -4.58 22.75 -2.66
C ASP A 338 -4.08 21.44 -3.28
N VAL A 339 -2.88 20.99 -2.94
CA VAL A 339 -2.45 19.66 -3.35
C VAL A 339 -3.20 18.57 -2.59
N ALA A 340 -3.58 18.84 -1.32
CA ALA A 340 -4.18 17.77 -0.54
C ALA A 340 -5.60 17.49 -0.99
N VAL A 341 -6.32 18.52 -1.43
CA VAL A 341 -7.65 18.30 -2.00
C VAL A 341 -7.56 17.39 -3.23
N CYS A 342 -6.58 17.62 -4.09
CA CYS A 342 -6.46 16.82 -5.31
C CYS A 342 -6.13 15.37 -5.02
N MET A 343 -5.43 15.08 -3.92
CA MET A 343 -5.16 13.70 -3.52
C MET A 343 -6.30 13.12 -2.68
N ASP A 344 -7.37 13.90 -2.48
CA ASP A 344 -8.59 13.46 -1.79
C ASP A 344 -8.35 13.11 -0.33
N LEU A 345 -7.35 13.73 0.29
CA LEU A 345 -7.02 13.45 1.69
C LEU A 345 -8.00 14.15 2.63
N ASP A 346 -8.05 13.69 3.87
CA ASP A 346 -9.01 14.25 4.81
C ASP A 346 -8.40 15.48 5.48
N THR A 347 -8.79 16.66 5.00
CA THR A 347 -8.32 17.89 5.62
C THR A 347 -9.10 18.28 6.86
N ARG A 348 -10.05 17.46 7.31
CA ARG A 348 -10.93 17.87 8.39
C ARG A 348 -10.37 17.55 9.77
N THR A 349 -9.22 16.88 9.85
CA THR A 349 -8.55 16.65 11.12
C THR A 349 -7.04 16.52 10.88
N THR A 350 -6.24 17.14 11.75
CA THR A 350 -4.81 17.10 11.53
C THR A 350 -4.19 15.76 11.88
N SER A 351 -4.94 14.86 12.52
CA SER A 351 -4.40 13.56 12.87
C SER A 351 -4.36 12.59 11.70
N SER A 352 -4.95 12.97 10.55
CA SER A 352 -4.76 12.15 9.35
C SER A 352 -3.40 12.39 8.70
N LEU A 353 -2.63 13.35 9.21
CA LEU A 353 -1.32 13.74 8.66
C LEU A 353 -1.38 14.07 7.17
N TRP A 354 -2.47 14.73 6.74
CA TRP A 354 -2.58 15.07 5.33
C TRP A 354 -1.49 16.02 4.88
N LYS A 355 -1.10 16.97 5.74
CA LYS A 355 0.01 17.89 5.43
C LYS A 355 1.29 17.11 5.17
N ASP A 356 1.65 16.22 6.08
CA ASP A 356 2.82 15.39 5.84
C ASP A 356 2.70 14.62 4.55
N LYS A 357 1.50 14.10 4.24
CA LYS A 357 1.31 13.32 3.02
C LYS A 357 1.48 14.17 1.78
N ALA A 358 0.83 15.34 1.73
CA ALA A 358 0.92 16.18 0.55
C ALA A 358 2.31 16.74 0.37
N ALA A 359 3.01 17.03 1.47
CA ALA A 359 4.35 17.59 1.35
C ALA A 359 5.29 16.59 0.72
N VAL A 360 5.20 15.30 1.09
CA VAL A 360 6.14 14.34 0.53
C VAL A 360 5.97 14.24 -0.98
N GLU A 361 4.72 14.21 -1.47
CA GLU A 361 4.45 14.07 -2.90
C GLU A 361 4.90 15.30 -3.68
N ILE A 362 4.68 16.49 -3.12
CA ILE A 362 5.28 17.70 -3.71
C ILE A 362 6.78 17.51 -3.89
N ASN A 363 7.44 16.95 -2.87
CA ASN A 363 8.89 16.76 -2.98
C ASN A 363 9.24 15.70 -3.99
N VAL A 364 8.46 14.63 -4.05
CA VAL A 364 8.66 13.63 -5.10
C VAL A 364 8.51 14.26 -6.48
N ALA A 365 7.55 15.17 -6.64
CA ALA A 365 7.35 15.79 -7.95
C ALA A 365 8.51 16.70 -8.31
N VAL A 366 9.11 17.36 -7.31
CA VAL A 366 10.23 18.24 -7.59
C VAL A 366 11.42 17.43 -8.08
N LEU A 367 11.76 16.37 -7.34
CA LEU A 367 12.87 15.53 -7.73
C LEU A 367 12.65 14.91 -9.09
N HIS A 368 11.41 14.53 -9.39
CA HIS A 368 11.13 13.85 -10.64
C HIS A 368 11.21 14.83 -11.80
N SER A 369 10.59 15.99 -11.64
CA SER A 369 10.60 17.01 -12.68
C SER A 369 12.02 17.45 -13.02
N TYR A 370 12.86 17.66 -12.00
CA TYR A 370 14.23 18.11 -12.29
C TYR A 370 15.03 17.03 -12.99
N GLN A 371 14.90 15.78 -12.55
CA GLN A 371 15.64 14.70 -13.19
C GLN A 371 15.20 14.48 -14.61
N LEU A 372 13.90 14.62 -14.87
CA LEU A 372 13.42 14.46 -16.24
C LEU A 372 13.90 15.61 -17.11
N ALA A 373 13.83 16.85 -16.59
CA ALA A 373 14.49 17.97 -17.25
C ALA A 373 16.01 17.85 -17.28
N LYS A 374 16.59 16.81 -16.70
CA LYS A 374 18.05 16.65 -16.60
C LYS A 374 18.72 17.90 -16.03
N VAL A 375 18.21 18.37 -14.89
CA VAL A 375 18.82 19.48 -14.17
C VAL A 375 19.33 18.97 -12.83
N THR A 376 20.54 19.38 -12.47
CA THR A 376 21.18 18.94 -11.22
C THR A 376 20.31 19.32 -10.02
N ILE A 377 19.95 18.30 -9.23
CA ILE A 377 19.25 18.53 -7.96
C ILE A 377 19.64 17.43 -6.97
N VAL A 378 19.62 17.75 -5.69
CA VAL A 378 19.99 16.77 -4.66
C VAL A 378 18.89 16.68 -3.61
N ASP A 379 18.51 15.46 -3.27
CA ASP A 379 17.52 15.21 -2.23
C ASP A 379 18.15 15.39 -0.86
N HIS A 380 17.31 15.58 0.16
CA HIS A 380 17.86 15.90 1.48
C HIS A 380 18.58 14.71 2.12
N HIS A 381 18.17 13.47 1.80
CA HIS A 381 18.94 12.32 2.28
C HIS A 381 20.34 12.32 1.70
N ALA A 382 20.46 12.40 0.36
CA ALA A 382 21.77 12.38 -0.27
C ALA A 382 22.65 13.52 0.25
N ALA A 383 22.06 14.70 0.42
CA ALA A 383 22.83 15.88 0.82
C ALA A 383 23.32 15.77 2.28
N THR A 384 22.45 15.35 3.20
CA THR A 384 22.88 15.29 4.59
C THR A 384 23.98 14.26 4.77
N ALA A 385 23.82 13.08 4.18
CA ALA A 385 24.90 12.09 4.23
C ALA A 385 26.21 12.67 3.72
N SER A 386 26.18 13.42 2.62
CA SER A 386 27.41 14.05 2.16
CA SER A 386 27.41 14.05 2.16
C SER A 386 27.91 15.07 3.18
N PHE A 387 27.00 15.70 3.93
CA PHE A 387 27.48 16.71 4.87
C PHE A 387 28.15 16.06 6.06
N MET A 388 27.62 14.94 6.54
CA MET A 388 28.36 14.15 7.52
C MET A 388 29.74 13.83 7.02
N LYS A 389 29.85 13.41 5.76
CA LYS A 389 31.15 13.13 5.17
C LYS A 389 32.03 14.37 5.18
N HIS A 390 31.43 15.54 4.89
CA HIS A 390 32.19 16.78 5.04
C HIS A 390 32.68 16.97 6.47
N LEU A 391 31.85 16.68 7.47
CA LEU A 391 32.25 16.92 8.86
C LEU A 391 33.48 16.08 9.22
N GLU A 392 33.56 14.85 8.71
CA GLU A 392 34.72 14.03 9.02
C GLU A 392 35.96 14.55 8.28
N ASN A 393 35.82 14.88 6.98
CA ASN A 393 36.90 15.56 6.25
C ASN A 393 37.47 16.71 7.05
N GLU A 394 36.59 17.61 7.50
CA GLU A 394 37.01 18.85 8.15
C GLU A 394 37.55 18.61 9.56
N GLN A 395 37.07 17.56 10.24
CA GLN A 395 37.69 17.19 11.51
C GLN A 395 39.13 16.76 11.30
N LYS A 396 39.39 16.04 10.20
CA LYS A 396 40.75 15.67 9.84
C LYS A 396 41.55 16.87 9.38
N ALA A 397 40.97 17.70 8.51
CA ALA A 397 41.74 18.80 7.95
C ALA A 397 41.99 19.87 9.00
N ARG A 398 40.93 20.41 9.59
CA ARG A 398 41.02 21.63 10.40
C ARG A 398 40.48 21.45 11.82
N GLY A 399 40.28 20.21 12.26
CA GLY A 399 39.87 19.98 13.64
C GLY A 399 38.51 20.56 13.96
N GLY A 400 37.59 20.51 13.00
CA GLY A 400 36.26 21.01 13.25
C GLY A 400 35.61 21.62 12.03
N CYS A 401 34.44 22.20 12.24
CA CYS A 401 33.60 22.72 11.18
C CYS A 401 32.51 23.54 11.85
N PRO A 402 32.37 24.83 11.54
CA PRO A 402 31.21 25.58 12.03
C PRO A 402 29.97 25.12 11.30
N ALA A 403 28.94 24.76 12.06
CA ALA A 403 27.72 24.24 11.48
C ALA A 403 26.57 24.73 12.33
N ASP A 404 25.49 25.13 11.67
CA ASP A 404 24.32 25.68 12.34
C ASP A 404 23.25 24.60 12.27
N TRP A 405 23.13 23.85 13.36
CA TRP A 405 22.21 22.71 13.42
C TRP A 405 20.87 23.00 12.78
N ALA A 406 20.24 24.12 13.15
CA ALA A 406 18.86 24.41 12.75
C ALA A 406 18.70 24.57 11.25
N TRP A 407 19.77 24.88 10.51
CA TRP A 407 19.69 25.00 9.05
C TRP A 407 20.34 23.85 8.32
N ILE A 408 21.19 23.05 8.97
CA ILE A 408 21.72 21.86 8.31
C ILE A 408 20.69 20.73 8.29
N VAL A 409 19.93 20.58 9.37
CA VAL A 409 18.83 19.61 9.43
C VAL A 409 17.71 20.03 8.48
N PRO A 410 17.24 19.18 7.58
CA PRO A 410 16.27 19.62 6.54
C PRO A 410 14.89 19.87 7.13
N PRO A 411 14.02 20.60 6.43
CA PRO A 411 12.71 20.99 7.00
C PRO A 411 11.61 19.96 6.82
N ILE A 412 11.88 18.81 6.23
CA ILE A 412 11.02 17.65 6.36
C ILE A 412 11.94 16.49 6.77
N SER A 413 11.36 15.50 7.43
CA SER A 413 12.04 14.25 7.73
C SER A 413 13.36 14.42 8.49
N GLY A 414 13.49 15.50 9.25
CA GLY A 414 14.69 15.77 10.03
C GLY A 414 15.36 14.59 10.71
N SER A 415 14.70 13.97 11.68
CA SER A 415 15.35 12.88 12.44
C SER A 415 15.60 11.64 11.60
N LEU A 416 15.19 11.61 10.32
CA LEU A 416 15.46 10.49 9.42
C LEU A 416 16.78 10.64 8.68
N THR A 417 17.49 11.74 8.88
CA THR A 417 18.78 12.01 8.31
C THR A 417 19.84 12.01 9.41
N PRO A 418 21.10 11.68 9.08
CA PRO A 418 22.10 11.53 10.16
C PRO A 418 22.49 12.84 10.82
N VAL A 419 22.36 13.98 10.14
CA VAL A 419 22.79 15.23 10.75
C VAL A 419 21.94 15.55 11.96
N PHE A 420 20.70 15.03 12.01
CA PHE A 420 19.81 15.28 13.13
C PHE A 420 20.43 14.85 14.44
N HIS A 421 21.10 13.70 14.43
CA HIS A 421 21.68 13.09 15.61
C HIS A 421 23.11 13.52 15.85
N GLN A 422 23.61 14.48 15.08
CA GLN A 422 24.96 14.98 15.22
C GLN A 422 24.88 16.31 15.95
N GLU A 423 25.51 16.38 17.13
CA GLU A 423 25.74 17.66 17.79
C GLU A 423 26.68 18.52 16.95
N MET A 424 26.46 19.83 17.01
CA MET A 424 27.20 20.73 16.15
C MET A 424 27.57 22.00 16.92
N VAL A 425 28.68 22.62 16.51
CA VAL A 425 29.16 23.87 17.10
C VAL A 425 29.11 24.95 16.03
N ASN A 426 28.54 26.09 16.40
CA ASN A 426 28.34 27.21 15.50
C ASN A 426 29.17 28.41 15.97
N TYR A 427 29.93 28.98 15.03
CA TYR A 427 30.81 30.11 15.28
C TYR A 427 31.21 30.71 13.93
N PHE A 428 31.92 31.84 13.98
CA PHE A 428 32.18 32.69 12.82
C PHE A 428 33.68 32.70 12.51
N LEU A 429 34.04 32.16 11.34
CA LEU A 429 35.41 32.23 10.82
C LEU A 429 35.48 33.17 9.62
N SER A 430 36.70 33.58 9.29
CA SER A 430 36.93 34.42 8.11
C SER A 430 37.92 33.73 7.19
N PRO A 431 37.84 33.95 5.86
CA PRO A 431 36.88 34.77 5.12
C PRO A 431 35.44 34.27 5.19
N ALA A 432 34.45 35.16 5.12
CA ALA A 432 33.07 34.78 5.30
C ALA A 432 32.14 35.51 4.33
N PHE A 433 30.96 34.92 4.15
CA PHE A 433 29.80 35.61 3.61
C PHE A 433 28.98 36.20 4.76
N ARG A 434 28.51 37.44 4.59
CA ARG A 434 27.72 38.14 5.60
C ARG A 434 26.44 38.67 4.97
N TYR A 435 25.37 38.70 5.76
CA TYR A 435 24.17 39.42 5.33
C TYR A 435 24.43 40.93 5.39
N GLN A 436 23.64 41.69 4.63
CA GLN A 436 23.93 43.11 4.56
C GLN A 436 22.65 43.89 4.37
N PRO A 437 22.63 45.17 4.77
CA PRO A 437 21.40 45.97 4.61
C PRO A 437 20.93 45.98 3.17
N ASP A 438 19.60 45.94 2.99
CA ASP A 438 19.04 46.17 1.67
C ASP A 438 19.45 47.57 1.19
N PRO A 439 19.68 47.75 -0.14
CA PRO A 439 20.18 49.04 -0.63
C PRO A 439 19.17 50.16 -0.54
N TRP A 440 18.59 50.36 0.65
CA TRP A 440 17.67 51.47 0.93
C TRP A 440 17.25 51.43 2.41
N PHE B 28 17.49 43.47 25.27
CA PHE B 28 16.20 42.76 25.15
C PHE B 28 16.08 42.08 23.79
N PRO B 29 16.21 40.75 23.76
CA PRO B 29 16.22 40.02 22.48
C PRO B 29 14.92 40.19 21.71
N ARG B 30 15.03 40.71 20.48
CA ARG B 30 13.89 40.82 19.59
C ARG B 30 13.69 39.54 18.80
N VAL B 31 12.43 39.08 18.74
CA VAL B 31 12.05 37.75 18.27
C VAL B 31 10.94 37.92 17.24
N LYS B 32 11.12 37.31 16.08
CA LYS B 32 10.19 37.46 14.96
C LYS B 32 9.50 36.14 14.67
N ASN B 33 8.22 36.19 14.36
CA ASN B 33 7.53 35.06 13.74
C ASN B 33 7.52 35.30 12.23
N TRP B 34 8.06 34.35 11.49
CA TRP B 34 8.24 34.55 10.07
C TRP B 34 7.01 34.18 9.25
N GLU B 35 6.13 33.33 9.79
CA GLU B 35 4.87 33.05 9.11
C GLU B 35 4.01 34.31 9.03
N VAL B 36 4.04 35.13 10.07
CA VAL B 36 3.13 36.26 10.21
C VAL B 36 3.85 37.60 10.11
N GLY B 37 5.15 37.66 10.40
CA GLY B 37 5.89 38.91 10.39
C GLY B 37 5.96 39.62 11.72
N SER B 38 5.21 39.15 12.72
CA SER B 38 5.09 39.82 14.00
C SER B 38 6.39 39.73 14.81
N ILE B 39 6.50 40.60 15.80
CA ILE B 39 7.75 40.85 16.51
C ILE B 39 7.43 41.13 17.99
N THR B 40 8.19 40.51 18.88
CA THR B 40 8.15 40.81 20.31
C THR B 40 9.57 40.84 20.85
N TYR B 41 9.71 41.22 22.12
CA TYR B 41 10.99 41.25 22.80
C TYR B 41 10.89 40.38 24.06
N ASP B 42 11.91 39.54 24.27
CA ASP B 42 11.88 38.60 25.40
C ASP B 42 12.58 39.24 26.59
N THR B 43 11.80 40.01 27.33
CA THR B 43 12.32 40.67 28.53
C THR B 43 12.44 39.70 29.71
N LEU B 44 11.74 38.57 29.67
CA LEU B 44 11.90 37.58 30.74
C LEU B 44 13.29 36.95 30.73
N SER B 45 13.94 36.90 29.55
CA SER B 45 15.28 36.33 29.45
C SER B 45 16.28 37.06 30.33
N ALA B 46 16.09 38.37 30.52
CA ALA B 46 17.02 39.20 31.28
C ALA B 46 17.10 38.82 32.75
N GLN B 47 16.24 37.92 33.22
CA GLN B 47 16.28 37.46 34.61
C GLN B 47 16.71 36.00 34.71
N ALA B 48 17.27 35.44 33.64
CA ALA B 48 17.77 34.06 33.67
C ALA B 48 18.82 33.94 34.76
N GLN B 49 18.55 33.09 35.76
CA GLN B 49 19.48 32.96 36.87
C GLN B 49 20.64 32.05 36.46
N GLN B 50 20.54 30.74 36.74
CA GLN B 50 21.64 29.85 36.42
C GLN B 50 21.96 29.89 34.92
N ASP B 51 23.25 29.80 34.59
CA ASP B 51 23.73 30.12 33.26
C ASP B 51 24.08 28.87 32.46
N GLY B 52 24.02 29.01 31.13
CA GLY B 52 24.13 27.91 30.20
C GLY B 52 25.36 27.95 29.31
N PRO B 53 25.35 27.11 28.27
CA PRO B 53 26.59 26.66 27.63
C PRO B 53 27.13 27.49 26.47
N CYS B 54 26.44 28.54 26.05
CA CYS B 54 26.88 29.32 24.90
C CYS B 54 27.71 30.51 25.34
N THR B 55 28.58 30.95 24.45
CA THR B 55 29.31 32.20 24.60
C THR B 55 29.15 33.00 23.31
N PRO B 56 29.60 34.25 23.29
CA PRO B 56 29.66 34.97 22.00
C PRO B 56 30.65 34.37 21.03
N ARG B 57 31.60 33.57 21.50
CA ARG B 57 32.54 32.90 20.60
C ARG B 57 31.86 31.78 19.81
N ARG B 58 30.96 31.05 20.45
CA ARG B 58 30.45 29.81 19.88
C ARG B 58 29.12 29.47 20.52
N CYS B 59 28.17 29.05 19.68
CA CYS B 59 26.91 28.54 20.17
C CYS B 59 26.99 27.04 20.36
N LEU B 60 26.45 26.56 21.49
CA LEU B 60 26.33 25.13 21.77
C LEU B 60 24.89 24.72 22.04
N GLY B 61 23.92 25.46 21.46
CA GLY B 61 22.52 25.14 21.64
C GLY B 61 22.14 23.70 21.31
N SER B 62 22.83 23.09 20.35
CA SER B 62 22.50 21.75 19.89
C SER B 62 23.02 20.64 20.80
N LEU B 63 23.85 20.93 21.79
CA LEU B 63 24.28 19.86 22.68
C LEU B 63 23.10 19.37 23.52
N VAL B 64 22.97 18.05 23.63
CA VAL B 64 21.88 17.45 24.41
C VAL B 64 22.07 17.74 25.90
N PHE B 65 23.20 17.33 26.48
CA PHE B 65 23.46 17.59 27.90
C PHE B 65 24.54 18.65 28.02
N PRO B 66 24.18 19.93 28.16
CA PRO B 66 25.19 20.98 28.28
C PRO B 66 25.81 20.96 29.69
N ALA B 79 27.70 26.53 52.12
CA ALA B 79 27.09 27.57 51.30
C ALA B 79 25.63 27.91 51.70
N PRO B 80 25.40 28.38 52.93
CA PRO B 80 24.02 28.77 53.30
C PRO B 80 23.55 30.01 52.57
N GLU B 81 24.46 30.91 52.19
CA GLU B 81 24.04 32.20 51.63
C GLU B 81 23.37 32.05 50.28
N GLN B 82 23.78 31.06 49.48
CA GLN B 82 23.19 30.89 48.16
C GLN B 82 21.86 30.15 48.24
N LEU B 83 21.77 29.16 49.14
CA LEU B 83 20.46 28.56 49.42
C LEU B 83 19.47 29.64 49.82
N LEU B 84 19.91 30.61 50.61
CA LEU B 84 19.02 31.69 51.05
C LEU B 84 18.52 32.49 49.86
N SER B 85 19.42 32.87 48.95
CA SER B 85 19.05 33.80 47.88
C SER B 85 18.25 33.12 46.79
N GLN B 86 18.49 31.82 46.55
CA GLN B 86 17.55 31.02 45.78
C GLN B 86 16.19 30.96 46.47
N ALA B 87 16.19 30.67 47.78
CA ALA B 87 14.93 30.53 48.49
C ALA B 87 14.21 31.86 48.60
N ARG B 88 14.95 32.93 48.92
CA ARG B 88 14.43 34.28 48.82
C ARG B 88 13.68 34.47 47.51
N ASP B 89 14.31 34.11 46.39
CA ASP B 89 13.75 34.36 45.07
C ASP B 89 12.47 33.57 44.86
N PHE B 90 12.49 32.28 45.20
CA PHE B 90 11.28 31.47 45.04
C PHE B 90 10.12 32.02 45.89
N ILE B 91 10.39 32.36 47.17
CA ILE B 91 9.33 32.90 48.03
C ILE B 91 8.71 34.14 47.39
N ASN B 92 9.55 35.05 46.90
CA ASN B 92 9.06 36.21 46.15
C ASN B 92 8.15 35.78 45.01
N GLN B 93 8.61 34.81 44.21
CA GLN B 93 7.76 34.28 43.15
C GLN B 93 6.41 33.86 43.71
N TYR B 94 6.43 32.98 44.71
CA TYR B 94 5.18 32.40 45.20
C TYR B 94 4.21 33.48 45.71
N TYR B 95 4.72 34.46 46.46
CA TYR B 95 3.82 35.50 46.96
C TYR B 95 3.33 36.42 45.84
N SER B 96 4.10 36.59 44.76
CA SER B 96 3.57 37.30 43.60
C SER B 96 2.41 36.57 42.97
N SER B 97 2.50 35.24 42.85
CA SER B 97 1.47 34.46 42.18
C SER B 97 0.17 34.35 42.97
N ILE B 98 0.16 34.66 44.27
CA ILE B 98 -1.07 34.72 45.06
C ILE B 98 -1.52 36.16 45.30
N LYS B 99 -0.91 37.13 44.62
CA LYS B 99 -1.28 38.55 44.72
C LYS B 99 -1.16 39.05 46.15
N ARG B 100 -0.03 38.73 46.79
CA ARG B 100 0.22 39.13 48.17
C ARG B 100 1.68 39.51 48.36
N SER B 101 2.27 40.17 47.35
CA SER B 101 3.66 40.59 47.44
CA SER B 101 3.66 40.59 47.44
C SER B 101 3.81 41.71 48.47
N GLY B 102 4.90 41.66 49.23
CA GLY B 102 5.21 42.67 50.24
C GLY B 102 4.33 42.64 51.48
N SER B 103 3.57 41.56 51.68
CA SER B 103 2.58 41.52 52.74
C SER B 103 3.17 40.95 54.03
N GLN B 104 2.33 40.91 55.06
CA GLN B 104 2.65 40.26 56.32
C GLN B 104 3.22 38.87 56.05
N ALA B 105 2.35 37.96 55.58
CA ALA B 105 2.74 36.57 55.38
C ALA B 105 4.03 36.46 54.61
N HIS B 106 4.26 37.37 53.67
CA HIS B 106 5.45 37.33 52.81
C HIS B 106 6.72 37.52 53.63
N GLU B 107 6.84 38.66 54.31
CA GLU B 107 8.04 38.92 55.09
C GLU B 107 8.21 37.88 56.20
N GLN B 108 7.10 37.50 56.83
CA GLN B 108 7.13 36.43 57.82
C GLN B 108 7.86 35.20 57.29
N ARG B 109 7.47 34.75 56.09
CA ARG B 109 8.03 33.54 55.50
C ARG B 109 9.51 33.69 55.15
N LEU B 110 9.95 34.90 54.79
CA LEU B 110 11.38 35.12 54.63
C LEU B 110 12.09 34.94 55.96
N GLN B 111 11.67 35.70 56.97
CA GLN B 111 12.21 35.56 58.33
C GLN B 111 12.21 34.10 58.76
N GLU B 112 11.11 33.40 58.51
CA GLU B 112 11.01 31.99 58.84
C GLU B 112 12.10 31.17 58.14
N VAL B 113 12.19 31.29 56.81
CA VAL B 113 13.07 30.41 56.03
C VAL B 113 14.52 30.65 56.41
N GLU B 114 14.89 31.89 56.67
CA GLU B 114 16.25 32.19 57.12
C GLU B 114 16.53 31.59 58.50
N ALA B 115 15.56 31.71 59.42
CA ALA B 115 15.75 31.12 60.74
C ALA B 115 15.97 29.61 60.64
N GLU B 116 15.30 28.95 59.70
CA GLU B 116 15.46 27.51 59.59
C GLU B 116 16.75 27.15 58.88
N VAL B 117 17.24 28.00 57.97
CA VAL B 117 18.53 27.71 57.35
C VAL B 117 19.64 27.95 58.36
N ALA B 118 19.49 29.00 59.18
CA ALA B 118 20.47 29.27 60.23
C ALA B 118 20.54 28.11 61.22
N ALA B 119 19.40 27.55 61.59
CA ALA B 119 19.36 26.53 62.63
C ALA B 119 19.61 25.12 62.10
N THR B 120 19.24 24.84 60.86
CA THR B 120 19.29 23.47 60.35
C THR B 120 20.09 23.31 59.06
N GLY B 121 20.42 24.40 58.37
CA GLY B 121 21.11 24.31 57.09
C GLY B 121 20.22 24.09 55.88
N THR B 122 18.93 23.89 56.08
CA THR B 122 17.95 23.68 55.00
C THR B 122 16.63 24.30 55.48
N TYR B 123 15.55 24.01 54.78
CA TYR B 123 14.22 24.45 55.20
C TYR B 123 13.19 23.56 54.52
N GLN B 124 11.91 23.80 54.82
CA GLN B 124 10.81 22.95 54.36
C GLN B 124 9.79 23.76 53.58
N LEU B 125 9.42 23.27 52.38
CA LEU B 125 8.33 23.88 51.63
C LEU B 125 6.98 23.59 52.27
N ARG B 126 6.14 24.61 52.39
CA ARG B 126 4.73 24.39 52.65
C ARG B 126 4.10 23.69 51.44
N GLU B 127 2.92 23.09 51.66
CA GLU B 127 2.31 22.27 50.61
C GLU B 127 1.92 23.10 49.39
N SER B 128 1.23 24.23 49.61
CA SER B 128 0.86 25.08 48.49
CA SER B 128 0.86 25.09 48.49
C SER B 128 2.09 25.58 47.74
N GLU B 129 3.13 25.99 48.49
CA GLU B 129 4.38 26.35 47.86
C GLU B 129 4.92 25.23 47.00
N LEU B 130 4.72 23.97 47.43
CA LEU B 130 5.22 22.84 46.65
C LEU B 130 4.42 22.67 45.37
N VAL B 131 3.10 22.84 45.44
CA VAL B 131 2.28 22.69 44.24
C VAL B 131 2.65 23.76 43.22
N PHE B 132 2.88 24.99 43.69
CA PHE B 132 3.25 26.08 42.80
C PHE B 132 4.62 25.85 42.18
N GLY B 133 5.59 25.39 42.98
CA GLY B 133 6.94 25.19 42.48
C GLY B 133 7.07 24.07 41.48
N ALA B 134 6.22 23.05 41.59
CA ALA B 134 6.22 21.97 40.61
C ALA B 134 5.51 22.38 39.32
N LYS B 135 4.49 23.25 39.40
CA LYS B 135 3.87 23.78 38.19
C LYS B 135 4.81 24.72 37.47
N GLN B 136 5.49 25.61 38.21
CA GLN B 136 6.43 26.51 37.57
C GLN B 136 7.59 25.75 36.96
N ALA B 137 7.99 24.64 37.57
CA ALA B 137 9.05 23.83 36.98
C ALA B 137 8.64 23.36 35.59
N TRP B 138 7.42 22.84 35.47
CA TRP B 138 6.93 22.44 34.16
C TRP B 138 6.89 23.63 33.21
N ARG B 139 6.31 24.75 33.66
CA ARG B 139 6.24 25.95 32.87
C ARG B 139 7.60 26.40 32.33
N ASN B 140 8.66 26.26 33.15
CA ASN B 140 9.99 26.75 32.80
C ASN B 140 10.80 25.79 31.93
N ALA B 141 10.27 24.61 31.63
CA ALA B 141 11.01 23.56 30.93
C ALA B 141 11.18 23.88 29.43
N PRO B 142 12.37 24.34 29.01
CA PRO B 142 12.52 24.89 27.65
C PRO B 142 12.21 23.92 26.53
N ARG B 143 12.47 22.62 26.69
CA ARG B 143 12.32 21.65 25.63
C ARG B 143 10.98 20.91 25.65
N CYS B 144 10.00 21.38 26.43
CA CYS B 144 8.70 20.69 26.54
C CYS B 144 7.70 21.42 25.65
N VAL B 145 7.18 20.73 24.64
CA VAL B 145 6.16 21.33 23.77
C VAL B 145 4.77 21.29 24.41
N GLY B 146 4.61 20.54 25.51
CA GLY B 146 3.29 20.35 26.09
C GLY B 146 2.87 21.40 27.09
N ARG B 147 3.60 22.50 27.19
CA ARG B 147 3.45 23.41 28.32
C ARG B 147 2.18 24.24 28.27
N ILE B 148 1.28 24.03 27.32
CA ILE B 148 0.00 24.75 27.36
C ILE B 148 -0.78 24.32 28.60
N GLN B 149 -0.59 23.07 29.02
CA GLN B 149 -1.25 22.40 30.14
C GLN B 149 -0.63 22.72 31.52
N TRP B 150 0.38 23.59 31.62
CA TRP B 150 1.25 23.60 32.81
C TRP B 150 0.47 23.84 34.09
N GLY B 151 -0.66 24.52 34.01
CA GLY B 151 -1.46 24.83 35.18
C GLY B 151 -2.35 23.71 35.64
N LYS B 152 -2.60 22.72 34.78
CA LYS B 152 -3.42 21.55 35.12
C LYS B 152 -2.47 20.40 35.44
N LEU B 153 -2.01 20.37 36.70
CA LEU B 153 -1.04 19.37 37.14
C LEU B 153 -1.44 18.85 38.51
N GLN B 154 -1.54 17.53 38.64
CA GLN B 154 -1.88 16.91 39.91
C GLN B 154 -0.59 16.59 40.63
N VAL B 155 -0.39 17.23 41.78
CA VAL B 155 0.81 17.09 42.60
C VAL B 155 0.51 16.13 43.74
N PHE B 156 1.22 15.00 43.80
CA PHE B 156 1.14 14.07 44.92
C PHE B 156 2.35 14.27 45.85
N ASP B 157 2.08 14.55 47.12
CA ASP B 157 3.12 14.80 48.12
C ASP B 157 3.53 13.48 48.75
N ALA B 158 4.70 12.97 48.35
CA ALA B 158 5.26 11.78 48.97
C ALA B 158 6.43 12.12 49.91
N ARG B 159 6.49 13.34 50.42
CA ARG B 159 7.67 13.75 51.17
C ARG B 159 7.74 13.12 52.55
N ASP B 160 6.70 12.41 52.97
CA ASP B 160 6.75 11.59 54.17
C ASP B 160 7.21 10.18 53.88
N CYS B 161 7.64 9.89 52.65
CA CYS B 161 7.98 8.52 52.30
C CYS B 161 9.17 8.04 53.12
N ARG B 162 9.27 6.73 53.28
CA ARG B 162 10.12 6.18 54.33
C ARG B 162 10.96 4.99 53.89
N SER B 163 10.51 4.18 52.92
CA SER B 163 11.34 3.09 52.42
C SER B 163 11.15 2.97 50.93
N ALA B 164 11.90 2.05 50.34
CA ALA B 164 11.68 1.72 48.94
C ALA B 164 10.32 1.06 48.74
N GLN B 165 9.75 0.49 49.80
CA GLN B 165 8.46 -0.21 49.68
C GLN B 165 7.30 0.79 49.64
N GLU B 166 7.26 1.74 50.56
CA GLU B 166 6.30 2.83 50.45
C GLU B 166 6.44 3.56 49.13
N MET B 167 7.68 3.74 48.66
CA MET B 167 7.95 4.41 47.40
C MET B 167 7.21 3.73 46.26
N PHE B 168 7.36 2.41 46.16
CA PHE B 168 6.68 1.62 45.15
C PHE B 168 5.16 1.83 45.21
N THR B 169 4.58 1.92 46.41
CA THR B 169 3.13 2.09 46.51
C THR B 169 2.68 3.45 46.00
N TYR B 170 3.43 4.50 46.33
CA TYR B 170 3.16 5.82 45.80
C TYR B 170 3.30 5.84 44.29
N ILE B 171 4.18 5.00 43.74
CA ILE B 171 4.42 5.01 42.30
C ILE B 171 3.30 4.33 41.57
N CYS B 172 2.90 3.15 42.08
CA CYS B 172 1.73 2.45 41.56
C CYS B 172 0.49 3.33 41.60
N ASN B 173 0.31 4.09 42.68
CA ASN B 173 -0.86 4.95 42.69
CA ASN B 173 -0.82 5.01 42.76
C ASN B 173 -0.72 6.09 41.69
N HIS B 174 0.49 6.59 41.46
CA HIS B 174 0.68 7.63 40.45
C HIS B 174 0.32 7.10 39.07
N ILE B 175 0.94 5.98 38.67
CA ILE B 175 0.61 5.31 37.41
C ILE B 175 -0.88 5.10 37.27
N LYS B 176 -1.55 4.64 38.33
CA LYS B 176 -2.98 4.37 38.25
C LYS B 176 -3.79 5.64 38.05
N TYR B 177 -3.47 6.70 38.81
CA TYR B 177 -4.20 7.97 38.62
C TYR B 177 -3.98 8.54 37.23
N ALA B 178 -2.75 8.42 36.71
CA ALA B 178 -2.41 9.11 35.48
C ALA B 178 -2.95 8.36 34.26
N THR B 179 -2.82 7.04 34.27
CA THR B 179 -3.36 6.23 33.19
C THR B 179 -4.87 6.44 33.08
N ASN B 180 -5.60 6.20 34.17
CA ASN B 180 -7.02 6.54 34.25
C ASN B 180 -7.80 5.88 33.10
N ARG B 181 -7.41 4.64 32.77
CA ARG B 181 -8.06 3.80 31.77
C ARG B 181 -7.90 4.30 30.34
N GLY B 182 -6.91 5.16 30.09
CA GLY B 182 -6.63 5.70 28.78
C GLY B 182 -6.90 7.19 28.68
N ASN B 183 -7.75 7.72 29.55
CA ASN B 183 -7.97 9.16 29.62
C ASN B 183 -6.90 9.76 30.56
N LEU B 184 -5.72 10.03 29.99
CA LEU B 184 -4.53 10.35 30.78
C LEU B 184 -4.63 11.71 31.47
N ARG B 185 -4.09 11.80 32.68
CA ARG B 185 -3.98 13.06 33.42
C ARG B 185 -2.52 13.36 33.75
N SER B 186 -2.17 14.65 33.82
CA SER B 186 -0.81 15.07 34.18
C SER B 186 -0.58 15.03 35.69
N ALA B 187 0.45 14.33 36.12
CA ALA B 187 0.67 14.13 37.54
C ALA B 187 2.16 14.18 37.86
N ILE B 188 2.48 14.52 39.10
CA ILE B 188 3.85 14.39 39.60
C ILE B 188 3.81 13.97 41.06
N THR B 189 4.64 13.00 41.41
CA THR B 189 4.83 12.60 42.81
C THR B 189 6.19 13.08 43.30
N VAL B 190 6.22 13.72 44.46
CA VAL B 190 7.41 14.35 44.97
C VAL B 190 7.86 13.62 46.23
N PHE B 191 8.98 12.93 46.12
CA PHE B 191 9.56 12.17 47.22
C PHE B 191 10.47 13.07 48.04
N PRO B 192 10.92 12.61 49.23
CA PRO B 192 11.64 13.50 50.15
C PRO B 192 12.84 14.21 49.54
N GLN B 193 13.00 15.47 49.93
CA GLN B 193 14.11 16.27 49.42
C GLN B 193 15.45 15.75 49.90
N ARG B 194 16.46 15.93 49.04
CA ARG B 194 17.85 15.81 49.43
C ARG B 194 18.09 16.69 50.65
N CYS B 195 18.85 16.18 51.61
CA CYS B 195 19.02 16.91 52.86
C CYS B 195 20.33 16.47 53.52
N PRO B 196 20.92 17.32 54.35
CA PRO B 196 22.14 16.94 55.05
C PRO B 196 21.94 15.76 55.99
N GLY B 197 22.76 14.73 55.80
CA GLY B 197 22.87 13.63 56.74
C GLY B 197 22.48 12.29 56.17
N ARG B 198 21.76 12.29 55.05
CA ARG B 198 21.11 11.09 54.55
C ARG B 198 21.24 11.08 53.03
N GLY B 199 21.28 9.88 52.46
CA GLY B 199 21.32 9.75 51.02
C GLY B 199 20.02 10.17 50.36
N ASP B 200 20.00 10.03 49.03
CA ASP B 200 18.85 10.41 48.22
C ASP B 200 17.93 9.23 47.97
N PHE B 201 16.62 9.47 47.93
CA PHE B 201 15.76 8.58 47.15
C PHE B 201 16.09 8.73 45.68
N ARG B 202 16.12 7.61 44.96
CA ARG B 202 16.32 7.65 43.52
C ARG B 202 15.51 6.56 42.85
N ILE B 203 14.94 6.87 41.70
CA ILE B 203 14.44 5.90 40.76
C ILE B 203 15.53 5.68 39.72
N TRP B 204 15.97 4.43 39.56
CA TRP B 204 17.08 4.20 38.65
C TRP B 204 16.62 4.17 37.19
N ASN B 205 15.37 3.77 36.95
CA ASN B 205 14.81 3.69 35.61
C ASN B 205 14.62 5.08 35.04
N SER B 206 14.94 5.26 33.76
CA SER B 206 14.77 6.58 33.16
C SER B 206 13.30 6.96 33.09
N GLN B 207 12.43 5.98 32.86
CA GLN B 207 10.98 6.15 32.95
C GLN B 207 10.40 4.99 33.76
N LEU B 208 9.19 5.22 34.27
CA LEU B 208 8.48 4.14 34.98
C LEU B 208 8.17 2.96 34.06
N VAL B 209 7.88 3.21 32.78
CA VAL B 209 7.60 2.13 31.83
C VAL B 209 8.68 2.17 30.76
N ARG B 210 9.43 1.09 30.62
CA ARG B 210 10.52 0.94 29.68
C ARG B 210 10.57 -0.52 29.26
N TYR B 211 11.01 -0.76 28.04
CA TYR B 211 11.11 -2.12 27.55
C TYR B 211 12.57 -2.58 27.60
N ALA B 212 12.76 -3.85 27.98
CA ALA B 212 14.08 -4.43 28.04
C ALA B 212 14.80 -4.29 26.72
N GLY B 213 16.11 -4.26 26.80
CA GLY B 213 16.99 -4.31 25.65
C GLY B 213 18.08 -5.31 25.95
N TYR B 214 17.95 -6.50 25.39
CA TYR B 214 18.91 -7.58 25.61
C TYR B 214 19.98 -7.54 24.51
N ARG B 215 21.22 -7.27 24.90
CA ARG B 215 22.35 -7.53 23.99
C ARG B 215 22.31 -8.98 23.55
N GLN B 216 22.70 -9.23 22.32
CA GLN B 216 22.34 -10.48 21.69
C GLN B 216 23.55 -11.38 21.51
N GLN B 217 23.27 -12.55 20.95
CA GLN B 217 24.30 -13.51 20.56
C GLN B 217 25.32 -12.88 19.63
N ASP B 218 24.87 -12.41 18.45
CA ASP B 218 25.72 -11.87 17.40
C ASP B 218 25.99 -10.37 17.57
N GLY B 219 26.07 -9.89 18.81
CA GLY B 219 26.41 -8.49 19.05
C GLY B 219 25.28 -7.49 18.89
N SER B 220 24.05 -7.94 18.62
CA SER B 220 22.94 -7.03 18.38
C SER B 220 22.15 -6.84 19.68
N VAL B 221 20.93 -6.33 19.57
CA VAL B 221 20.09 -6.01 20.71
C VAL B 221 18.67 -6.42 20.39
N ARG B 222 18.05 -7.20 21.28
CA ARG B 222 16.64 -7.51 21.19
C ARG B 222 15.87 -6.58 22.11
N GLY B 223 14.73 -6.09 21.64
CA GLY B 223 14.05 -5.03 22.37
C GLY B 223 14.67 -3.67 22.08
N ASP B 224 14.49 -2.76 23.03
CA ASP B 224 14.86 -1.35 22.86
C ASP B 224 16.32 -1.14 23.25
N PRO B 225 17.19 -0.73 22.32
CA PRO B 225 18.62 -0.60 22.65
C PRO B 225 18.96 0.55 23.60
N ALA B 226 18.10 1.55 23.74
CA ALA B 226 18.32 2.62 24.68
C ALA B 226 18.34 2.14 26.14
N ASN B 227 17.77 0.97 26.44
CA ASN B 227 17.63 0.46 27.79
C ASN B 227 18.51 -0.76 28.01
N VAL B 228 19.62 -0.87 27.27
CA VAL B 228 20.55 -1.97 27.46
C VAL B 228 21.14 -1.96 28.88
N GLU B 229 21.51 -0.78 29.38
CA GLU B 229 22.27 -0.72 30.62
C GLU B 229 21.38 -1.03 31.82
N ILE B 230 20.23 -0.34 31.92
CA ILE B 230 19.31 -0.58 33.01
C ILE B 230 18.79 -2.01 32.99
N THR B 231 18.64 -2.60 31.80
CA THR B 231 18.26 -4.01 31.69
C THR B 231 19.29 -4.91 32.38
N GLU B 232 20.58 -4.67 32.13
CA GLU B 232 21.63 -5.42 32.82
C GLU B 232 21.53 -5.25 34.33
N LEU B 233 21.50 -3.99 34.78
CA LEU B 233 21.32 -3.69 36.18
C LEU B 233 20.17 -4.47 36.80
N CYS B 234 19.04 -4.57 36.11
CA CYS B 234 17.91 -5.33 36.64
C CYS B 234 18.27 -6.80 36.80
N ILE B 235 18.84 -7.42 35.77
CA ILE B 235 19.22 -8.83 35.85
C ILE B 235 20.24 -9.03 36.96
N GLN B 236 21.19 -8.11 37.06
CA GLN B 236 22.22 -8.15 38.09
C GLN B 236 21.63 -8.03 39.49
N HIS B 237 20.42 -7.49 39.62
CA HIS B 237 19.78 -7.32 40.92
C HIS B 237 18.64 -8.31 41.15
N GLY B 238 18.61 -9.39 40.37
CA GLY B 238 17.71 -10.50 40.62
C GLY B 238 16.53 -10.65 39.69
N TRP B 239 16.42 -9.82 38.65
CA TRP B 239 15.34 -9.97 37.70
C TRP B 239 15.62 -11.15 36.79
N THR B 240 14.62 -12.03 36.64
CA THR B 240 14.63 -13.09 35.64
C THR B 240 14.25 -12.48 34.29
N PRO B 241 15.20 -12.33 33.36
CA PRO B 241 14.87 -11.67 32.10
C PRO B 241 13.87 -12.48 31.30
N GLY B 242 13.23 -11.79 30.36
CA GLY B 242 12.50 -12.43 29.29
C GLY B 242 13.34 -12.47 28.04
N ASN B 243 12.68 -12.62 26.89
CA ASN B 243 13.42 -12.50 25.64
C ASN B 243 12.55 -11.99 24.50
N GLY B 244 11.44 -11.32 24.80
CA GLY B 244 10.69 -10.59 23.79
C GLY B 244 11.30 -9.24 23.47
N ARG B 245 10.64 -8.53 22.55
CA ARG B 245 11.02 -7.19 22.13
C ARG B 245 10.31 -6.10 22.92
N PHE B 246 9.30 -6.46 23.69
CA PHE B 246 8.51 -5.47 24.40
C PHE B 246 8.29 -5.92 25.84
N ASP B 247 9.36 -6.39 26.51
CA ASP B 247 9.29 -6.84 27.90
C ASP B 247 9.40 -5.64 28.82
N VAL B 248 8.36 -5.39 29.63
CA VAL B 248 8.36 -4.27 30.56
C VAL B 248 9.36 -4.52 31.68
N LEU B 249 10.12 -3.48 32.05
CA LEU B 249 11.19 -3.71 33.01
C LEU B 249 10.68 -3.50 34.44
N PRO B 250 11.22 -4.24 35.40
CA PRO B 250 10.92 -3.94 36.80
C PRO B 250 11.49 -2.58 37.19
N LEU B 251 10.96 -2.04 38.27
CA LEU B 251 11.49 -0.81 38.86
C LEU B 251 12.62 -1.10 39.84
N LEU B 252 13.68 -0.28 39.78
CA LEU B 252 14.80 -0.30 40.72
C LEU B 252 14.70 0.98 41.54
N LEU B 253 14.39 0.83 42.83
CA LEU B 253 14.08 1.93 43.72
C LEU B 253 15.10 1.99 44.85
N GLN B 254 15.60 3.19 45.11
CA GLN B 254 16.71 3.41 46.03
C GLN B 254 16.19 4.30 47.15
N ALA B 255 16.11 3.74 48.36
CA ALA B 255 15.92 4.44 49.62
C ALA B 255 17.26 4.94 50.16
N PRO B 256 17.27 6.03 50.91
CA PRO B 256 18.53 6.59 51.38
C PRO B 256 19.44 5.55 52.01
N ASP B 257 20.71 5.55 51.58
CA ASP B 257 21.78 4.75 52.17
C ASP B 257 21.54 3.26 52.07
N GLU B 258 20.70 2.86 51.12
CA GLU B 258 20.23 1.52 50.79
C GLU B 258 20.69 1.12 49.40
N PRO B 259 20.98 -0.14 49.16
CA PRO B 259 21.09 -0.63 47.77
C PRO B 259 19.75 -0.52 47.08
N PRO B 260 19.70 -0.52 45.74
CA PRO B 260 18.41 -0.47 45.06
C PRO B 260 17.64 -1.78 45.23
N GLU B 261 16.33 -1.66 45.31
CA GLU B 261 15.42 -2.78 45.49
C GLU B 261 14.59 -2.97 44.24
N LEU B 262 14.40 -4.23 43.84
CA LEU B 262 13.67 -4.60 42.64
C LEU B 262 12.18 -4.67 42.91
N PHE B 263 11.36 -4.12 42.01
CA PHE B 263 9.91 -4.23 42.13
C PHE B 263 9.27 -4.44 40.76
N LEU B 264 8.55 -5.55 40.63
CA LEU B 264 7.76 -5.80 39.43
C LEU B 264 6.49 -4.98 39.46
N LEU B 265 6.19 -4.34 38.33
CA LEU B 265 4.92 -3.64 38.17
C LEU B 265 3.82 -4.65 37.88
N PRO B 266 2.67 -4.56 38.54
CA PRO B 266 1.54 -5.44 38.21
C PRO B 266 1.13 -5.26 36.76
N PRO B 267 0.99 -6.35 36.01
CA PRO B 267 0.64 -6.24 34.59
C PRO B 267 -0.56 -5.33 34.30
N GLU B 268 -1.61 -5.40 35.11
CA GLU B 268 -2.80 -4.60 34.82
C GLU B 268 -2.63 -3.13 35.17
N LEU B 269 -1.46 -2.71 35.62
CA LEU B 269 -1.24 -1.29 35.83
C LEU B 269 -0.64 -0.61 34.60
N VAL B 270 -0.02 -1.40 33.73
CA VAL B 270 0.75 -0.89 32.58
C VAL B 270 -0.16 -1.02 31.36
N LEU B 271 -0.91 0.04 31.07
CA LEU B 271 -1.76 0.04 29.87
C LEU B 271 -0.87 0.13 28.63
N GLU B 272 -1.01 -0.82 27.71
CA GLU B 272 -0.25 -0.82 26.46
C GLU B 272 -1.18 -0.72 25.26
N VAL B 273 -0.61 -0.49 24.09
CA VAL B 273 -1.39 -0.23 22.87
C VAL B 273 -0.80 -1.03 21.72
N PRO B 274 -1.49 -2.06 21.23
CA PRO B 274 -1.02 -2.74 20.03
C PRO B 274 -1.12 -1.78 18.85
N LEU B 275 -0.11 -1.81 17.97
CA LEU B 275 -0.04 -0.87 16.85
C LEU B 275 -0.58 -1.54 15.59
N GLU B 276 -1.59 -0.94 14.98
CA GLU B 276 -2.09 -1.35 13.67
C GLU B 276 -2.21 -0.13 12.76
N HIS B 277 -2.37 -0.38 11.48
CA HIS B 277 -2.49 0.72 10.54
C HIS B 277 -3.87 0.69 9.91
N PRO B 278 -4.58 1.82 9.83
CA PRO B 278 -5.97 1.80 9.34
C PRO B 278 -6.13 1.18 7.97
N THR B 279 -5.12 1.23 7.10
CA THR B 279 -5.31 0.60 5.80
C THR B 279 -4.33 -0.54 5.55
N LEU B 280 -3.07 -0.42 5.93
CA LEU B 280 -2.09 -1.49 5.69
C LEU B 280 -2.27 -2.61 6.73
N GLU B 281 -2.98 -3.67 6.35
CA GLU B 281 -3.34 -4.67 7.34
C GLU B 281 -2.20 -5.61 7.71
N TRP B 282 -1.16 -5.72 6.87
CA TRP B 282 0.01 -6.48 7.29
C TRP B 282 0.75 -5.81 8.45
N PHE B 283 0.39 -4.57 8.79
CA PHE B 283 1.14 -3.83 9.79
C PHE B 283 0.96 -4.43 11.17
N ALA B 284 -0.21 -5.01 11.46
CA ALA B 284 -0.37 -5.65 12.76
C ALA B 284 0.51 -6.89 12.88
N ALA B 285 0.92 -7.49 11.76
CA ALA B 285 1.79 -8.66 11.80
C ALA B 285 3.22 -8.31 12.16
N LEU B 286 3.55 -7.03 12.28
CA LEU B 286 4.84 -6.66 12.86
C LEU B 286 4.87 -6.91 14.36
N GLY B 287 3.71 -6.99 15.02
CA GLY B 287 3.68 -7.24 16.44
C GLY B 287 4.10 -6.06 17.30
N LEU B 288 4.06 -4.84 16.77
CA LEU B 288 4.57 -3.71 17.54
C LEU B 288 3.56 -3.27 18.59
N ARG B 289 4.08 -2.73 19.69
CA ARG B 289 3.34 -2.16 20.79
C ARG B 289 4.06 -0.91 21.28
N TRP B 290 3.32 -0.03 21.92
CA TRP B 290 3.92 0.93 22.84
C TRP B 290 2.99 1.08 24.04
N TYR B 291 3.52 1.64 25.14
CA TYR B 291 2.74 1.85 26.36
C TYR B 291 2.07 3.24 26.36
N ALA B 292 1.04 3.38 27.20
CA ALA B 292 0.22 4.58 27.23
C ALA B 292 0.92 5.77 27.89
N LEU B 293 1.65 5.51 28.97
CA LEU B 293 2.02 6.54 29.92
C LEU B 293 3.47 6.93 29.75
N PRO B 294 3.79 8.17 29.39
CA PRO B 294 5.19 8.60 29.45
C PRO B 294 5.45 9.19 30.82
N ALA B 295 6.24 8.51 31.65
CA ALA B 295 6.45 8.94 33.04
C ALA B 295 7.94 9.06 33.30
N VAL B 296 8.46 10.27 33.23
CA VAL B 296 9.90 10.47 33.37
C VAL B 296 10.27 10.45 34.85
N SER B 297 11.33 9.72 35.19
CA SER B 297 11.60 9.40 36.57
C SER B 297 13.06 9.58 36.99
N ASN B 298 13.94 10.05 36.11
CA ASN B 298 15.33 10.26 36.49
C ASN B 298 15.70 11.72 36.55
N MET B 299 14.73 12.64 36.54
CA MET B 299 15.09 14.03 36.58
C MET B 299 15.00 14.60 38.00
N LEU B 300 15.82 15.61 38.25
CA LEU B 300 15.85 16.32 39.53
C LEU B 300 15.00 17.58 39.44
N LEU B 301 14.07 17.72 40.39
CA LEU B 301 13.23 18.91 40.52
C LEU B 301 13.84 19.83 41.56
N GLU B 302 14.08 21.08 41.17
CA GLU B 302 14.67 22.09 42.06
C GLU B 302 13.63 23.16 42.35
N ILE B 303 13.36 23.39 43.63
CA ILE B 303 12.46 24.45 44.06
C ILE B 303 13.20 25.25 45.14
N GLY B 304 13.28 26.56 44.94
CA GLY B 304 13.93 27.49 45.85
C GLY B 304 15.21 27.04 46.51
N GLY B 305 16.11 26.41 45.76
CA GLY B 305 17.34 25.90 46.32
C GLY B 305 17.28 24.48 46.83
N LEU B 306 16.08 23.97 47.12
CA LEU B 306 15.95 22.57 47.52
C LEU B 306 15.94 21.68 46.29
N GLU B 307 16.36 20.44 46.48
CA GLU B 307 16.55 19.50 45.37
C GLU B 307 15.85 18.19 45.71
N PHE B 308 14.93 17.79 44.85
CA PHE B 308 14.15 16.56 45.00
C PHE B 308 14.64 15.58 43.95
N PRO B 309 15.65 14.75 44.26
CA PRO B 309 16.21 13.87 43.22
C PRO B 309 15.26 12.79 42.75
N ALA B 310 14.14 12.57 43.43
CA ALA B 310 13.13 11.64 42.95
C ALA B 310 11.79 12.35 42.94
N ALA B 311 11.31 12.66 41.75
CA ALA B 311 10.02 13.30 41.60
C ALA B 311 9.48 12.96 40.20
N PRO B 312 9.06 11.72 39.97
CA PRO B 312 8.58 11.33 38.64
C PRO B 312 7.34 12.09 38.21
N PHE B 313 7.27 12.40 36.91
CA PHE B 313 6.14 13.10 36.30
C PHE B 313 5.72 12.45 34.98
N SER B 314 4.47 12.69 34.61
CA SER B 314 3.90 11.97 33.50
C SER B 314 2.82 12.83 32.86
N GLY B 315 2.72 12.74 31.52
CA GLY B 315 1.65 13.42 30.81
C GLY B 315 1.02 12.47 29.82
N TRP B 316 1.05 12.82 28.54
CA TRP B 316 0.66 11.91 27.47
C TRP B 316 1.60 12.14 26.30
N TYR B 317 1.69 11.14 25.43
CA TYR B 317 2.62 11.17 24.32
C TYR B 317 2.16 12.11 23.22
N MET B 318 3.15 12.71 22.55
CA MET B 318 3.01 13.25 21.20
C MET B 318 3.42 12.15 20.23
N SER B 319 2.62 11.97 19.16
CA SER B 319 2.79 10.79 18.32
C SER B 319 4.17 10.66 17.73
N THR B 320 4.89 11.77 17.54
CA THR B 320 6.19 11.66 16.91
C THR B 320 7.25 11.06 17.85
N GLU B 321 7.10 11.21 19.18
CA GLU B 321 8.04 10.49 20.06
C GLU B 321 8.01 9.00 19.78
N ILE B 322 6.81 8.44 19.63
CA ILE B 322 6.68 7.01 19.43
C ILE B 322 6.97 6.65 17.98
N GLY B 323 6.24 7.28 17.06
CA GLY B 323 6.30 6.93 15.66
C GLY B 323 7.66 7.16 15.03
N THR B 324 8.15 8.39 15.13
CA THR B 324 9.44 8.69 14.54
C THR B 324 10.61 8.23 15.40
N ARG B 325 10.74 8.77 16.61
CA ARG B 325 11.98 8.54 17.35
C ARG B 325 12.06 7.11 17.88
N ASN B 326 11.07 6.68 18.66
CA ASN B 326 11.25 5.41 19.35
C ASN B 326 11.28 4.25 18.36
N LEU B 327 10.56 4.36 17.25
CA LEU B 327 10.48 3.24 16.32
C LEU B 327 11.42 3.37 15.15
N CYS B 328 11.63 4.58 14.61
CA CYS B 328 12.44 4.74 13.38
C CYS B 328 13.89 5.16 13.58
N ASP B 329 14.27 5.72 14.74
CA ASP B 329 15.66 6.01 15.01
C ASP B 329 16.53 4.81 14.66
N PRO B 330 17.64 5.01 13.94
CA PRO B 330 18.52 3.88 13.59
C PRO B 330 19.05 3.17 14.81
N HIS B 331 19.22 3.90 15.92
CA HIS B 331 19.71 3.34 17.16
C HIS B 331 18.60 2.94 18.12
N ARG B 332 17.36 2.92 17.67
CA ARG B 332 16.30 2.38 18.51
C ARG B 332 15.69 1.15 17.86
N TYR B 333 14.36 1.10 17.68
CA TYR B 333 13.79 -0.10 17.10
C TYR B 333 14.10 -0.25 15.62
N ASN B 334 14.32 0.87 14.92
CA ASN B 334 14.89 0.86 13.56
C ASN B 334 14.02 0.06 12.58
N ILE B 335 12.71 0.35 12.58
CA ILE B 335 11.80 -0.43 11.73
C ILE B 335 11.64 0.17 10.34
N LEU B 336 12.31 1.27 10.01
CA LEU B 336 11.95 2.05 8.82
C LEU B 336 12.10 1.24 7.55
N GLU B 337 13.25 0.62 7.37
CA GLU B 337 13.46 -0.16 6.15
C GLU B 337 12.48 -1.31 6.05
N ASP B 338 12.18 -1.96 7.16
CA ASP B 338 11.25 -3.09 7.12
C ASP B 338 9.86 -2.65 6.69
N VAL B 339 9.38 -1.53 7.23
CA VAL B 339 8.10 -0.97 6.78
C VAL B 339 8.16 -0.66 5.28
N ALA B 340 9.25 -0.05 4.81
CA ALA B 340 9.31 0.42 3.42
C ALA B 340 9.34 -0.74 2.43
N VAL B 341 10.14 -1.78 2.71
CA VAL B 341 10.09 -3.01 1.93
C VAL B 341 8.65 -3.49 1.82
N CYS B 342 8.03 -3.77 2.98
CA CYS B 342 6.64 -4.21 2.98
C CYS B 342 5.73 -3.29 2.17
N MET B 343 5.97 -1.98 2.19
CA MET B 343 5.10 -1.03 1.51
C MET B 343 5.28 -1.02 -0.02
N ASP B 344 6.18 -1.84 -0.57
CA ASP B 344 6.49 -1.95 -2.00
C ASP B 344 7.43 -0.83 -2.45
N LEU B 345 7.81 0.10 -1.57
CA LEU B 345 8.64 1.23 -1.98
C LEU B 345 10.01 0.78 -2.48
N ASP B 346 10.54 1.53 -3.45
CA ASP B 346 11.88 1.30 -3.99
C ASP B 346 12.90 1.91 -3.04
N THR B 347 13.56 1.06 -2.26
CA THR B 347 14.54 1.51 -1.29
C THR B 347 15.96 1.48 -1.84
N ARG B 348 16.12 1.42 -3.15
CA ARG B 348 17.45 1.41 -3.75
C ARG B 348 18.01 2.82 -3.91
N THR B 349 17.15 3.81 -4.16
CA THR B 349 17.57 5.20 -4.25
C THR B 349 16.83 6.03 -3.20
N THR B 350 17.52 7.05 -2.68
CA THR B 350 16.90 7.92 -1.70
C THR B 350 16.01 8.96 -2.34
N SER B 351 16.15 9.19 -3.64
CA SER B 351 15.36 10.22 -4.31
C SER B 351 13.90 9.82 -4.44
N SER B 352 13.58 8.53 -4.28
CA SER B 352 12.20 8.06 -4.18
C SER B 352 11.53 8.47 -2.86
N LEU B 353 12.30 8.89 -1.85
CA LEU B 353 11.78 9.36 -0.56
C LEU B 353 11.06 8.25 0.19
N TRP B 354 11.56 7.03 0.05
CA TRP B 354 10.92 5.91 0.75
C TRP B 354 10.93 6.13 2.26
N LYS B 355 12.02 6.68 2.79
CA LYS B 355 12.07 6.91 4.23
C LYS B 355 10.97 7.84 4.67
N ASP B 356 10.81 8.97 3.97
CA ASP B 356 9.76 9.91 4.36
C ASP B 356 8.38 9.29 4.22
N LYS B 357 8.18 8.41 3.23
CA LYS B 357 6.85 7.80 3.06
C LYS B 357 6.57 6.78 4.14
N ALA B 358 7.49 5.83 4.33
CA ALA B 358 7.34 4.83 5.37
C ALA B 358 7.15 5.46 6.74
N ALA B 359 7.87 6.55 7.02
CA ALA B 359 7.79 7.19 8.32
C ALA B 359 6.45 7.89 8.51
N VAL B 360 5.87 8.43 7.44
CA VAL B 360 4.56 9.05 7.61
C VAL B 360 3.53 7.98 7.95
N GLU B 361 3.60 6.82 7.31
CA GLU B 361 2.62 5.78 7.61
C GLU B 361 2.84 5.18 9.01
N ILE B 362 4.09 5.13 9.49
CA ILE B 362 4.34 4.67 10.87
C ILE B 362 3.67 5.60 11.87
N ASN B 363 3.72 6.92 11.62
CA ASN B 363 3.04 7.85 12.50
C ASN B 363 1.53 7.70 12.44
N VAL B 364 0.96 7.54 11.22
CA VAL B 364 -0.48 7.33 11.08
C VAL B 364 -0.92 6.13 11.91
N ALA B 365 -0.15 5.06 11.85
CA ALA B 365 -0.44 3.87 12.63
C ALA B 365 -0.47 4.16 14.12
N VAL B 366 0.45 5.01 14.59
CA VAL B 366 0.56 5.29 16.02
C VAL B 366 -0.67 6.07 16.50
N LEU B 367 -1.13 7.03 15.70
CA LEU B 367 -2.29 7.84 16.09
C LEU B 367 -3.58 7.02 16.00
N HIS B 368 -3.74 6.26 14.93
CA HIS B 368 -4.92 5.43 14.81
C HIS B 368 -4.96 4.41 15.93
N SER B 369 -3.83 3.80 16.21
CA SER B 369 -3.80 2.77 17.23
C SER B 369 -4.24 3.35 18.57
N TYR B 370 -3.70 4.51 18.96
CA TYR B 370 -4.03 5.11 20.25
C TYR B 370 -5.48 5.58 20.30
N GLN B 371 -6.06 5.96 19.16
CA GLN B 371 -7.46 6.38 19.17
C GLN B 371 -8.39 5.18 19.16
N LEU B 372 -8.01 4.11 18.45
CA LEU B 372 -8.75 2.85 18.53
C LEU B 372 -8.82 2.34 19.96
N ALA B 373 -7.74 2.49 20.73
CA ALA B 373 -7.70 2.02 22.10
C ALA B 373 -8.24 3.04 23.10
N LYS B 374 -8.62 4.23 22.65
CA LYS B 374 -9.14 5.29 23.52
C LYS B 374 -8.11 5.68 24.59
N VAL B 375 -6.92 6.06 24.10
CA VAL B 375 -5.79 6.46 24.92
C VAL B 375 -5.34 7.82 24.42
N THR B 376 -5.38 8.83 25.28
CA THR B 376 -4.95 10.18 24.91
C THR B 376 -3.67 10.19 24.11
N ILE B 377 -3.66 11.00 23.05
CA ILE B 377 -2.46 11.19 22.24
C ILE B 377 -2.68 12.47 21.45
N VAL B 378 -1.58 13.22 21.23
CA VAL B 378 -1.61 14.47 20.48
C VAL B 378 -0.61 14.36 19.33
N ASP B 379 -1.03 14.84 18.15
CA ASP B 379 -0.15 14.83 16.98
C ASP B 379 0.66 16.13 16.95
N HIS B 380 1.77 16.11 16.19
CA HIS B 380 2.69 17.25 16.14
C HIS B 380 2.04 18.53 15.62
N HIS B 381 0.95 18.44 14.86
CA HIS B 381 0.30 19.64 14.36
C HIS B 381 -0.53 20.31 15.46
N ALA B 382 -1.43 19.55 16.10
CA ALA B 382 -2.11 20.09 17.28
C ALA B 382 -1.13 20.51 18.37
N ALA B 383 -0.11 19.70 18.64
CA ALA B 383 0.79 20.06 19.76
C ALA B 383 1.49 21.38 19.52
N THR B 384 2.07 21.55 18.31
CA THR B 384 2.78 22.79 18.00
C THR B 384 1.83 23.98 17.93
N ALA B 385 0.59 23.75 17.48
CA ALA B 385 -0.36 24.86 17.44
C ALA B 385 -0.72 25.35 18.84
N SER B 386 -0.90 24.43 19.78
CA SER B 386 -1.20 24.90 21.14
C SER B 386 0.04 25.45 21.82
N PHE B 387 1.23 24.97 21.43
CA PHE B 387 2.44 25.59 21.94
C PHE B 387 2.56 27.05 21.50
N MET B 388 2.12 27.36 20.26
CA MET B 388 2.05 28.75 19.82
C MET B 388 1.10 29.56 20.69
N LYS B 389 -0.02 28.97 21.07
CA LYS B 389 -0.90 29.63 22.04
C LYS B 389 -0.18 29.82 23.38
N HIS B 390 0.64 28.83 23.79
CA HIS B 390 1.39 28.98 25.04
C HIS B 390 2.33 30.18 24.98
N LEU B 391 3.04 30.36 23.84
CA LEU B 391 3.96 31.50 23.71
C LEU B 391 3.22 32.82 23.75
N GLU B 392 1.99 32.87 23.24
CA GLU B 392 1.21 34.09 23.31
C GLU B 392 0.74 34.35 24.73
N ASN B 393 0.14 33.34 25.37
CA ASN B 393 -0.22 33.46 26.78
C ASN B 393 1.00 33.90 27.61
N GLU B 394 2.16 33.29 27.38
CA GLU B 394 3.31 33.58 28.23
C GLU B 394 3.89 34.96 27.97
N GLN B 395 3.85 35.43 26.73
CA GLN B 395 4.35 36.77 26.43
C GLN B 395 3.55 37.84 27.17
N LYS B 396 2.23 37.63 27.29
CA LYS B 396 1.41 38.57 28.04
C LYS B 396 1.60 38.42 29.55
N ALA B 397 2.00 37.23 30.01
CA ALA B 397 2.07 36.97 31.45
C ALA B 397 3.41 37.35 32.06
N ARG B 398 4.50 36.84 31.50
CA ARG B 398 5.83 37.09 32.02
C ARG B 398 6.74 37.83 31.05
N GLY B 399 6.22 38.24 29.89
CA GLY B 399 7.04 38.96 28.92
C GLY B 399 8.04 38.09 28.17
N GLY B 400 7.65 36.87 27.80
CA GLY B 400 8.57 35.97 27.13
C GLY B 400 8.37 34.52 27.54
N CYS B 401 9.16 33.60 26.97
CA CYS B 401 9.05 32.19 27.31
C CYS B 401 10.28 31.40 26.90
N PRO B 402 10.99 30.78 27.86
CA PRO B 402 12.16 29.95 27.50
C PRO B 402 11.78 28.79 26.60
N ALA B 403 12.45 28.68 25.45
CA ALA B 403 12.10 27.66 24.48
C ALA B 403 13.32 27.23 23.67
N ASP B 404 13.47 25.92 23.50
CA ASP B 404 14.59 25.31 22.78
C ASP B 404 14.10 24.85 21.40
N TRP B 405 14.30 25.73 20.41
CA TRP B 405 13.76 25.56 19.07
C TRP B 405 14.00 24.14 18.54
N ALA B 406 15.24 23.66 18.63
CA ALA B 406 15.55 22.33 18.11
C ALA B 406 14.79 21.20 18.78
N TRP B 407 14.28 21.41 20.01
CA TRP B 407 13.48 20.38 20.65
C TRP B 407 11.98 20.61 20.48
N ILE B 408 11.54 21.86 20.32
CA ILE B 408 10.12 22.16 20.12
C ILE B 408 9.66 21.75 18.72
N VAL B 409 10.50 21.96 17.71
CA VAL B 409 10.15 21.63 16.32
C VAL B 409 10.15 20.11 16.17
N PRO B 410 9.08 19.50 15.65
CA PRO B 410 9.01 18.03 15.58
C PRO B 410 10.07 17.45 14.66
N PRO B 411 10.40 16.15 14.84
CA PRO B 411 11.43 15.52 14.00
C PRO B 411 10.97 15.04 12.63
N ILE B 412 9.69 15.17 12.28
CA ILE B 412 9.26 15.12 10.89
C ILE B 412 8.31 16.28 10.68
N SER B 413 8.33 16.82 9.46
CA SER B 413 7.40 17.87 9.05
C SER B 413 7.60 19.18 9.82
N GLY B 414 8.82 19.44 10.27
CA GLY B 414 9.15 20.69 10.93
C GLY B 414 8.54 21.93 10.37
N SER B 415 8.82 22.28 9.08
CA SER B 415 8.33 23.55 8.56
C SER B 415 6.84 23.54 8.25
N LEU B 416 6.20 22.38 8.31
CA LEU B 416 4.75 22.37 8.25
C LEU B 416 4.12 22.80 9.57
N THR B 417 4.87 22.73 10.69
CA THR B 417 4.26 23.22 11.92
C THR B 417 4.58 24.70 12.07
N PRO B 418 3.78 25.45 12.83
CA PRO B 418 4.03 26.89 12.93
C PRO B 418 5.22 27.25 13.81
N VAL B 419 5.73 26.33 14.64
CA VAL B 419 6.84 26.67 15.51
C VAL B 419 8.16 26.75 14.75
N PHE B 420 8.23 26.13 13.55
CA PHE B 420 9.42 26.26 12.72
C PHE B 420 9.74 27.72 12.44
N HIS B 421 8.71 28.51 12.16
CA HIS B 421 8.84 29.89 11.71
C HIS B 421 8.83 30.88 12.87
N GLN B 422 9.00 30.39 14.09
CA GLN B 422 9.05 31.22 15.30
C GLN B 422 10.47 31.22 15.85
N GLU B 423 11.06 32.40 15.94
CA GLU B 423 12.34 32.50 16.63
C GLU B 423 12.10 32.33 18.11
N MET B 424 13.11 31.80 18.81
CA MET B 424 12.92 31.54 20.24
C MET B 424 14.20 31.87 20.99
N VAL B 425 14.02 32.17 22.28
CA VAL B 425 15.12 32.48 23.19
C VAL B 425 15.20 31.36 24.20
N ASN B 426 16.38 30.75 24.32
CA ASN B 426 16.57 29.64 25.23
C ASN B 426 17.35 30.11 26.46
N TYR B 427 16.82 29.79 27.65
CA TYR B 427 17.48 30.17 28.89
C TYR B 427 16.86 29.36 30.03
N PHE B 428 17.47 29.50 31.22
CA PHE B 428 17.19 28.65 32.40
C PHE B 428 16.55 29.50 33.47
N LEU B 429 15.27 29.23 33.77
CA LEU B 429 14.61 29.79 34.94
C LEU B 429 14.45 28.72 36.02
N SER B 430 14.49 29.17 37.31
CA SER B 430 14.17 28.35 38.46
C SER B 430 12.82 28.76 39.06
N PRO B 431 11.98 27.81 39.50
CA PRO B 431 12.10 26.35 39.60
C PRO B 431 12.23 25.63 38.26
N ALA B 432 12.79 24.41 38.34
CA ALA B 432 13.30 23.79 37.13
C ALA B 432 13.43 22.29 37.35
N PHE B 433 13.33 21.55 36.25
CA PHE B 433 13.79 20.17 36.21
C PHE B 433 15.17 20.17 35.58
N ARG B 434 16.10 19.51 36.24
CA ARG B 434 17.48 19.37 35.79
C ARG B 434 17.74 17.90 35.51
N TYR B 435 18.65 17.62 34.60
CA TYR B 435 19.17 16.28 34.47
C TYR B 435 20.16 16.02 35.61
N GLN B 436 20.39 14.75 35.91
CA GLN B 436 21.33 14.41 36.97
C GLN B 436 22.03 13.13 36.56
N PRO B 437 23.21 12.87 37.09
CA PRO B 437 23.93 11.66 36.68
C PRO B 437 23.24 10.42 37.25
N ASP B 438 23.50 9.30 36.61
CA ASP B 438 22.88 8.05 37.00
C ASP B 438 23.42 7.59 38.34
N PRO B 439 22.57 7.02 39.19
CA PRO B 439 23.03 6.64 40.53
C PRO B 439 24.10 5.58 40.54
N TRP B 440 24.33 4.86 39.43
CA TRP B 440 25.37 3.82 39.45
C TRP B 440 26.75 4.27 38.90
N LYS C 27 -33.62 -37.25 -27.43
CA LYS C 27 -32.57 -36.36 -26.99
C LYS C 27 -32.40 -36.44 -25.47
N PHE C 28 -31.73 -37.50 -25.02
CA PHE C 28 -31.24 -37.54 -23.66
C PHE C 28 -29.76 -37.17 -23.71
N PRO C 29 -29.37 -36.00 -23.19
CA PRO C 29 -27.97 -35.56 -23.28
C PRO C 29 -26.96 -36.63 -22.85
N ARG C 30 -25.99 -36.90 -23.72
CA ARG C 30 -24.88 -37.80 -23.39
C ARG C 30 -23.79 -37.03 -22.67
N VAL C 31 -23.34 -37.58 -21.54
CA VAL C 31 -22.54 -36.84 -20.57
C VAL C 31 -21.32 -37.70 -20.22
N LYS C 32 -20.14 -37.11 -20.33
CA LYS C 32 -18.90 -37.87 -20.28
C LYS C 32 -18.03 -37.37 -19.13
N ASN C 33 -17.35 -38.32 -18.49
CA ASN C 33 -16.26 -38.00 -17.58
C ASN C 33 -14.95 -38.28 -18.30
N TRP C 34 -14.12 -37.24 -18.46
CA TRP C 34 -12.90 -37.33 -19.26
C TRP C 34 -11.73 -37.92 -18.50
N GLU C 35 -11.75 -37.85 -17.16
CA GLU C 35 -10.70 -38.52 -16.39
C GLU C 35 -10.84 -40.03 -16.48
N VAL C 36 -12.08 -40.52 -16.47
CA VAL C 36 -12.34 -41.96 -16.50
C VAL C 36 -12.62 -42.44 -17.93
N GLY C 37 -13.39 -41.68 -18.69
CA GLY C 37 -13.90 -42.12 -19.98
C GLY C 37 -15.28 -42.74 -19.95
N SER C 38 -15.96 -42.66 -18.81
CA SER C 38 -17.27 -43.27 -18.65
C SER C 38 -18.35 -42.39 -19.27
N ILE C 39 -19.42 -43.04 -19.74
CA ILE C 39 -20.54 -42.38 -20.39
C ILE C 39 -21.82 -42.70 -19.62
N THR C 40 -22.59 -41.66 -19.29
CA THR C 40 -23.97 -41.80 -18.84
C THR C 40 -24.87 -40.91 -19.71
N TYR C 41 -26.19 -41.10 -19.59
CA TYR C 41 -27.18 -40.26 -20.25
C TYR C 41 -28.09 -39.65 -19.20
N ASP C 42 -28.30 -38.34 -19.27
CA ASP C 42 -29.20 -37.66 -18.32
C ASP C 42 -30.62 -37.72 -18.87
N THR C 43 -31.38 -38.73 -18.45
CA THR C 43 -32.78 -38.83 -18.80
C THR C 43 -33.67 -37.99 -17.90
N LEU C 44 -33.18 -37.58 -16.71
CA LEU C 44 -33.99 -36.74 -15.82
C LEU C 44 -34.21 -35.33 -16.37
N SER C 45 -33.29 -34.83 -17.21
CA SER C 45 -33.46 -33.50 -17.78
C SER C 45 -34.73 -33.35 -18.61
N ALA C 46 -35.33 -34.46 -19.06
CA ALA C 46 -36.59 -34.38 -19.80
C ALA C 46 -37.72 -33.82 -18.95
N GLN C 47 -37.69 -34.03 -17.65
CA GLN C 47 -38.72 -33.57 -16.74
C GLN C 47 -38.52 -32.13 -16.26
N ALA C 48 -37.55 -31.39 -16.81
CA ALA C 48 -37.30 -30.02 -16.36
C ALA C 48 -38.57 -29.19 -16.46
N GLN C 49 -38.96 -28.59 -15.34
CA GLN C 49 -40.24 -27.89 -15.25
C GLN C 49 -40.17 -26.53 -15.93
N GLN C 50 -39.59 -25.53 -15.27
CA GLN C 50 -39.52 -24.19 -15.83
C GLN C 50 -38.31 -24.09 -16.75
N ASP C 51 -38.10 -22.92 -17.33
CA ASP C 51 -37.13 -22.74 -18.40
C ASP C 51 -35.99 -21.82 -17.96
N GLY C 52 -34.77 -22.21 -18.31
CA GLY C 52 -33.59 -21.45 -17.98
C GLY C 52 -33.28 -20.39 -19.03
N PRO C 53 -32.09 -19.81 -18.96
CA PRO C 53 -31.79 -18.62 -19.75
C PRO C 53 -31.18 -18.88 -21.11
N CYS C 54 -30.75 -20.10 -21.38
CA CYS C 54 -29.95 -20.43 -22.55
C CYS C 54 -30.86 -20.68 -23.75
N THR C 55 -30.31 -20.50 -24.97
CA THR C 55 -31.00 -20.86 -26.22
C THR C 55 -29.97 -21.45 -27.20
N PRO C 56 -30.42 -22.02 -28.33
CA PRO C 56 -29.45 -22.51 -29.32
C PRO C 56 -28.56 -21.41 -29.87
N ARG C 57 -29.03 -20.17 -29.83
CA ARG C 57 -28.24 -19.06 -30.33
C ARG C 57 -27.10 -18.67 -29.41
N ARG C 58 -27.29 -18.75 -28.09
CA ARG C 58 -26.21 -18.38 -27.19
C ARG C 58 -26.46 -18.97 -25.80
N CYS C 59 -25.37 -19.24 -25.08
CA CYS C 59 -25.38 -19.88 -23.78
C CYS C 59 -25.10 -18.86 -22.67
N LEU C 60 -25.92 -18.87 -21.63
CA LEU C 60 -25.87 -17.88 -20.55
C LEU C 60 -25.69 -18.55 -19.20
N GLY C 61 -25.06 -19.72 -19.18
CA GLY C 61 -24.86 -20.42 -17.92
C GLY C 61 -24.02 -19.64 -16.92
N SER C 62 -23.16 -18.76 -17.40
CA SER C 62 -22.25 -18.06 -16.49
C SER C 62 -22.91 -16.92 -15.73
N LEU C 63 -24.14 -16.55 -16.06
CA LEU C 63 -24.82 -15.44 -15.38
C LEU C 63 -25.26 -15.90 -13.99
N VAL C 64 -25.00 -15.07 -12.98
CA VAL C 64 -25.35 -15.46 -11.61
C VAL C 64 -26.86 -15.50 -11.43
N PHE C 65 -27.55 -14.44 -11.85
CA PHE C 65 -29.02 -14.41 -11.86
C PHE C 65 -29.49 -14.35 -13.30
N PRO C 66 -29.86 -15.50 -13.92
CA PRO C 66 -30.28 -15.64 -15.33
C PRO C 66 -31.19 -14.52 -15.86
N ALA C 79 -54.21 -16.54 -10.53
CA ALA C 79 -54.68 -17.69 -11.29
C ALA C 79 -54.82 -18.90 -10.37
N PRO C 80 -56.06 -19.39 -10.22
CA PRO C 80 -56.27 -20.60 -9.43
C PRO C 80 -55.97 -21.86 -10.23
N GLU C 81 -56.23 -21.82 -11.55
CA GLU C 81 -55.87 -22.95 -12.39
C GLU C 81 -54.36 -23.13 -12.45
N GLN C 82 -53.60 -22.03 -12.41
CA GLN C 82 -52.14 -22.14 -12.37
C GLN C 82 -51.68 -22.86 -11.11
N LEU C 83 -52.18 -22.43 -9.95
CA LEU C 83 -51.79 -23.05 -8.70
C LEU C 83 -52.08 -24.55 -8.71
N LEU C 84 -53.24 -24.95 -9.24
CA LEU C 84 -53.68 -26.34 -9.15
C LEU C 84 -52.73 -27.29 -9.84
N SER C 85 -52.16 -26.87 -10.98
CA SER C 85 -51.33 -27.77 -11.78
C SER C 85 -50.00 -28.02 -11.08
N GLN C 86 -49.38 -26.98 -10.55
CA GLN C 86 -48.15 -27.16 -9.77
C GLN C 86 -48.43 -27.99 -8.53
N ALA C 87 -49.55 -27.71 -7.85
CA ALA C 87 -49.92 -28.42 -6.64
C ALA C 87 -50.26 -29.87 -6.93
N ARG C 88 -50.75 -30.16 -8.14
CA ARG C 88 -51.10 -31.54 -8.46
C ARG C 88 -49.86 -32.40 -8.70
N ASP C 89 -48.92 -31.90 -9.49
CA ASP C 89 -47.77 -32.73 -9.84
C ASP C 89 -46.80 -32.91 -8.69
N PHE C 90 -46.75 -31.98 -7.74
CA PHE C 90 -46.01 -32.24 -6.51
C PHE C 90 -46.64 -33.36 -5.68
N ILE C 91 -47.97 -33.35 -5.55
CA ILE C 91 -48.63 -34.43 -4.81
C ILE C 91 -48.36 -35.76 -5.50
N ASN C 92 -48.36 -35.75 -6.83
CA ASN C 92 -48.08 -36.95 -7.60
C ASN C 92 -46.65 -37.40 -7.41
N GLN C 93 -45.72 -36.44 -7.39
CA GLN C 93 -44.32 -36.76 -7.10
C GLN C 93 -44.19 -37.33 -5.70
N TYR C 94 -44.74 -36.64 -4.71
CA TYR C 94 -44.66 -37.08 -3.31
C TYR C 94 -45.15 -38.52 -3.14
N TYR C 95 -46.34 -38.85 -3.64
CA TYR C 95 -46.86 -40.19 -3.39
C TYR C 95 -46.10 -41.25 -4.17
N SER C 96 -45.56 -40.89 -5.34
CA SER C 96 -44.65 -41.79 -6.05
C SER C 96 -43.40 -42.09 -5.23
N SER C 97 -42.89 -41.09 -4.51
CA SER C 97 -41.71 -41.28 -3.69
C SER C 97 -41.95 -42.19 -2.50
N ILE C 98 -43.19 -42.43 -2.13
CA ILE C 98 -43.42 -43.27 -0.95
C ILE C 98 -44.13 -44.55 -1.37
N LYS C 99 -43.96 -44.95 -2.64
CA LYS C 99 -44.54 -46.19 -3.16
C LYS C 99 -46.05 -46.26 -2.95
N ARG C 100 -46.68 -45.10 -2.72
CA ARG C 100 -48.12 -44.96 -2.52
C ARG C 100 -48.79 -44.38 -3.76
N SER C 101 -48.31 -44.76 -4.94
CA SER C 101 -48.72 -44.11 -6.17
C SER C 101 -50.14 -44.51 -6.56
N GLY C 102 -50.98 -43.50 -6.81
CA GLY C 102 -52.33 -43.72 -7.30
C GLY C 102 -53.29 -44.38 -6.34
N SER C 103 -52.88 -44.59 -5.09
CA SER C 103 -53.73 -45.23 -4.09
C SER C 103 -54.91 -44.31 -3.75
N GLN C 104 -55.61 -44.63 -2.66
CA GLN C 104 -56.73 -43.80 -2.24
C GLN C 104 -56.30 -42.65 -1.34
N ALA C 105 -55.26 -42.84 -0.53
CA ALA C 105 -54.63 -41.68 0.13
C ALA C 105 -54.27 -40.62 -0.90
N HIS C 106 -53.64 -41.05 -2.01
CA HIS C 106 -53.34 -40.15 -3.12
C HIS C 106 -54.57 -39.36 -3.56
N GLU C 107 -55.71 -40.05 -3.76
CA GLU C 107 -56.87 -39.36 -4.31
C GLU C 107 -57.50 -38.40 -3.30
N GLN C 108 -57.41 -38.70 -2.00
CA GLN C 108 -57.97 -37.81 -1.00
C GLN C 108 -57.17 -36.51 -0.91
N ARG C 109 -55.84 -36.62 -1.07
CA ARG C 109 -55.00 -35.42 -1.12
C ARG C 109 -55.41 -34.51 -2.26
N LEU C 110 -55.70 -35.07 -3.43
CA LEU C 110 -56.04 -34.25 -4.58
C LEU C 110 -57.34 -33.48 -4.36
N GLN C 111 -58.41 -34.18 -3.96
CA GLN C 111 -59.70 -33.53 -3.74
C GLN C 111 -59.64 -32.52 -2.61
N GLU C 112 -58.85 -32.82 -1.57
CA GLU C 112 -58.71 -31.90 -0.45
C GLU C 112 -58.06 -30.58 -0.89
N VAL C 113 -57.00 -30.67 -1.70
CA VAL C 113 -56.36 -29.45 -2.20
C VAL C 113 -57.31 -28.67 -3.10
N GLU C 114 -57.98 -29.37 -4.01
CA GLU C 114 -58.91 -28.72 -4.92
C GLU C 114 -59.99 -27.94 -4.18
N ALA C 115 -60.51 -28.50 -3.09
CA ALA C 115 -61.56 -27.80 -2.35
C ALA C 115 -61.01 -26.61 -1.56
N GLU C 116 -59.77 -26.71 -1.07
CA GLU C 116 -59.20 -25.64 -0.27
C GLU C 116 -58.80 -24.44 -1.13
N VAL C 117 -58.32 -24.69 -2.36
CA VAL C 117 -58.04 -23.58 -3.26
C VAL C 117 -59.33 -22.96 -3.77
N ALA C 118 -60.38 -23.77 -3.96
CA ALA C 118 -61.70 -23.20 -4.26
C ALA C 118 -62.19 -22.31 -3.14
N ALA C 119 -61.94 -22.71 -1.89
CA ALA C 119 -62.43 -21.98 -0.73
C ALA C 119 -61.67 -20.67 -0.52
N THR C 120 -60.35 -20.69 -0.67
CA THR C 120 -59.56 -19.51 -0.31
C THR C 120 -58.53 -19.08 -1.34
N GLY C 121 -58.34 -19.83 -2.43
CA GLY C 121 -57.37 -19.51 -3.45
C GLY C 121 -56.04 -20.23 -3.29
N THR C 122 -55.72 -20.68 -2.08
CA THR C 122 -54.48 -21.36 -1.75
C THR C 122 -54.82 -22.61 -0.95
N TYR C 123 -53.80 -23.35 -0.52
CA TYR C 123 -54.05 -24.55 0.29
C TYR C 123 -52.89 -24.78 1.25
N GLN C 124 -53.14 -25.62 2.25
CA GLN C 124 -52.15 -25.92 3.28
C GLN C 124 -51.44 -27.24 2.99
N LEU C 125 -50.12 -27.26 3.26
CA LEU C 125 -49.29 -28.44 3.10
C LEU C 125 -49.30 -29.28 4.37
N ARG C 126 -49.55 -30.59 4.23
CA ARG C 126 -49.34 -31.54 5.32
C ARG C 126 -47.89 -31.42 5.81
N GLU C 127 -47.69 -31.72 7.09
CA GLU C 127 -46.38 -31.53 7.70
C GLU C 127 -45.30 -32.30 6.95
N SER C 128 -45.58 -33.55 6.57
CA SER C 128 -44.56 -34.37 5.94
C SER C 128 -44.38 -34.03 4.46
N GLU C 129 -45.47 -33.71 3.75
CA GLU C 129 -45.35 -33.13 2.41
C GLU C 129 -44.36 -31.97 2.44
N LEU C 130 -44.43 -31.14 3.47
CA LEU C 130 -43.52 -30.01 3.60
C LEU C 130 -42.10 -30.47 3.91
N VAL C 131 -41.93 -31.54 4.71
CA VAL C 131 -40.58 -32.05 4.91
C VAL C 131 -40.00 -32.60 3.60
N PHE C 132 -40.79 -33.38 2.87
CA PHE C 132 -40.33 -33.96 1.61
C PHE C 132 -39.95 -32.87 0.61
N GLY C 133 -40.76 -31.81 0.53
CA GLY C 133 -40.51 -30.74 -0.42
C GLY C 133 -39.27 -29.95 -0.08
N ALA C 134 -39.04 -29.68 1.20
CA ALA C 134 -37.80 -29.04 1.62
C ALA C 134 -36.59 -29.85 1.17
N LYS C 135 -36.60 -31.17 1.42
CA LYS C 135 -35.46 -32.00 1.06
C LYS C 135 -35.27 -32.12 -0.45
N GLN C 136 -36.36 -32.14 -1.21
CA GLN C 136 -36.26 -32.17 -2.67
C GLN C 136 -35.67 -30.89 -3.22
N ALA C 137 -36.06 -29.75 -2.66
CA ALA C 137 -35.56 -28.48 -3.16
C ALA C 137 -34.05 -28.34 -2.95
N TRP C 138 -33.52 -28.91 -1.86
CA TRP C 138 -32.06 -28.99 -1.69
C TRP C 138 -31.45 -29.90 -2.74
N ARG C 139 -31.95 -31.13 -2.81
CA ARG C 139 -31.54 -32.11 -3.80
C ARG C 139 -31.55 -31.55 -5.23
N ASN C 140 -32.43 -30.60 -5.51
CA ASN C 140 -32.55 -30.07 -6.86
C ASN C 140 -31.74 -28.81 -7.08
N ALA C 141 -31.05 -28.29 -6.06
CA ALA C 141 -30.27 -27.07 -6.15
C ALA C 141 -29.01 -27.23 -7.01
N PRO C 142 -29.03 -26.78 -8.27
CA PRO C 142 -27.92 -27.12 -9.19
C PRO C 142 -26.56 -26.65 -8.72
N ARG C 143 -26.48 -25.55 -8.01
CA ARG C 143 -25.17 -25.01 -7.66
C ARG C 143 -24.66 -25.45 -6.30
N CYS C 144 -25.39 -26.32 -5.59
CA CYS C 144 -24.96 -26.79 -4.26
C CYS C 144 -24.09 -28.03 -4.42
N VAL C 145 -22.83 -27.93 -3.98
CA VAL C 145 -21.94 -29.09 -3.97
C VAL C 145 -22.15 -29.96 -2.74
N GLY C 146 -22.97 -29.52 -1.77
CA GLY C 146 -23.11 -30.24 -0.53
C GLY C 146 -24.17 -31.33 -0.55
N ARG C 147 -24.65 -31.72 -1.73
CA ARG C 147 -25.94 -32.40 -1.80
C ARG C 147 -25.89 -33.86 -1.43
N ILE C 148 -24.72 -34.45 -1.25
CA ILE C 148 -24.60 -35.81 -0.72
C ILE C 148 -25.43 -35.93 0.57
N GLN C 149 -25.65 -34.81 1.25
CA GLN C 149 -26.31 -34.78 2.55
C GLN C 149 -27.81 -34.62 2.47
N TRP C 150 -28.41 -34.64 1.27
CA TRP C 150 -29.75 -34.06 1.13
C TRP C 150 -30.80 -34.79 1.95
N GLY C 151 -30.68 -36.10 2.15
CA GLY C 151 -31.69 -36.79 2.92
C GLY C 151 -31.64 -36.53 4.43
N LYS C 152 -30.57 -35.92 4.92
CA LYS C 152 -30.36 -35.65 6.33
C LYS C 152 -30.44 -34.14 6.53
N LEU C 153 -31.67 -33.66 6.71
CA LEU C 153 -31.97 -32.25 6.96
C LEU C 153 -33.07 -32.18 8.02
N GLN C 154 -33.00 -31.16 8.87
CA GLN C 154 -33.95 -30.99 9.96
C GLN C 154 -34.88 -29.82 9.63
N VAL C 155 -36.15 -30.14 9.38
CA VAL C 155 -37.15 -29.15 8.98
C VAL C 155 -37.91 -28.69 10.23
N PHE C 156 -37.91 -27.38 10.47
CA PHE C 156 -38.66 -26.74 11.56
C PHE C 156 -39.86 -26.01 10.95
N ASP C 157 -41.08 -26.43 11.34
CA ASP C 157 -42.30 -25.77 10.89
C ASP C 157 -42.64 -24.58 11.78
N ALA C 158 -42.58 -23.38 11.20
CA ALA C 158 -42.88 -22.13 11.88
C ALA C 158 -44.06 -21.40 11.27
N ARG C 159 -44.91 -22.11 10.51
CA ARG C 159 -46.05 -21.48 9.87
C ARG C 159 -47.03 -20.91 10.88
N ASP C 160 -46.87 -21.23 12.16
CA ASP C 160 -47.65 -20.65 13.25
C ASP C 160 -47.17 -19.26 13.64
N CYS C 161 -46.22 -18.67 12.91
CA CYS C 161 -45.59 -17.43 13.35
C CYS C 161 -46.43 -16.22 12.95
N ARG C 162 -46.48 -15.21 13.84
CA ARG C 162 -47.22 -14.00 13.55
C ARG C 162 -46.58 -12.72 14.07
N SER C 163 -45.59 -12.77 14.94
CA SER C 163 -44.91 -11.57 15.39
C SER C 163 -43.46 -11.58 14.93
N ALA C 164 -42.90 -10.38 14.75
CA ALA C 164 -41.48 -10.27 14.46
C ALA C 164 -40.63 -10.76 15.63
N GLN C 165 -41.18 -10.68 16.86
CA GLN C 165 -40.50 -11.25 18.03
C GLN C 165 -40.66 -12.77 18.08
N GLU C 166 -41.73 -13.30 17.49
CA GLU C 166 -41.86 -14.75 17.36
C GLU C 166 -40.90 -15.28 16.28
N MET C 167 -40.88 -14.63 15.12
CA MET C 167 -39.91 -14.93 14.08
C MET C 167 -38.51 -15.01 14.70
N PHE C 168 -38.14 -13.99 15.47
CA PHE C 168 -36.81 -13.96 16.08
C PHE C 168 -36.58 -15.14 17.01
N THR C 169 -37.64 -15.64 17.66
CA THR C 169 -37.49 -16.80 18.52
C THR C 169 -37.31 -18.07 17.70
N TYR C 170 -38.10 -18.23 16.64
CA TYR C 170 -37.92 -19.34 15.72
C TYR C 170 -36.51 -19.36 15.14
N ILE C 171 -35.94 -18.18 14.88
CA ILE C 171 -34.60 -18.11 14.31
C ILE C 171 -33.56 -18.51 15.34
N CYS C 172 -33.66 -17.96 16.55
CA CYS C 172 -32.63 -18.23 17.54
C CYS C 172 -32.59 -19.69 17.93
N ASN C 173 -33.73 -20.39 17.83
CA ASN C 173 -33.73 -21.82 18.07
C ASN C 173 -33.03 -22.58 16.95
N HIS C 174 -33.34 -22.23 15.70
CA HIS C 174 -32.61 -22.71 14.54
C HIS C 174 -31.11 -22.59 14.74
N ILE C 175 -30.64 -21.36 14.92
CA ILE C 175 -29.21 -21.11 15.12
C ILE C 175 -28.67 -22.03 16.21
N LYS C 176 -29.43 -22.15 17.32
CA LYS C 176 -29.02 -22.99 18.44
C LYS C 176 -28.92 -24.46 18.05
N TYR C 177 -29.96 -24.99 17.40
CA TYR C 177 -29.90 -26.39 16.99
C TYR C 177 -28.81 -26.64 15.95
N ALA C 178 -28.59 -25.68 15.02
CA ALA C 178 -27.65 -25.94 13.94
C ALA C 178 -26.20 -25.79 14.39
N THR C 179 -25.89 -24.76 15.20
CA THR C 179 -24.53 -24.62 15.72
C THR C 179 -24.13 -25.84 16.54
N ASN C 180 -24.95 -26.22 17.51
CA ASN C 180 -24.76 -27.49 18.24
C ASN C 180 -23.34 -27.60 18.80
N ARG C 181 -22.83 -26.49 19.33
CA ARG C 181 -21.50 -26.41 19.94
C ARG C 181 -20.38 -26.72 18.95
N GLY C 182 -20.62 -26.51 17.66
CA GLY C 182 -19.59 -26.69 16.66
C GLY C 182 -19.75 -27.93 15.82
N ASN C 183 -20.53 -28.91 16.26
CA ASN C 183 -20.82 -30.06 15.41
C ASN C 183 -22.07 -29.71 14.62
N LEU C 184 -21.89 -29.34 13.35
CA LEU C 184 -23.00 -28.69 12.68
C LEU C 184 -23.98 -29.71 12.12
N ARG C 185 -25.23 -29.28 12.07
CA ARG C 185 -26.36 -30.11 11.66
C ARG C 185 -27.17 -29.29 10.69
N SER C 186 -27.54 -29.89 9.56
CA SER C 186 -28.35 -29.16 8.60
C SER C 186 -29.76 -28.95 9.15
N ALA C 187 -30.35 -27.80 8.81
CA ALA C 187 -31.69 -27.44 9.27
C ALA C 187 -32.34 -26.44 8.32
N ILE C 188 -33.66 -26.34 8.38
CA ILE C 188 -34.40 -25.28 7.70
C ILE C 188 -35.62 -24.94 8.56
N THR C 189 -36.01 -23.66 8.55
CA THR C 189 -37.14 -23.15 9.32
C THR C 189 -38.11 -22.44 8.38
N VAL C 190 -39.28 -23.02 8.17
CA VAL C 190 -40.25 -22.52 7.20
C VAL C 190 -41.27 -21.63 7.92
N PHE C 191 -41.36 -20.37 7.50
CA PHE C 191 -42.33 -19.39 7.97
C PHE C 191 -43.56 -19.37 7.07
N PRO C 192 -44.62 -18.61 7.38
CA PRO C 192 -45.85 -18.73 6.59
C PRO C 192 -45.66 -18.37 5.13
N GLN C 193 -46.35 -19.14 4.28
CA GLN C 193 -46.34 -18.91 2.85
C GLN C 193 -47.00 -17.59 2.51
N ARG C 194 -46.66 -17.06 1.35
CA ARG C 194 -47.43 -15.94 0.81
C ARG C 194 -48.82 -16.43 0.40
N CYS C 195 -49.78 -15.50 0.43
CA CYS C 195 -51.10 -15.76 -0.11
C CYS C 195 -51.74 -14.42 -0.44
N PRO C 196 -52.69 -14.39 -1.38
CA PRO C 196 -53.20 -13.10 -1.88
C PRO C 196 -53.79 -12.23 -0.78
N GLY C 197 -53.79 -10.92 -1.05
CA GLY C 197 -54.37 -9.94 -0.14
C GLY C 197 -53.76 -9.92 1.24
N ARG C 198 -52.44 -10.09 1.33
CA ARG C 198 -51.78 -10.29 2.61
C ARG C 198 -50.30 -9.96 2.50
N GLY C 199 -49.74 -9.44 3.58
CA GLY C 199 -48.33 -9.16 3.64
C GLY C 199 -47.50 -10.42 3.55
N ASP C 200 -46.22 -10.28 3.94
CA ASP C 200 -45.27 -11.37 3.80
C ASP C 200 -44.26 -11.33 4.94
N PHE C 201 -43.68 -12.49 5.22
CA PHE C 201 -42.57 -12.64 6.15
C PHE C 201 -41.26 -12.65 5.37
N ARG C 202 -40.42 -11.66 5.61
CA ARG C 202 -39.11 -11.56 4.98
C ARG C 202 -38.04 -11.35 6.03
N ILE C 203 -36.88 -11.95 5.80
CA ILE C 203 -35.66 -11.63 6.54
C ILE C 203 -34.83 -10.76 5.63
N TRP C 204 -34.59 -9.51 6.04
CA TRP C 204 -33.89 -8.57 5.18
C TRP C 204 -32.41 -8.93 5.02
N ASN C 205 -31.77 -9.41 6.08
CA ASN C 205 -30.39 -9.88 5.98
C ASN C 205 -30.31 -11.01 4.95
N SER C 206 -29.23 -10.99 4.16
CA SER C 206 -29.01 -12.08 3.21
C SER C 206 -28.57 -13.36 3.90
N GLN C 207 -27.96 -13.23 5.07
CA GLN C 207 -27.61 -14.36 5.92
C GLN C 207 -27.95 -14.02 7.35
N LEU C 208 -28.22 -15.06 8.15
CA LEU C 208 -28.47 -14.84 9.57
C LEU C 208 -27.27 -14.16 10.25
N VAL C 209 -26.05 -14.59 9.91
CA VAL C 209 -24.83 -14.00 10.45
C VAL C 209 -24.13 -13.25 9.32
N ARG C 210 -23.93 -11.95 9.52
CA ARG C 210 -23.29 -11.10 8.51
C ARG C 210 -22.49 -10.02 9.22
N TYR C 211 -21.25 -9.82 8.79
CA TYR C 211 -20.43 -8.75 9.37
C TYR C 211 -20.77 -7.39 8.75
N ALA C 212 -20.71 -6.35 9.58
CA ALA C 212 -21.03 -5.02 9.11
C ALA C 212 -20.06 -4.56 8.03
N GLY C 213 -20.53 -3.67 7.17
CA GLY C 213 -19.70 -3.05 6.17
C GLY C 213 -19.92 -1.55 6.18
N TYR C 214 -18.92 -0.80 6.65
CA TYR C 214 -19.06 0.62 6.89
C TYR C 214 -18.42 1.40 5.74
N ARG C 215 -19.22 2.21 5.06
CA ARG C 215 -18.67 3.12 4.06
C ARG C 215 -17.88 4.22 4.76
N GLN C 216 -16.68 4.50 4.27
CA GLN C 216 -15.76 5.41 4.93
C GLN C 216 -15.71 6.77 4.22
N GLN C 217 -15.14 7.75 4.93
CA GLN C 217 -14.77 9.02 4.30
C GLN C 217 -13.70 8.81 3.24
N ASP C 218 -12.95 7.72 3.34
CA ASP C 218 -12.01 7.30 2.31
C ASP C 218 -12.73 6.90 1.03
N GLY C 219 -14.03 6.64 1.09
CA GLY C 219 -14.73 5.97 0.02
C GLY C 219 -14.61 4.47 0.05
N SER C 220 -13.68 3.92 0.84
CA SER C 220 -13.53 2.48 0.99
C SER C 220 -14.60 1.93 1.90
N VAL C 221 -14.38 0.71 2.40
CA VAL C 221 -15.33 0.04 3.28
C VAL C 221 -14.53 -0.72 4.32
N ARG C 222 -14.66 -0.32 5.59
CA ARG C 222 -14.17 -1.13 6.70
C ARG C 222 -15.25 -2.15 7.04
N GLY C 223 -14.85 -3.42 7.13
CA GLY C 223 -15.79 -4.52 7.23
C GLY C 223 -16.01 -5.21 5.89
N ASP C 224 -17.17 -5.87 5.79
CA ASP C 224 -17.47 -6.62 4.59
C ASP C 224 -18.11 -5.71 3.55
N PRO C 225 -17.47 -5.47 2.41
CA PRO C 225 -18.09 -4.65 1.37
C PRO C 225 -19.42 -5.19 0.88
N ALA C 226 -19.61 -6.51 0.91
CA ALA C 226 -20.86 -7.13 0.46
C ALA C 226 -22.08 -6.65 1.24
N ASN C 227 -21.89 -6.09 2.44
CA ASN C 227 -23.01 -5.77 3.33
C ASN C 227 -23.14 -4.28 3.61
N VAL C 228 -22.55 -3.42 2.78
CA VAL C 228 -22.66 -1.96 2.99
C VAL C 228 -24.12 -1.54 3.03
N GLU C 229 -24.94 -2.11 2.15
CA GLU C 229 -26.33 -1.68 2.02
C GLU C 229 -27.12 -2.02 3.27
N ILE C 230 -27.05 -3.28 3.71
CA ILE C 230 -27.83 -3.69 4.87
C ILE C 230 -27.29 -3.03 6.13
N THR C 231 -26.02 -2.64 6.14
CA THR C 231 -25.49 -2.00 7.33
C THR C 231 -26.12 -0.63 7.55
N GLU C 232 -26.25 0.18 6.49
CA GLU C 232 -26.96 1.44 6.62
C GLU C 232 -28.44 1.23 6.92
N LEU C 233 -29.01 0.12 6.46
CA LEU C 233 -30.41 -0.17 6.74
C LEU C 233 -30.61 -0.48 8.22
N CYS C 234 -29.70 -1.26 8.82
CA CYS C 234 -29.77 -1.47 10.27
C CYS C 234 -29.48 -0.18 11.00
N ILE C 235 -28.57 0.64 10.48
CA ILE C 235 -28.30 1.92 11.11
C ILE C 235 -29.53 2.82 11.03
N GLN C 236 -30.21 2.83 9.89
CA GLN C 236 -31.48 3.56 9.74
C GLN C 236 -32.48 3.12 10.79
N HIS C 237 -32.96 1.88 10.67
CA HIS C 237 -34.06 1.38 11.50
C HIS C 237 -33.60 1.07 12.91
N GLY C 238 -32.61 1.80 13.41
CA GLY C 238 -32.21 1.66 14.80
C GLY C 238 -30.71 1.54 15.05
N TRP C 239 -30.19 0.35 14.78
CA TRP C 239 -28.90 -0.13 15.27
C TRP C 239 -27.83 0.95 15.28
N THR C 240 -27.22 1.14 16.45
CA THR C 240 -26.02 1.97 16.56
C THR C 240 -24.80 1.14 16.20
N PRO C 241 -23.92 1.63 15.33
CA PRO C 241 -22.87 0.79 14.74
C PRO C 241 -21.59 0.74 15.55
N GLY C 242 -20.78 -0.27 15.24
CA GLY C 242 -19.42 -0.37 15.74
C GLY C 242 -18.43 0.24 14.76
N ASN C 243 -17.16 -0.09 14.95
CA ASN C 243 -16.12 0.34 14.03
C ASN C 243 -15.06 -0.75 13.87
N GLY C 244 -15.49 -2.00 13.87
CA GLY C 244 -14.57 -3.09 13.67
C GLY C 244 -14.75 -3.73 12.31
N ARG C 245 -13.75 -4.50 11.88
CA ARG C 245 -13.84 -5.23 10.62
C ARG C 245 -14.71 -6.47 10.74
N PHE C 246 -15.19 -6.82 11.94
CA PHE C 246 -16.00 -8.02 12.07
C PHE C 246 -17.13 -7.82 13.06
N ASP C 247 -17.80 -6.66 13.01
CA ASP C 247 -19.00 -6.42 13.79
C ASP C 247 -20.19 -7.19 13.20
N VAL C 248 -20.81 -8.05 14.00
CA VAL C 248 -21.95 -8.87 13.57
C VAL C 248 -23.21 -8.01 13.52
N LEU C 249 -23.90 -8.04 12.39
CA LEU C 249 -25.07 -7.19 12.20
C LEU C 249 -26.25 -7.70 13.03
N PRO C 250 -27.20 -6.83 13.35
CA PRO C 250 -28.50 -7.29 13.83
C PRO C 250 -29.31 -7.91 12.71
N LEU C 251 -30.43 -8.52 13.10
CA LEU C 251 -31.40 -9.06 12.16
C LEU C 251 -32.50 -8.05 11.91
N LEU C 252 -32.84 -7.87 10.64
CA LEU C 252 -33.98 -7.05 10.24
C LEU C 252 -35.06 -8.00 9.76
N LEU C 253 -36.05 -8.24 10.62
CA LEU C 253 -37.13 -9.18 10.37
C LEU C 253 -38.42 -8.41 10.14
N GLN C 254 -39.20 -8.84 9.16
CA GLN C 254 -40.38 -8.11 8.71
C GLN C 254 -41.57 -9.04 8.74
N ALA C 255 -42.57 -8.70 9.54
CA ALA C 255 -43.86 -9.37 9.61
C ALA C 255 -44.81 -8.78 8.57
N PRO C 256 -45.85 -9.52 8.18
CA PRO C 256 -46.75 -9.04 7.12
C PRO C 256 -47.30 -7.65 7.39
N ASP C 257 -47.10 -6.76 6.42
CA ASP C 257 -47.71 -5.43 6.37
C ASP C 257 -47.24 -4.52 7.49
N GLU C 258 -46.11 -4.84 8.10
CA GLU C 258 -45.49 -4.00 9.11
C GLU C 258 -44.07 -3.66 8.67
N PRO C 259 -43.53 -2.54 9.13
CA PRO C 259 -42.09 -2.29 8.96
C PRO C 259 -41.28 -3.30 9.73
N PRO C 260 -40.02 -3.52 9.36
CA PRO C 260 -39.21 -4.54 10.04
C PRO C 260 -38.68 -4.04 11.38
N GLU C 261 -38.46 -4.98 12.28
CA GLU C 261 -37.98 -4.68 13.63
C GLU C 261 -36.53 -5.16 13.79
N LEU C 262 -35.74 -4.36 14.50
CA LEU C 262 -34.32 -4.61 14.68
C LEU C 262 -34.10 -5.50 15.91
N PHE C 263 -33.58 -6.71 15.68
CA PHE C 263 -33.30 -7.67 16.75
C PHE C 263 -31.80 -7.96 16.77
N LEU C 264 -31.21 -7.94 17.97
CA LEU C 264 -29.78 -8.19 18.14
C LEU C 264 -29.56 -9.62 18.59
N LEU C 265 -28.66 -10.34 17.90
CA LEU C 265 -28.40 -11.73 18.22
C LEU C 265 -27.59 -11.83 19.52
N PRO C 266 -28.01 -12.68 20.46
CA PRO C 266 -27.25 -12.82 21.70
C PRO C 266 -25.82 -13.26 21.42
N PRO C 267 -24.83 -12.49 21.88
CA PRO C 267 -23.45 -12.73 21.44
C PRO C 267 -22.93 -14.14 21.74
N GLU C 268 -23.56 -14.86 22.67
CA GLU C 268 -23.19 -16.25 22.93
C GLU C 268 -23.86 -17.22 21.96
N LEU C 269 -24.80 -16.74 21.13
CA LEU C 269 -25.40 -17.60 20.13
C LEU C 269 -24.50 -17.80 18.91
N VAL C 270 -23.70 -16.80 18.57
CA VAL C 270 -23.01 -16.71 17.29
C VAL C 270 -21.61 -17.29 17.46
N LEU C 271 -21.44 -18.55 17.07
CA LEU C 271 -20.14 -19.20 17.27
C LEU C 271 -19.14 -18.69 16.23
N GLU C 272 -18.04 -18.09 16.69
CA GLU C 272 -17.03 -17.53 15.80
C GLU C 272 -15.69 -18.25 15.95
N VAL C 273 -14.97 -18.33 14.84
CA VAL C 273 -13.65 -18.96 14.82
C VAL C 273 -12.57 -17.95 14.51
N PRO C 274 -11.72 -17.58 15.46
CA PRO C 274 -10.56 -16.75 15.13
C PRO C 274 -9.55 -17.55 14.34
N LEU C 275 -8.96 -16.95 13.31
CA LEU C 275 -8.16 -17.70 12.36
C LEU C 275 -6.68 -17.61 12.67
N GLU C 276 -6.00 -18.74 12.62
CA GLU C 276 -4.57 -18.82 12.85
C GLU C 276 -4.02 -19.90 11.95
N HIS C 277 -2.69 -19.92 11.81
CA HIS C 277 -2.07 -20.80 10.85
C HIS C 277 -1.18 -21.80 11.57
N PRO C 278 -1.15 -23.06 11.13
CA PRO C 278 -0.34 -24.07 11.83
C PRO C 278 1.11 -23.66 12.02
N THR C 279 1.75 -23.00 11.06
CA THR C 279 3.18 -22.75 11.16
C THR C 279 3.59 -21.28 11.03
N LEU C 280 2.70 -20.40 10.58
CA LEU C 280 3.03 -18.99 10.35
C LEU C 280 2.51 -18.23 11.55
N GLU C 281 3.40 -17.99 12.52
CA GLU C 281 2.95 -17.46 13.81
C GLU C 281 2.30 -16.08 13.64
N TRP C 282 2.77 -15.29 12.68
CA TRP C 282 2.24 -13.94 12.52
C TRP C 282 0.79 -13.91 12.01
N PHE C 283 0.26 -15.03 11.50
CA PHE C 283 -1.06 -15.01 10.89
C PHE C 283 -2.12 -14.52 11.89
N ALA C 284 -2.15 -15.14 13.07
CA ALA C 284 -3.18 -14.82 14.06
C ALA C 284 -3.23 -13.33 14.37
N ALA C 285 -2.10 -12.63 14.27
CA ALA C 285 -2.09 -11.21 14.60
C ALA C 285 -2.81 -10.37 13.54
N LEU C 286 -3.02 -10.90 12.33
CA LEU C 286 -3.83 -10.19 11.37
C LEU C 286 -5.27 -10.02 11.87
N GLY C 287 -5.68 -10.82 12.85
CA GLY C 287 -6.97 -10.66 13.49
C GLY C 287 -8.14 -11.07 12.63
N LEU C 288 -7.95 -12.06 11.78
CA LEU C 288 -9.04 -12.50 10.92
C LEU C 288 -9.94 -13.46 11.69
N ARG C 289 -11.24 -13.35 11.46
CA ARG C 289 -12.22 -14.24 12.05
C ARG C 289 -13.23 -14.61 10.99
N TRP C 290 -13.95 -15.69 11.23
CA TRP C 290 -15.20 -15.95 10.52
C TRP C 290 -16.15 -16.68 11.47
N TYR C 291 -17.39 -16.85 11.05
CA TYR C 291 -18.41 -17.47 11.88
C TYR C 291 -18.61 -18.92 11.43
N ALA C 292 -19.29 -19.69 12.27
CA ALA C 292 -19.35 -21.13 12.06
C ALA C 292 -20.46 -21.54 11.11
N LEU C 293 -21.58 -20.82 11.12
CA LEU C 293 -22.85 -21.27 10.55
C LEU C 293 -23.18 -20.53 9.25
N PRO C 294 -23.04 -21.16 8.09
CA PRO C 294 -23.60 -20.57 6.86
C PRO C 294 -25.10 -20.81 6.81
N ALA C 295 -25.86 -19.73 6.92
CA ALA C 295 -27.32 -19.82 7.04
C ALA C 295 -27.95 -18.76 6.16
N VAL C 296 -28.52 -19.19 5.03
CA VAL C 296 -28.98 -18.30 3.98
C VAL C 296 -30.43 -17.90 4.27
N SER C 297 -30.67 -16.59 4.33
CA SER C 297 -31.92 -16.05 4.84
C SER C 297 -32.62 -15.14 3.83
N ASN C 298 -32.40 -15.34 2.54
CA ASN C 298 -33.04 -14.44 1.57
C ASN C 298 -33.54 -15.13 0.32
N MET C 299 -33.52 -16.46 0.25
CA MET C 299 -34.15 -17.17 -0.86
C MET C 299 -35.58 -17.56 -0.52
N LEU C 300 -36.38 -17.72 -1.57
CA LEU C 300 -37.76 -18.17 -1.46
C LEU C 300 -37.82 -19.65 -1.82
N LEU C 301 -38.54 -20.41 -1.01
CA LEU C 301 -38.78 -21.83 -1.24
C LEU C 301 -40.11 -22.00 -1.97
N GLU C 302 -40.16 -23.00 -2.85
CA GLU C 302 -41.34 -23.27 -3.68
C GLU C 302 -41.67 -24.74 -3.60
N ILE C 303 -42.90 -25.06 -3.16
CA ILE C 303 -43.39 -26.43 -3.07
C ILE C 303 -44.78 -26.50 -3.70
N GLY C 304 -44.92 -27.30 -4.77
CA GLY C 304 -46.20 -27.50 -5.39
C GLY C 304 -47.02 -26.23 -5.57
N GLY C 305 -46.42 -25.24 -6.22
CA GLY C 305 -47.07 -23.97 -6.45
C GLY C 305 -47.10 -23.02 -5.26
N LEU C 306 -46.83 -23.52 -4.06
CA LEU C 306 -46.78 -22.62 -2.92
C LEU C 306 -45.40 -21.99 -2.79
N GLU C 307 -45.34 -20.84 -2.14
CA GLU C 307 -44.11 -20.05 -2.09
C GLU C 307 -43.89 -19.51 -0.68
N PHE C 308 -42.68 -19.69 -0.18
CA PHE C 308 -42.31 -19.29 1.19
C PHE C 308 -41.21 -18.25 1.16
N PRO C 309 -41.54 -16.96 1.23
CA PRO C 309 -40.50 -15.94 1.07
C PRO C 309 -39.45 -15.96 2.18
N ALA C 310 -39.72 -16.61 3.30
CA ALA C 310 -38.76 -16.72 4.41
C ALA C 310 -38.66 -18.18 4.81
N ALA C 311 -37.55 -18.83 4.44
CA ALA C 311 -37.30 -20.22 4.80
C ALA C 311 -35.80 -20.42 4.99
N PRO C 312 -35.23 -19.78 6.02
CA PRO C 312 -33.78 -19.90 6.22
C PRO C 312 -33.35 -21.34 6.39
N PHE C 313 -32.21 -21.67 5.79
CA PHE C 313 -31.62 -23.00 5.82
C PHE C 313 -30.13 -22.86 6.11
N SER C 314 -29.53 -23.96 6.55
CA SER C 314 -28.15 -23.89 7.03
C SER C 314 -27.48 -25.25 6.85
N GLY C 315 -26.18 -25.22 6.62
CA GLY C 315 -25.41 -26.44 6.57
C GLY C 315 -24.14 -26.25 7.36
N TRP C 316 -23.01 -26.51 6.71
CA TRP C 316 -21.71 -26.10 7.21
C TRP C 316 -20.87 -25.68 6.02
N TYR C 317 -19.71 -25.10 6.29
CA TYR C 317 -18.93 -24.46 5.24
C TYR C 317 -18.02 -25.44 4.53
N MET C 318 -17.77 -25.13 3.25
CA MET C 318 -16.62 -25.63 2.51
C MET C 318 -15.48 -24.64 2.71
N SER C 319 -14.26 -25.15 2.93
CA SER C 319 -13.17 -24.25 3.31
C SER C 319 -12.96 -23.13 2.29
N THR C 320 -13.14 -23.41 0.97
CA THR C 320 -12.79 -22.39 -0.02
C THR C 320 -13.79 -21.24 -0.02
N GLU C 321 -15.03 -21.47 0.44
CA GLU C 321 -16.00 -20.38 0.54
C GLU C 321 -15.47 -19.32 1.47
N ILE C 322 -14.89 -19.75 2.59
CA ILE C 322 -14.30 -18.81 3.51
C ILE C 322 -12.95 -18.34 3.01
N GLY C 323 -12.05 -19.29 2.72
CA GLY C 323 -10.66 -18.92 2.50
C GLY C 323 -10.43 -18.14 1.22
N THR C 324 -11.13 -18.52 0.16
CA THR C 324 -10.91 -17.90 -1.15
C THR C 324 -11.93 -16.81 -1.47
N ARG C 325 -13.23 -17.11 -1.37
CA ARG C 325 -14.18 -16.12 -1.88
C ARG C 325 -14.37 -14.97 -0.89
N ASN C 326 -14.60 -15.28 0.40
CA ASN C 326 -14.93 -14.22 1.33
C ASN C 326 -13.72 -13.38 1.76
N LEU C 327 -12.53 -13.98 1.81
CA LEU C 327 -11.38 -13.21 2.29
C LEU C 327 -10.46 -12.75 1.17
N CYS C 328 -10.50 -13.41 0.02
CA CYS C 328 -9.60 -13.06 -1.07
C CYS C 328 -10.26 -12.42 -2.29
N ASP C 329 -11.58 -12.36 -2.38
CA ASP C 329 -12.14 -11.73 -3.58
C ASP C 329 -11.76 -10.26 -3.56
N PRO C 330 -11.45 -9.68 -4.72
CA PRO C 330 -11.15 -8.24 -4.80
C PRO C 330 -12.22 -7.37 -4.21
N HIS C 331 -13.46 -7.85 -4.15
CA HIS C 331 -14.57 -7.01 -3.71
C HIS C 331 -15.13 -7.48 -2.37
N ARG C 332 -14.47 -8.42 -1.71
CA ARG C 332 -14.81 -8.82 -0.35
C ARG C 332 -13.73 -8.27 0.58
N TYR C 333 -13.16 -9.08 1.48
CA TYR C 333 -12.13 -8.55 2.39
C TYR C 333 -10.83 -8.26 1.66
N ASN C 334 -10.53 -8.99 0.59
CA ASN C 334 -9.41 -8.67 -0.28
C ASN C 334 -8.09 -8.68 0.48
N ILE C 335 -7.87 -9.74 1.28
CA ILE C 335 -6.69 -9.77 2.15
C ILE C 335 -5.46 -10.34 1.47
N LEU C 336 -5.56 -10.69 0.19
CA LEU C 336 -4.52 -11.51 -0.45
C LEU C 336 -3.13 -10.86 -0.38
N GLU C 337 -3.01 -9.60 -0.82
CA GLU C 337 -1.70 -8.97 -0.85
C GLU C 337 -1.09 -8.84 0.56
N ASP C 338 -1.93 -8.55 1.54
CA ASP C 338 -1.48 -8.46 2.92
C ASP C 338 -0.77 -9.73 3.35
N VAL C 339 -1.44 -10.87 3.18
CA VAL C 339 -0.83 -12.15 3.50
C VAL C 339 0.46 -12.34 2.73
N ALA C 340 0.46 -11.99 1.43
CA ALA C 340 1.65 -12.22 0.60
C ALA C 340 2.83 -11.41 1.10
N VAL C 341 2.59 -10.15 1.47
CA VAL C 341 3.65 -9.34 2.08
C VAL C 341 4.22 -10.04 3.31
N CYS C 342 3.36 -10.42 4.25
CA CYS C 342 3.86 -11.10 5.45
C CYS C 342 4.66 -12.34 5.10
N MET C 343 4.34 -13.02 3.99
CA MET C 343 5.08 -14.22 3.64
C MET C 343 6.36 -13.89 2.93
N ASP C 344 6.66 -12.61 2.78
CA ASP C 344 7.84 -12.15 2.06
C ASP C 344 7.89 -12.71 0.64
N LEU C 345 6.75 -12.69 -0.03
CA LEU C 345 6.72 -13.07 -1.44
C LEU C 345 6.96 -11.83 -2.30
N ASP C 346 7.50 -12.05 -3.49
CA ASP C 346 7.77 -10.94 -4.39
C ASP C 346 6.51 -10.59 -5.17
N THR C 347 5.82 -9.54 -4.74
CA THR C 347 4.57 -9.14 -5.36
C THR C 347 4.75 -8.19 -6.53
N ARG C 348 5.95 -8.11 -7.11
CA ARG C 348 6.19 -7.18 -8.21
C ARG C 348 5.77 -7.75 -9.53
N THR C 349 6.06 -9.03 -9.76
CA THR C 349 5.68 -9.76 -10.95
C THR C 349 4.58 -10.77 -10.62
N THR C 350 3.79 -11.14 -11.63
CA THR C 350 2.77 -12.18 -11.48
C THR C 350 3.32 -13.59 -11.68
N SER C 351 4.50 -13.74 -12.28
CA SER C 351 4.99 -15.08 -12.58
C SER C 351 5.63 -15.78 -11.39
N SER C 352 5.81 -15.11 -10.24
CA SER C 352 6.17 -15.87 -9.04
C SER C 352 5.00 -16.60 -8.41
N LEU C 353 3.77 -16.35 -8.87
CA LEU C 353 2.55 -16.97 -8.32
C LEU C 353 2.35 -16.66 -6.84
N TRP C 354 2.75 -15.44 -6.42
CA TRP C 354 2.49 -14.99 -5.06
C TRP C 354 1.02 -15.04 -4.72
N LYS C 355 0.15 -14.68 -5.67
CA LYS C 355 -1.28 -14.78 -5.38
C LYS C 355 -1.66 -16.21 -5.05
N ASP C 356 -1.02 -17.17 -5.70
CA ASP C 356 -1.42 -18.56 -5.52
C ASP C 356 -0.84 -19.15 -4.24
N LYS C 357 0.33 -18.71 -3.80
CA LYS C 357 0.89 -19.23 -2.56
C LYS C 357 0.18 -18.65 -1.36
N ALA C 358 -0.14 -17.35 -1.43
CA ALA C 358 -0.91 -16.70 -0.37
C ALA C 358 -2.30 -17.32 -0.22
N ALA C 359 -2.97 -17.58 -1.35
CA ALA C 359 -4.31 -18.18 -1.30
C ALA C 359 -4.30 -19.55 -0.62
N VAL C 360 -3.34 -20.42 -0.96
CA VAL C 360 -3.31 -21.74 -0.35
C VAL C 360 -3.12 -21.63 1.15
N GLU C 361 -2.12 -20.84 1.59
CA GLU C 361 -1.90 -20.71 3.03
C GLU C 361 -3.10 -20.10 3.74
N ILE C 362 -3.86 -19.23 3.06
CA ILE C 362 -5.09 -18.75 3.69
C ILE C 362 -6.10 -19.89 3.87
N ASN C 363 -6.19 -20.77 2.87
CA ASN C 363 -7.09 -21.91 3.02
C ASN C 363 -6.59 -22.87 4.09
N VAL C 364 -5.29 -22.98 4.25
CA VAL C 364 -4.73 -23.87 5.27
C VAL C 364 -5.04 -23.32 6.66
N ALA C 365 -4.89 -22.01 6.86
CA ALA C 365 -5.29 -21.41 8.11
C ALA C 365 -6.76 -21.67 8.42
N VAL C 366 -7.62 -21.61 7.39
CA VAL C 366 -9.05 -21.74 7.63
C VAL C 366 -9.39 -23.15 8.12
N LEU C 367 -8.88 -24.15 7.40
CA LEU C 367 -9.16 -25.53 7.77
C LEU C 367 -8.62 -25.82 9.16
N HIS C 368 -7.36 -25.44 9.40
CA HIS C 368 -6.71 -25.69 10.67
C HIS C 368 -7.44 -25.01 11.82
N SER C 369 -7.85 -23.75 11.64
CA SER C 369 -8.52 -23.01 12.70
C SER C 369 -9.89 -23.60 13.01
N TYR C 370 -10.62 -24.05 12.00
CA TYR C 370 -11.91 -24.69 12.23
C TYR C 370 -11.73 -26.01 12.96
N GLN C 371 -10.80 -26.83 12.48
CA GLN C 371 -10.55 -28.12 13.12
C GLN C 371 -10.19 -27.93 14.59
N LEU C 372 -9.20 -27.08 14.85
CA LEU C 372 -8.72 -26.83 16.20
C LEU C 372 -9.87 -26.46 17.12
N ALA C 373 -10.80 -25.66 16.62
CA ALA C 373 -11.91 -25.18 17.41
C ALA C 373 -13.12 -26.12 17.33
N LYS C 374 -12.98 -27.25 16.65
CA LYS C 374 -14.01 -28.31 16.65
C LYS C 374 -15.30 -27.85 15.98
N VAL C 375 -15.16 -27.13 14.87
CA VAL C 375 -16.30 -26.68 14.09
C VAL C 375 -16.29 -27.43 12.77
N THR C 376 -17.45 -27.97 12.39
CA THR C 376 -17.57 -28.68 11.12
C THR C 376 -17.11 -27.82 9.95
N ILE C 377 -16.16 -28.33 9.19
CA ILE C 377 -15.73 -27.73 7.94
C ILE C 377 -15.31 -28.85 7.01
N VAL C 378 -15.36 -28.59 5.71
CA VAL C 378 -15.00 -29.58 4.71
C VAL C 378 -14.09 -28.92 3.68
N ASP C 379 -13.06 -29.64 3.22
CA ASP C 379 -12.17 -29.09 2.23
C ASP C 379 -12.69 -29.42 0.83
N HIS C 380 -12.29 -28.61 -0.13
CA HIS C 380 -12.85 -28.74 -1.48
C HIS C 380 -12.50 -30.06 -2.14
N HIS C 381 -11.41 -30.73 -1.73
CA HIS C 381 -11.17 -32.06 -2.29
C HIS C 381 -12.19 -33.05 -1.76
N ALA C 382 -12.37 -33.10 -0.42
CA ALA C 382 -13.33 -34.05 0.12
C ALA C 382 -14.74 -33.73 -0.37
N ALA C 383 -15.08 -32.44 -0.44
CA ALA C 383 -16.43 -32.08 -0.82
C ALA C 383 -16.70 -32.46 -2.29
N THR C 384 -15.73 -32.26 -3.17
CA THR C 384 -15.99 -32.58 -4.57
C THR C 384 -16.00 -34.10 -4.79
N ALA C 385 -15.15 -34.84 -4.08
CA ALA C 385 -15.20 -36.30 -4.21
C ALA C 385 -16.53 -36.86 -3.70
N SER C 386 -17.16 -36.22 -2.71
CA SER C 386 -18.47 -36.68 -2.30
CA SER C 386 -18.48 -36.66 -2.29
C SER C 386 -19.54 -36.33 -3.32
N PHE C 387 -19.39 -35.15 -3.96
CA PHE C 387 -20.36 -34.80 -5.01
C PHE C 387 -20.30 -35.77 -6.18
N MET C 388 -19.11 -36.30 -6.48
CA MET C 388 -19.05 -37.37 -7.47
C MET C 388 -19.93 -38.54 -7.05
N LYS C 389 -19.88 -38.92 -5.77
CA LYS C 389 -20.70 -40.04 -5.31
C LYS C 389 -22.18 -39.71 -5.37
N HIS C 390 -22.57 -38.50 -4.93
CA HIS C 390 -23.93 -38.05 -5.16
C HIS C 390 -24.36 -38.21 -6.62
N LEU C 391 -23.50 -37.82 -7.59
CA LEU C 391 -23.88 -37.94 -8.99
C LEU C 391 -24.20 -39.38 -9.34
N GLU C 392 -23.37 -40.32 -8.88
CA GLU C 392 -23.60 -41.73 -9.19
C GLU C 392 -24.88 -42.24 -8.51
N ASN C 393 -25.06 -41.96 -7.22
CA ASN C 393 -26.30 -42.32 -6.54
C ASN C 393 -27.51 -41.77 -7.29
N GLU C 394 -27.45 -40.51 -7.71
CA GLU C 394 -28.57 -39.92 -8.42
C GLU C 394 -28.73 -40.52 -9.81
N GLN C 395 -27.63 -40.92 -10.43
CA GLN C 395 -27.73 -41.58 -11.73
C GLN C 395 -28.62 -42.82 -11.61
N LYS C 396 -28.54 -43.53 -10.48
CA LYS C 396 -29.41 -44.70 -10.27
C LYS C 396 -30.77 -44.30 -9.71
N ALA C 397 -30.81 -43.31 -8.83
CA ALA C 397 -32.06 -42.93 -8.18
C ALA C 397 -33.05 -42.36 -9.18
N ARG C 398 -32.62 -41.33 -9.93
CA ARG C 398 -33.50 -40.55 -10.77
C ARG C 398 -33.04 -40.47 -12.22
N GLY C 399 -31.99 -41.18 -12.60
CA GLY C 399 -31.49 -41.12 -13.97
C GLY C 399 -30.88 -39.77 -14.32
N GLY C 400 -30.03 -39.25 -13.45
CA GLY C 400 -29.34 -37.99 -13.67
C GLY C 400 -29.43 -37.08 -12.46
N CYS C 401 -28.87 -35.90 -12.62
CA CYS C 401 -28.79 -34.93 -11.53
C CYS C 401 -28.42 -33.55 -12.06
N PRO C 402 -29.26 -32.54 -11.82
CA PRO C 402 -28.96 -31.18 -12.31
C PRO C 402 -27.78 -30.53 -11.57
N ALA C 403 -26.80 -30.08 -12.36
CA ALA C 403 -25.62 -29.52 -11.75
C ALA C 403 -25.06 -28.42 -12.64
N ASP C 404 -24.47 -27.42 -11.99
CA ASP C 404 -24.01 -26.18 -12.61
C ASP C 404 -22.51 -26.16 -12.43
N TRP C 405 -21.82 -26.53 -13.51
CA TRP C 405 -20.38 -26.82 -13.46
C TRP C 405 -19.59 -25.64 -12.87
N ALA C 406 -19.90 -24.42 -13.32
CA ALA C 406 -19.18 -23.24 -12.85
C ALA C 406 -19.18 -23.11 -11.33
N TRP C 407 -20.25 -23.57 -10.69
CA TRP C 407 -20.42 -23.45 -9.24
C TRP C 407 -20.07 -24.72 -8.48
N ILE C 408 -20.03 -25.88 -9.16
CA ILE C 408 -19.56 -27.11 -8.51
C ILE C 408 -18.04 -27.15 -8.41
N VAL C 409 -17.35 -26.73 -9.47
CA VAL C 409 -15.89 -26.68 -9.46
C VAL C 409 -15.41 -25.65 -8.42
N PRO C 410 -14.55 -26.02 -7.49
CA PRO C 410 -14.07 -25.07 -6.47
C PRO C 410 -13.30 -23.92 -7.10
N PRO C 411 -13.18 -22.78 -6.42
CA PRO C 411 -12.52 -21.60 -6.99
C PRO C 411 -11.01 -21.52 -6.85
N ILE C 412 -10.38 -22.58 -6.32
CA ILE C 412 -8.95 -22.78 -6.42
C ILE C 412 -8.77 -24.25 -6.77
N SER C 413 -7.67 -24.56 -7.46
CA SER C 413 -7.30 -25.94 -7.75
C SER C 413 -8.37 -26.71 -8.51
N GLY C 414 -9.28 -26.00 -9.20
CA GLY C 414 -10.29 -26.61 -10.04
C GLY C 414 -9.98 -27.98 -10.62
N SER C 415 -8.89 -28.08 -11.40
CA SER C 415 -8.60 -29.30 -12.13
C SER C 415 -7.90 -30.36 -11.30
N LEU C 416 -7.55 -30.06 -10.05
CA LEU C 416 -7.09 -31.09 -9.14
C LEU C 416 -8.24 -31.85 -8.48
N THR C 417 -9.54 -31.37 -8.64
CA THR C 417 -10.74 -32.02 -8.12
C THR C 417 -11.46 -32.80 -9.23
N PRO C 418 -12.19 -33.87 -8.92
CA PRO C 418 -12.72 -34.74 -9.98
C PRO C 418 -13.89 -34.13 -10.75
N VAL C 419 -14.61 -33.18 -10.15
CA VAL C 419 -15.74 -32.57 -10.85
C VAL C 419 -15.29 -31.69 -12.00
N PHE C 420 -13.99 -31.36 -12.09
CA PHE C 420 -13.51 -30.58 -13.23
C PHE C 420 -13.69 -31.37 -14.51
N HIS C 421 -13.44 -32.68 -14.44
CA HIS C 421 -13.46 -33.57 -15.59
C HIS C 421 -14.81 -34.24 -15.79
N GLN C 422 -15.84 -33.83 -15.05
CA GLN C 422 -17.18 -34.39 -15.21
C GLN C 422 -18.04 -33.40 -15.99
N GLU C 423 -18.44 -33.80 -17.20
CA GLU C 423 -19.48 -33.06 -17.90
C GLU C 423 -20.77 -33.10 -17.09
N MET C 424 -21.51 -31.99 -17.12
CA MET C 424 -22.71 -31.84 -16.33
C MET C 424 -23.86 -31.27 -17.17
N VAL C 425 -25.08 -31.52 -16.70
CA VAL C 425 -26.29 -30.94 -17.29
C VAL C 425 -27.00 -30.11 -16.23
N ASN C 426 -27.28 -28.86 -16.57
CA ASN C 426 -27.97 -27.93 -15.68
C ASN C 426 -29.40 -27.72 -16.17
N TYR C 427 -30.36 -27.80 -15.26
CA TYR C 427 -31.78 -27.58 -15.55
C TYR C 427 -32.52 -27.38 -14.24
N PHE C 428 -33.79 -27.00 -14.35
CA PHE C 428 -34.56 -26.58 -13.20
C PHE C 428 -35.65 -27.61 -12.91
N LEU C 429 -35.59 -28.21 -11.74
CA LEU C 429 -36.68 -29.05 -11.24
C LEU C 429 -37.45 -28.28 -10.18
N SER C 430 -38.59 -28.85 -9.79
CA SER C 430 -39.39 -28.34 -8.69
C SER C 430 -39.77 -29.53 -7.81
N PRO C 431 -39.83 -29.35 -6.47
CA PRO C 431 -39.60 -28.15 -5.65
C PRO C 431 -38.18 -27.56 -5.77
N ALA C 432 -38.05 -26.28 -5.43
CA ALA C 432 -36.81 -25.56 -5.70
C ALA C 432 -36.64 -24.40 -4.74
N PHE C 433 -35.37 -24.02 -4.53
CA PHE C 433 -35.00 -22.75 -3.95
C PHE C 433 -34.75 -21.73 -5.06
N ARG C 434 -35.24 -20.50 -4.86
CA ARG C 434 -35.14 -19.45 -5.87
C ARG C 434 -34.68 -18.15 -5.24
N TYR C 435 -33.92 -17.37 -5.99
CA TYR C 435 -33.66 -16.01 -5.56
C TYR C 435 -34.93 -15.18 -5.76
N GLN C 436 -35.00 -14.07 -5.04
CA GLN C 436 -36.22 -13.28 -5.05
C GLN C 436 -35.83 -11.83 -4.95
N PRO C 437 -36.69 -10.91 -5.36
CA PRO C 437 -36.32 -9.49 -5.29
C PRO C 437 -36.08 -9.07 -3.86
N ASP C 438 -35.37 -7.96 -3.70
CA ASP C 438 -35.16 -7.43 -2.37
C ASP C 438 -36.50 -6.96 -1.79
N PRO C 439 -36.61 -6.88 -0.45
CA PRO C 439 -37.85 -6.33 0.14
C PRO C 439 -37.97 -4.82 -0.03
N TRP C 440 -37.08 -4.22 -0.81
CA TRP C 440 -37.18 -2.80 -1.11
C TRP C 440 -36.62 -2.46 -2.50
N PHE D 28 -31.41 -8.41 -25.61
CA PHE D 28 -29.95 -8.41 -25.47
C PHE D 28 -29.50 -8.83 -24.07
N PRO D 29 -28.66 -9.87 -23.99
CA PRO D 29 -28.19 -10.36 -22.67
C PRO D 29 -27.44 -9.29 -21.89
N ARG D 30 -27.94 -8.99 -20.70
CA ARG D 30 -27.22 -8.17 -19.72
C ARG D 30 -26.11 -9.00 -19.08
N VAL D 31 -24.92 -8.43 -18.94
CA VAL D 31 -23.73 -9.13 -18.50
C VAL D 31 -23.02 -8.28 -17.46
N LYS D 32 -22.63 -8.88 -16.33
CA LYS D 32 -22.13 -8.13 -15.18
C LYS D 32 -20.71 -8.55 -14.80
N ASN D 33 -19.89 -7.58 -14.45
CA ASN D 33 -18.60 -7.81 -13.81
C ASN D 33 -18.81 -7.63 -12.30
N TRP D 34 -18.72 -8.74 -11.55
CA TRP D 34 -19.04 -8.71 -10.11
C TRP D 34 -17.92 -8.15 -9.25
N GLU D 35 -16.75 -7.92 -9.82
CA GLU D 35 -15.64 -7.32 -9.09
C GLU D 35 -15.73 -5.80 -9.07
N VAL D 36 -16.07 -5.20 -10.21
CA VAL D 36 -16.17 -3.75 -10.35
C VAL D 36 -17.62 -3.27 -10.25
N GLY D 37 -18.60 -4.13 -10.53
CA GLY D 37 -20.00 -3.77 -10.52
C GLY D 37 -20.56 -3.43 -11.89
N SER D 38 -19.71 -3.30 -12.90
CA SER D 38 -20.08 -2.74 -14.19
C SER D 38 -20.95 -3.69 -15.00
N ILE D 39 -21.72 -3.13 -15.93
CA ILE D 39 -22.76 -3.84 -16.67
C ILE D 39 -22.65 -3.50 -18.15
N THR D 40 -22.71 -4.51 -19.02
CA THR D 40 -22.79 -4.32 -20.47
C THR D 40 -23.88 -5.23 -21.05
N TYR D 41 -24.23 -4.97 -22.32
CA TYR D 41 -25.14 -5.81 -23.08
C TYR D 41 -24.40 -6.40 -24.27
N ASP D 42 -24.52 -7.71 -24.47
CA ASP D 42 -23.78 -8.37 -25.55
C ASP D 42 -24.63 -8.42 -26.83
N THR D 43 -24.76 -7.25 -27.48
CA THR D 43 -25.58 -7.16 -28.69
C THR D 43 -25.05 -8.04 -29.82
N LEU D 44 -23.73 -8.24 -29.90
CA LEU D 44 -23.15 -9.11 -30.93
C LEU D 44 -23.82 -10.49 -30.98
N SER D 45 -24.13 -11.06 -29.81
CA SER D 45 -24.70 -12.41 -29.76
C SER D 45 -25.97 -12.55 -30.59
N ALA D 46 -26.64 -11.44 -30.91
CA ALA D 46 -27.81 -11.52 -31.78
C ALA D 46 -27.44 -11.92 -33.19
N GLN D 47 -26.22 -11.58 -33.63
CA GLN D 47 -25.73 -11.94 -34.95
C GLN D 47 -25.28 -13.40 -35.06
N ALA D 48 -25.64 -14.24 -34.09
CA ALA D 48 -25.14 -15.61 -33.98
C ALA D 48 -25.73 -16.50 -35.07
N GLN D 49 -24.87 -16.94 -35.98
CA GLN D 49 -25.22 -17.91 -37.01
C GLN D 49 -25.38 -19.29 -36.36
N GLN D 50 -24.51 -20.23 -36.74
CA GLN D 50 -24.70 -21.64 -36.43
C GLN D 50 -24.97 -21.84 -34.94
N ASP D 51 -25.91 -22.73 -34.64
CA ASP D 51 -26.54 -22.78 -33.34
C ASP D 51 -25.90 -23.84 -32.44
N GLY D 52 -25.93 -23.57 -31.14
CA GLY D 52 -25.22 -24.35 -30.14
C GLY D 52 -26.06 -25.40 -29.47
N PRO D 53 -25.56 -25.94 -28.35
CA PRO D 53 -26.15 -27.14 -27.76
C PRO D 53 -27.24 -26.88 -26.73
N CYS D 54 -27.40 -25.65 -26.29
CA CYS D 54 -28.32 -25.36 -25.19
C CYS D 54 -29.70 -25.04 -25.70
N THR D 55 -30.69 -25.40 -24.89
CA THR D 55 -32.09 -25.02 -25.05
C THR D 55 -32.56 -24.44 -23.72
N PRO D 56 -33.69 -23.73 -23.72
CA PRO D 56 -34.24 -23.25 -22.44
C PRO D 56 -34.51 -24.37 -21.44
N ARG D 57 -34.49 -25.63 -21.87
CA ARG D 57 -34.82 -26.71 -20.95
C ARG D 57 -33.63 -27.12 -20.10
N ARG D 58 -32.42 -26.98 -20.65
CA ARG D 58 -31.23 -27.54 -20.06
C ARG D 58 -30.04 -26.89 -20.76
N CYS D 59 -29.02 -26.55 -19.97
CA CYS D 59 -27.78 -25.95 -20.47
C CYS D 59 -26.70 -27.03 -20.56
N LEU D 60 -25.96 -27.02 -21.67
CA LEU D 60 -24.92 -28.01 -21.92
C LEU D 60 -23.56 -27.36 -22.16
N GLY D 61 -23.38 -26.14 -21.68
CA GLY D 61 -22.14 -25.43 -21.95
C GLY D 61 -20.89 -26.08 -21.36
N SER D 62 -21.03 -27.10 -20.53
CA SER D 62 -19.86 -27.78 -19.98
C SER D 62 -19.37 -28.92 -20.85
N LEU D 63 -20.15 -29.30 -21.87
CA LEU D 63 -19.73 -30.40 -22.71
C LEU D 63 -18.51 -30.00 -23.56
N VAL D 64 -17.56 -30.92 -23.73
CA VAL D 64 -16.34 -30.59 -24.46
C VAL D 64 -16.61 -30.52 -25.96
N PHE D 65 -17.32 -31.52 -26.50
CA PHE D 65 -17.64 -31.60 -27.93
C PHE D 65 -19.14 -31.67 -28.11
N PRO D 66 -19.82 -30.53 -28.23
CA PRO D 66 -21.26 -30.60 -28.52
C PRO D 66 -21.55 -31.36 -29.82
N ARG D 67 -20.71 -31.17 -30.83
CA ARG D 67 -20.98 -31.65 -32.19
C ARG D 67 -20.34 -33.01 -32.49
N ALA D 79 -24.97 -27.07 -51.89
CA ALA D 79 -26.07 -26.15 -51.67
C ALA D 79 -25.67 -24.74 -52.10
N PRO D 80 -25.90 -24.44 -53.38
CA PRO D 80 -25.36 -23.17 -53.93
C PRO D 80 -25.73 -21.92 -53.16
N GLU D 81 -26.98 -21.85 -52.68
CA GLU D 81 -27.45 -20.61 -52.08
C GLU D 81 -27.03 -20.45 -50.62
N GLN D 82 -26.86 -21.55 -49.87
CA GLN D 82 -26.38 -21.38 -48.49
C GLN D 82 -24.91 -20.98 -48.49
N LEU D 83 -24.12 -21.55 -49.39
CA LEU D 83 -22.74 -21.09 -49.57
C LEU D 83 -22.69 -19.61 -49.87
N LEU D 84 -23.62 -19.11 -50.67
CA LEU D 84 -23.59 -17.73 -51.12
C LEU D 84 -23.90 -16.76 -49.99
N SER D 85 -24.88 -17.08 -49.14
CA SER D 85 -25.21 -16.18 -48.05
C SER D 85 -24.11 -16.14 -46.99
N GLN D 86 -23.38 -17.26 -46.82
CA GLN D 86 -22.18 -17.23 -45.99
C GLN D 86 -21.07 -16.44 -46.68
N ALA D 87 -20.92 -16.64 -47.98
CA ALA D 87 -19.93 -15.89 -48.74
C ALA D 87 -20.21 -14.40 -48.68
N ARG D 88 -21.49 -14.01 -48.87
CA ARG D 88 -21.83 -12.60 -48.82
C ARG D 88 -21.56 -12.01 -47.44
N ASP D 89 -21.98 -12.71 -46.38
CA ASP D 89 -21.72 -12.20 -45.05
C ASP D 89 -20.24 -11.97 -44.83
N PHE D 90 -19.40 -12.93 -45.24
CA PHE D 90 -17.96 -12.77 -45.08
C PHE D 90 -17.46 -11.52 -45.82
N ILE D 91 -17.78 -11.40 -47.12
CA ILE D 91 -17.34 -10.25 -47.92
C ILE D 91 -17.72 -8.94 -47.25
N ASN D 92 -18.96 -8.84 -46.76
CA ASN D 92 -19.38 -7.66 -46.03
C ASN D 92 -18.55 -7.44 -44.78
N GLN D 93 -18.14 -8.52 -44.12
CA GLN D 93 -17.28 -8.34 -42.95
C GLN D 93 -15.97 -7.73 -43.37
N TYR D 94 -15.36 -8.28 -44.42
CA TYR D 94 -14.09 -7.77 -44.90
C TYR D 94 -14.18 -6.30 -45.28
N TYR D 95 -15.21 -5.91 -46.05
CA TYR D 95 -15.26 -4.51 -46.46
C TYR D 95 -15.56 -3.59 -45.29
N SER D 96 -16.30 -4.08 -44.29
CA SER D 96 -16.48 -3.32 -43.05
C SER D 96 -15.15 -3.08 -42.34
N SER D 97 -14.31 -4.10 -42.26
CA SER D 97 -13.08 -3.98 -41.50
C SER D 97 -12.19 -2.88 -42.06
N ILE D 98 -12.09 -2.79 -43.39
CA ILE D 98 -11.25 -1.78 -44.02
C ILE D 98 -12.03 -0.50 -44.30
N LYS D 99 -13.15 -0.28 -43.62
CA LYS D 99 -13.87 0.99 -43.68
C LYS D 99 -14.21 1.39 -45.11
N ARG D 100 -14.66 0.42 -45.91
CA ARG D 100 -15.07 0.70 -47.29
C ARG D 100 -16.31 -0.09 -47.65
N SER D 101 -17.27 -0.17 -46.73
CA SER D 101 -18.54 -0.82 -47.03
C SER D 101 -19.32 -0.06 -48.10
N GLY D 102 -20.05 -0.80 -48.93
CA GLY D 102 -20.84 -0.20 -49.98
C GLY D 102 -20.05 0.46 -51.10
N SER D 103 -18.72 0.42 -51.06
CA SER D 103 -17.91 1.04 -52.08
C SER D 103 -18.05 0.27 -53.41
N GLN D 104 -17.42 0.81 -54.46
CA GLN D 104 -17.41 0.14 -55.76
C GLN D 104 -16.76 -1.24 -55.66
N ALA D 105 -15.60 -1.32 -55.00
CA ALA D 105 -14.89 -2.60 -54.96
C ALA D 105 -15.68 -3.64 -54.17
N HIS D 106 -16.49 -3.18 -53.21
CA HIS D 106 -17.33 -4.07 -52.42
C HIS D 106 -18.49 -4.61 -53.24
N GLU D 107 -19.18 -3.74 -53.98
CA GLU D 107 -20.18 -4.19 -54.95
C GLU D 107 -19.62 -5.27 -55.87
N GLN D 108 -18.48 -4.99 -56.49
CA GLN D 108 -17.95 -5.87 -57.54
C GLN D 108 -17.46 -7.21 -56.99
N ARG D 109 -16.83 -7.22 -55.81
CA ARG D 109 -16.36 -8.48 -55.24
C ARG D 109 -17.55 -9.42 -54.98
N LEU D 110 -18.66 -8.89 -54.47
CA LEU D 110 -19.85 -9.70 -54.29
C LEU D 110 -20.37 -10.25 -55.62
N GLN D 111 -20.54 -9.37 -56.61
CA GLN D 111 -20.91 -9.84 -57.94
C GLN D 111 -19.91 -10.87 -58.45
N GLU D 112 -18.62 -10.61 -58.26
CA GLU D 112 -17.59 -11.53 -58.71
C GLU D 112 -17.75 -12.90 -58.04
N VAL D 113 -17.96 -12.92 -56.71
CA VAL D 113 -18.12 -14.19 -56.01
C VAL D 113 -19.40 -14.90 -56.46
N GLU D 114 -20.49 -14.16 -56.60
CA GLU D 114 -21.76 -14.76 -57.01
C GLU D 114 -21.69 -15.38 -58.40
N ALA D 115 -20.78 -14.92 -59.26
CA ALA D 115 -20.67 -15.53 -60.58
C ALA D 115 -19.79 -16.77 -60.56
N GLU D 116 -18.82 -16.84 -59.65
CA GLU D 116 -17.95 -18.02 -59.63
C GLU D 116 -18.70 -19.19 -59.00
N VAL D 117 -19.49 -18.91 -57.96
CA VAL D 117 -20.37 -19.94 -57.38
C VAL D 117 -21.29 -20.53 -58.43
N ALA D 118 -21.90 -19.68 -59.28
CA ALA D 118 -22.87 -20.17 -60.27
C ALA D 118 -22.20 -20.94 -61.40
N ALA D 119 -20.95 -20.60 -61.73
CA ALA D 119 -20.22 -21.27 -62.81
C ALA D 119 -19.49 -22.52 -62.36
N THR D 120 -18.94 -22.53 -61.14
CA THR D 120 -18.12 -23.64 -60.69
C THR D 120 -18.67 -24.35 -59.46
N GLY D 121 -19.68 -23.79 -58.79
CA GLY D 121 -20.14 -24.31 -57.54
C GLY D 121 -19.33 -23.91 -56.33
N THR D 122 -18.19 -23.23 -56.52
CA THR D 122 -17.33 -22.78 -55.43
C THR D 122 -16.72 -21.43 -55.82
N TYR D 123 -15.84 -20.92 -54.96
CA TYR D 123 -15.10 -19.70 -55.29
C TYR D 123 -13.78 -19.75 -54.55
N GLN D 124 -12.92 -18.78 -54.85
CA GLN D 124 -11.61 -18.68 -54.21
C GLN D 124 -11.51 -17.36 -53.47
N LEU D 125 -10.97 -17.42 -52.24
CA LEU D 125 -10.67 -16.21 -51.50
C LEU D 125 -9.51 -15.44 -52.15
N ARG D 126 -9.61 -14.12 -52.16
CA ARG D 126 -8.40 -13.35 -52.46
C ARG D 126 -7.40 -13.51 -51.30
N GLU D 127 -6.14 -13.21 -51.57
CA GLU D 127 -5.13 -13.38 -50.51
C GLU D 127 -5.51 -12.56 -49.28
N SER D 128 -5.89 -11.29 -49.49
CA SER D 128 -6.19 -10.41 -48.37
CA SER D 128 -6.20 -10.41 -48.38
C SER D 128 -7.42 -10.86 -47.59
N GLU D 129 -8.40 -11.48 -48.27
CA GLU D 129 -9.57 -12.02 -47.56
C GLU D 129 -9.19 -13.22 -46.70
N LEU D 130 -8.20 -13.99 -47.15
CA LEU D 130 -7.76 -15.15 -46.39
C LEU D 130 -7.02 -14.71 -45.12
N VAL D 131 -6.13 -13.72 -45.26
CA VAL D 131 -5.47 -13.16 -44.09
C VAL D 131 -6.51 -12.68 -43.08
N PHE D 132 -7.46 -11.89 -43.55
CA PHE D 132 -8.53 -11.40 -42.67
C PHE D 132 -9.32 -12.55 -42.06
N GLY D 133 -9.68 -13.55 -42.87
CA GLY D 133 -10.52 -14.63 -42.36
C GLY D 133 -9.89 -15.38 -41.22
N ALA D 134 -8.60 -15.71 -41.34
CA ALA D 134 -7.93 -16.46 -40.30
C ALA D 134 -7.84 -15.63 -39.02
N LYS D 135 -7.53 -14.34 -39.14
CA LYS D 135 -7.55 -13.47 -37.97
C LYS D 135 -8.93 -13.41 -37.32
N GLN D 136 -9.98 -13.43 -38.14
CA GLN D 136 -11.34 -13.38 -37.58
C GLN D 136 -11.73 -14.69 -36.94
N ALA D 137 -11.26 -15.81 -37.49
CA ALA D 137 -11.49 -17.10 -36.88
C ALA D 137 -10.89 -17.17 -35.47
N TRP D 138 -9.64 -16.69 -35.30
CA TRP D 138 -9.05 -16.54 -33.97
C TRP D 138 -9.91 -15.65 -33.08
N ARG D 139 -10.17 -14.42 -33.55
CA ARG D 139 -10.97 -13.47 -32.81
C ARG D 139 -12.29 -14.07 -32.31
N ASN D 140 -12.89 -14.98 -33.09
CA ASN D 140 -14.20 -15.52 -32.75
C ASN D 140 -14.15 -16.74 -31.83
N ALA D 141 -12.96 -17.24 -31.48
CA ALA D 141 -12.81 -18.53 -30.83
C ALA D 141 -13.11 -18.46 -29.32
N PRO D 142 -14.27 -18.99 -28.87
CA PRO D 142 -14.75 -18.64 -27.51
C PRO D 142 -13.88 -19.16 -26.38
N ARG D 143 -13.20 -20.28 -26.58
CA ARG D 143 -12.37 -20.90 -25.56
C ARG D 143 -10.93 -20.43 -25.56
N CYS D 144 -10.52 -19.50 -26.44
CA CYS D 144 -9.13 -19.03 -26.48
C CYS D 144 -8.98 -17.81 -25.58
N VAL D 145 -8.07 -17.89 -24.60
CA VAL D 145 -7.86 -16.79 -23.68
C VAL D 145 -6.81 -15.79 -24.19
N GLY D 146 -5.99 -16.17 -25.16
CA GLY D 146 -5.02 -15.23 -25.73
C GLY D 146 -5.47 -14.39 -26.93
N ARG D 147 -6.75 -14.09 -27.07
CA ARG D 147 -7.18 -13.35 -28.24
C ARG D 147 -6.87 -11.86 -28.18
N ILE D 148 -6.23 -11.35 -27.12
CA ILE D 148 -5.81 -9.94 -27.21
C ILE D 148 -4.88 -9.77 -28.42
N GLN D 149 -4.19 -10.83 -28.81
CA GLN D 149 -3.21 -10.79 -29.88
C GLN D 149 -3.80 -10.91 -31.28
N TRP D 150 -5.13 -11.03 -31.43
CA TRP D 150 -5.70 -11.62 -32.64
C TRP D 150 -5.29 -10.89 -33.92
N GLY D 151 -4.90 -9.62 -33.83
CA GLY D 151 -4.47 -8.89 -35.02
C GLY D 151 -3.01 -9.06 -35.38
N LYS D 152 -2.22 -9.68 -34.50
CA LYS D 152 -0.81 -9.98 -34.78
C LYS D 152 -0.74 -11.47 -35.07
N LEU D 153 -0.82 -11.80 -36.35
CA LEU D 153 -0.87 -13.20 -36.76
C LEU D 153 -0.27 -13.25 -38.15
N GLN D 154 0.70 -14.13 -38.33
CA GLN D 154 1.39 -14.29 -39.60
C GLN D 154 0.70 -15.41 -40.36
N VAL D 155 0.16 -15.08 -41.54
CA VAL D 155 -0.64 -16.01 -42.31
C VAL D 155 0.21 -16.50 -43.48
N PHE D 156 0.55 -17.79 -43.48
CA PHE D 156 1.27 -18.40 -44.60
C PHE D 156 0.26 -19.07 -45.54
N ASP D 157 0.22 -18.59 -46.77
CA ASP D 157 -0.70 -19.11 -47.78
C ASP D 157 -0.10 -20.35 -48.43
N ALA D 158 -0.63 -21.52 -48.14
CA ALA D 158 -0.12 -22.74 -48.78
C ALA D 158 -1.13 -23.34 -49.76
N ARG D 159 -2.03 -22.52 -50.32
CA ARG D 159 -3.13 -23.08 -51.12
C ARG D 159 -2.67 -23.72 -52.42
N ASP D 160 -1.45 -23.47 -52.88
CA ASP D 160 -0.98 -24.14 -54.10
C ASP D 160 -0.18 -25.40 -53.78
N CYS D 161 -0.26 -25.88 -52.54
CA CYS D 161 0.46 -27.09 -52.15
C CYS D 161 -0.11 -28.29 -52.87
N ARG D 162 0.75 -29.22 -53.26
CA ARG D 162 0.33 -30.26 -54.17
C ARG D 162 0.75 -31.68 -53.81
N SER D 163 1.48 -31.88 -52.71
CA SER D 163 1.80 -33.24 -52.32
C SER D 163 2.08 -33.27 -50.83
N ALA D 164 2.21 -34.49 -50.30
CA ALA D 164 2.51 -34.64 -48.87
C ALA D 164 3.93 -34.20 -48.56
N GLN D 165 4.81 -34.23 -49.55
CA GLN D 165 6.17 -33.77 -49.35
C GLN D 165 6.27 -32.26 -49.39
N GLU D 166 5.37 -31.58 -50.10
CA GLU D 166 5.40 -30.13 -50.03
C GLU D 166 4.75 -29.64 -48.75
N MET D 167 3.82 -30.41 -48.19
CA MET D 167 3.22 -30.07 -46.91
C MET D 167 4.28 -29.99 -45.83
N PHE D 168 5.15 -31.01 -45.79
CA PHE D 168 6.20 -31.05 -44.78
C PHE D 168 7.09 -29.81 -44.87
N THR D 169 7.45 -29.40 -46.08
CA THR D 169 8.25 -28.20 -46.27
C THR D 169 7.53 -26.97 -45.74
N TYR D 170 6.22 -26.88 -45.98
CA TYR D 170 5.46 -25.76 -45.43
C TYR D 170 5.39 -25.82 -43.90
N ILE D 171 5.40 -27.03 -43.35
CA ILE D 171 5.25 -27.16 -41.91
C ILE D 171 6.54 -26.76 -41.20
N CYS D 172 7.68 -27.18 -41.73
CA CYS D 172 8.96 -26.80 -41.18
C CYS D 172 9.18 -25.29 -41.24
N ASN D 173 8.88 -24.66 -42.38
CA ASN D 173 8.99 -23.20 -42.43
C ASN D 173 8.11 -22.54 -41.38
N HIS D 174 6.90 -23.08 -41.16
CA HIS D 174 6.04 -22.61 -40.08
C HIS D 174 6.73 -22.80 -38.73
N ILE D 175 7.17 -24.03 -38.43
CA ILE D 175 7.85 -24.31 -37.17
C ILE D 175 9.01 -23.35 -36.99
N LYS D 176 9.81 -23.17 -38.04
CA LYS D 176 10.98 -22.34 -37.94
C LYS D 176 10.59 -20.89 -37.70
N TYR D 177 9.60 -20.39 -38.43
CA TYR D 177 9.19 -19.00 -38.22
C TYR D 177 8.58 -18.78 -36.82
N ALA D 178 7.69 -19.68 -36.38
CA ALA D 178 6.95 -19.45 -35.14
C ALA D 178 7.84 -19.58 -33.92
N THR D 179 8.69 -20.61 -33.92
CA THR D 179 9.68 -20.81 -32.86
C THR D 179 10.58 -19.59 -32.70
N ASN D 180 11.30 -19.25 -33.76
CA ASN D 180 12.15 -18.06 -33.76
C ASN D 180 13.15 -18.10 -32.59
N ARG D 181 13.84 -19.24 -32.47
CA ARG D 181 14.83 -19.52 -31.41
C ARG D 181 14.32 -19.10 -30.01
N GLY D 182 13.06 -19.45 -29.72
CA GLY D 182 12.45 -19.19 -28.45
C GLY D 182 11.67 -17.91 -28.35
N ASN D 183 11.71 -17.03 -29.34
CA ASN D 183 10.91 -15.81 -29.29
C ASN D 183 9.66 -16.01 -30.13
N LEU D 184 8.60 -16.53 -29.51
CA LEU D 184 7.48 -17.10 -30.24
C LEU D 184 6.66 -16.04 -30.97
N ARG D 185 6.27 -16.38 -32.19
CA ARG D 185 5.48 -15.53 -33.07
C ARG D 185 4.27 -16.33 -33.53
N SER D 186 3.09 -15.77 -33.37
CA SER D 186 1.86 -16.45 -33.79
C SER D 186 1.80 -16.64 -35.30
N ALA D 187 1.28 -17.77 -35.73
CA ALA D 187 1.34 -18.06 -37.16
C ALA D 187 0.27 -19.06 -37.54
N ILE D 188 -0.14 -19.04 -38.81
CA ILE D 188 -1.01 -20.08 -39.33
C ILE D 188 -0.66 -20.32 -40.79
N THR D 189 -0.60 -21.60 -41.16
CA THR D 189 -0.42 -22.02 -42.54
C THR D 189 -1.74 -22.61 -43.04
N VAL D 190 -2.20 -22.15 -44.19
CA VAL D 190 -3.49 -22.57 -44.70
C VAL D 190 -3.25 -23.39 -45.97
N PHE D 191 -3.48 -24.70 -45.86
CA PHE D 191 -3.38 -25.60 -47.00
C PHE D 191 -4.66 -25.53 -47.83
N PRO D 192 -4.70 -26.18 -48.99
CA PRO D 192 -5.83 -25.97 -49.92
C PRO D 192 -7.18 -26.32 -49.32
N GLN D 193 -8.21 -25.65 -49.83
CA GLN D 193 -9.57 -25.83 -49.36
C GLN D 193 -10.16 -27.14 -49.84
N ARG D 194 -11.15 -27.62 -49.09
CA ARG D 194 -11.96 -28.75 -49.52
C ARG D 194 -12.66 -28.42 -50.83
N CYS D 195 -12.67 -29.39 -51.74
CA CYS D 195 -13.42 -29.20 -52.97
C CYS D 195 -13.86 -30.55 -53.52
N PRO D 196 -14.99 -30.59 -54.24
CA PRO D 196 -15.54 -31.88 -54.67
C PRO D 196 -14.61 -32.61 -55.64
N GLY D 197 -14.65 -33.93 -55.55
CA GLY D 197 -13.85 -34.74 -56.44
C GLY D 197 -12.39 -34.79 -56.11
N ARG D 198 -12.03 -34.34 -54.90
CA ARG D 198 -10.66 -34.27 -54.42
C ARG D 198 -10.68 -34.57 -52.93
N GLY D 199 -9.80 -35.46 -52.49
CA GLY D 199 -9.62 -35.65 -51.06
C GLY D 199 -9.15 -34.38 -50.38
N ASP D 200 -9.23 -34.40 -49.05
CA ASP D 200 -8.75 -33.29 -48.24
C ASP D 200 -7.27 -33.44 -47.91
N PHE D 201 -6.57 -32.32 -47.79
CA PHE D 201 -5.31 -32.31 -47.07
C PHE D 201 -5.63 -32.44 -45.56
N ARG D 202 -5.01 -33.41 -44.89
CA ARG D 202 -5.15 -33.55 -43.44
C ARG D 202 -3.80 -33.82 -42.80
N ILE D 203 -3.61 -33.27 -41.61
CA ILE D 203 -2.50 -33.60 -40.72
C ILE D 203 -3.08 -34.52 -39.65
N TRP D 204 -2.61 -35.76 -39.57
CA TRP D 204 -3.25 -36.69 -38.64
C TRP D 204 -2.94 -36.31 -37.18
N ASN D 205 -1.70 -35.90 -36.91
CA ASN D 205 -1.32 -35.45 -35.58
C ASN D 205 -2.21 -34.29 -35.14
N SER D 206 -2.46 -34.23 -33.81
CA SER D 206 -3.35 -33.21 -33.26
C SER D 206 -2.60 -31.93 -32.97
N GLN D 207 -1.29 -32.05 -32.79
CA GLN D 207 -0.41 -30.89 -32.68
C GLN D 207 0.86 -31.22 -33.43
N LEU D 208 1.56 -30.18 -33.87
CA LEU D 208 2.78 -30.42 -34.66
C LEU D 208 3.83 -31.15 -33.83
N VAL D 209 3.93 -30.82 -32.55
CA VAL D 209 4.88 -31.47 -31.65
C VAL D 209 4.07 -32.14 -30.55
N ARG D 210 4.24 -33.46 -30.40
CA ARG D 210 3.55 -34.27 -29.40
C ARG D 210 4.49 -35.37 -28.94
N TYR D 211 4.43 -35.67 -27.64
CA TYR D 211 5.28 -36.71 -27.10
C TYR D 211 4.60 -38.06 -27.25
N ALA D 212 5.38 -39.08 -27.59
CA ALA D 212 4.83 -40.41 -27.79
C ALA D 212 4.25 -40.95 -26.50
N GLY D 213 3.18 -41.73 -26.62
CA GLY D 213 2.61 -42.42 -25.48
C GLY D 213 2.42 -43.89 -25.80
N TYR D 214 3.18 -44.76 -25.13
CA TYR D 214 3.21 -46.18 -25.43
C TYR D 214 2.30 -46.96 -24.46
N ARG D 215 1.32 -47.69 -25.00
CA ARG D 215 0.58 -48.64 -24.17
C ARG D 215 1.55 -49.63 -23.55
N GLN D 216 1.63 -49.64 -22.23
CA GLN D 216 2.57 -50.52 -21.56
C GLN D 216 1.97 -51.91 -21.37
N GLN D 217 2.78 -52.80 -20.79
CA GLN D 217 2.36 -54.18 -20.59
C GLN D 217 1.08 -54.28 -19.76
N ASP D 218 0.89 -53.32 -18.84
CA ASP D 218 -0.12 -53.42 -17.79
C ASP D 218 -1.49 -52.90 -18.19
N GLY D 219 -1.57 -52.06 -19.22
CA GLY D 219 -2.67 -51.11 -19.35
C GLY D 219 -2.30 -49.74 -18.82
N SER D 220 -1.08 -49.58 -18.32
CA SER D 220 -0.54 -48.26 -18.01
C SER D 220 0.02 -47.68 -19.30
N VAL D 221 0.74 -46.55 -19.18
CA VAL D 221 1.28 -45.87 -20.36
C VAL D 221 2.61 -45.24 -19.98
N ARG D 222 3.61 -45.42 -20.83
CA ARG D 222 4.84 -44.65 -20.76
C ARG D 222 4.74 -43.52 -21.78
N GLY D 223 5.02 -42.30 -21.33
CA GLY D 223 4.92 -41.15 -22.19
C GLY D 223 3.63 -40.40 -21.94
N ASP D 224 3.07 -39.77 -22.97
CA ASP D 224 1.86 -38.97 -22.79
C ASP D 224 0.64 -39.81 -23.10
N PRO D 225 -0.23 -40.08 -22.12
CA PRO D 225 -1.42 -40.91 -22.40
C PRO D 225 -2.36 -40.34 -23.45
N ALA D 226 -2.39 -39.02 -23.63
CA ALA D 226 -3.24 -38.41 -24.63
C ALA D 226 -2.87 -38.78 -26.05
N ASN D 227 -1.68 -39.34 -26.27
CA ASN D 227 -1.15 -39.57 -27.60
C ASN D 227 -0.94 -41.06 -27.87
N VAL D 228 -1.72 -41.92 -27.21
CA VAL D 228 -1.55 -43.34 -27.48
C VAL D 228 -2.16 -43.74 -28.82
N GLU D 229 -3.25 -43.08 -29.23
CA GLU D 229 -3.88 -43.42 -30.50
C GLU D 229 -2.95 -43.08 -31.66
N ILE D 230 -2.49 -41.82 -31.73
CA ILE D 230 -1.59 -41.40 -32.78
C ILE D 230 -0.24 -42.11 -32.69
N THR D 231 0.16 -42.54 -31.49
CA THR D 231 1.39 -43.32 -31.34
C THR D 231 1.27 -44.66 -32.05
N GLU D 232 0.16 -45.36 -31.82
CA GLU D 232 -0.05 -46.66 -32.45
C GLU D 232 -0.13 -46.53 -33.96
N LEU D 233 -0.72 -45.44 -34.45
CA LEU D 233 -0.81 -45.24 -35.89
C LEU D 233 0.55 -44.93 -36.50
N CYS D 234 1.40 -44.19 -35.78
CA CYS D 234 2.75 -43.92 -36.29
C CYS D 234 3.55 -45.20 -36.43
N ILE D 235 3.53 -46.04 -35.39
CA ILE D 235 4.29 -47.30 -35.44
C ILE D 235 3.90 -48.10 -36.66
N GLN D 236 2.62 -48.44 -36.76
CA GLN D 236 2.15 -49.31 -37.82
C GLN D 236 2.28 -48.69 -39.20
N HIS D 237 2.60 -47.41 -39.29
CA HIS D 237 3.02 -46.78 -40.53
C HIS D 237 4.52 -46.75 -40.70
N GLY D 238 5.24 -47.53 -39.90
CA GLY D 238 6.66 -47.72 -40.08
C GLY D 238 7.57 -46.92 -39.19
N TRP D 239 7.03 -46.13 -38.26
CA TRP D 239 7.91 -45.41 -37.35
C TRP D 239 8.56 -46.39 -36.38
N THR D 240 9.85 -46.23 -36.16
CA THR D 240 10.53 -47.03 -35.16
C THR D 240 10.34 -46.41 -33.79
N PRO D 241 9.73 -47.10 -32.83
CA PRO D 241 9.44 -46.48 -31.53
C PRO D 241 10.67 -46.40 -30.64
N GLY D 242 10.67 -45.40 -29.77
CA GLY D 242 11.58 -45.34 -28.64
C GLY D 242 10.93 -45.92 -27.40
N ASN D 243 11.56 -45.65 -26.25
CA ASN D 243 11.02 -46.10 -24.96
C ASN D 243 11.01 -45.00 -23.90
N GLY D 244 11.17 -43.74 -24.30
CA GLY D 244 11.20 -42.65 -23.34
C GLY D 244 9.82 -42.10 -23.04
N ARG D 245 9.80 -41.15 -22.10
CA ARG D 245 8.58 -40.44 -21.78
C ARG D 245 8.47 -39.13 -22.53
N PHE D 246 9.50 -38.73 -23.28
CA PHE D 246 9.45 -37.47 -24.00
C PHE D 246 9.97 -37.65 -25.42
N ASP D 247 9.50 -38.69 -26.11
CA ASP D 247 9.88 -38.96 -27.48
C ASP D 247 8.99 -38.18 -28.42
N VAL D 248 9.59 -37.35 -29.26
CA VAL D 248 8.81 -36.55 -30.19
C VAL D 248 8.26 -37.44 -31.29
N LEU D 249 6.95 -37.37 -31.51
CA LEU D 249 6.32 -38.17 -32.55
C LEU D 249 6.60 -37.60 -33.93
N PRO D 250 6.70 -38.47 -34.93
CA PRO D 250 6.74 -38.00 -36.33
C PRO D 250 5.40 -37.42 -36.75
N LEU D 251 5.39 -36.87 -37.95
CA LEU D 251 4.18 -36.32 -38.54
C LEU D 251 3.58 -37.33 -39.51
N LEU D 252 2.25 -37.48 -39.47
CA LEU D 252 1.51 -38.21 -40.48
C LEU D 252 0.78 -37.18 -41.31
N LEU D 253 1.24 -37.00 -42.55
CA LEU D 253 0.67 -36.03 -43.48
C LEU D 253 -0.11 -36.76 -44.57
N GLN D 254 -1.32 -36.28 -44.84
CA GLN D 254 -2.21 -36.88 -45.83
C GLN D 254 -2.47 -35.87 -46.94
N ALA D 255 -1.92 -36.14 -48.13
CA ALA D 255 -2.29 -35.44 -49.35
C ALA D 255 -3.53 -36.08 -49.95
N PRO D 256 -4.31 -35.33 -50.77
CA PRO D 256 -5.57 -35.87 -51.30
C PRO D 256 -5.49 -37.26 -51.91
N ASP D 257 -6.30 -38.19 -51.38
CA ASP D 257 -6.57 -39.51 -51.97
C ASP D 257 -5.37 -40.43 -51.93
N GLU D 258 -4.47 -40.22 -50.97
CA GLU D 258 -3.38 -41.14 -50.73
C GLU D 258 -3.35 -41.43 -49.24
N PRO D 259 -2.94 -42.62 -48.83
CA PRO D 259 -2.77 -42.88 -47.40
C PRO D 259 -1.71 -41.97 -46.81
N PRO D 260 -1.74 -41.76 -45.50
CA PRO D 260 -0.87 -40.75 -44.90
C PRO D 260 0.60 -41.15 -44.98
N GLU D 261 1.46 -40.14 -44.96
CA GLU D 261 2.89 -40.34 -45.08
C GLU D 261 3.60 -39.84 -43.82
N LEU D 262 4.61 -40.58 -43.41
CA LEU D 262 5.37 -40.32 -42.21
C LEU D 262 6.56 -39.42 -42.52
N PHE D 263 6.71 -38.34 -41.75
CA PHE D 263 7.87 -37.47 -41.83
C PHE D 263 8.43 -37.19 -40.44
N LEU D 264 9.76 -37.26 -40.31
CA LEU D 264 10.44 -36.99 -39.04
C LEU D 264 10.82 -35.52 -38.95
N LEU D 265 10.46 -34.88 -37.84
CA LEU D 265 10.85 -33.50 -37.67
C LEU D 265 12.36 -33.42 -37.40
N PRO D 266 13.07 -32.50 -38.04
CA PRO D 266 14.48 -32.25 -37.70
C PRO D 266 14.60 -31.90 -36.23
N PRO D 267 15.34 -32.69 -35.46
CA PRO D 267 15.45 -32.43 -34.02
C PRO D 267 15.82 -30.99 -33.66
N GLU D 268 16.56 -30.28 -34.52
CA GLU D 268 16.96 -28.91 -34.22
C GLU D 268 15.89 -27.88 -34.56
N LEU D 269 14.74 -28.32 -35.05
CA LEU D 269 13.55 -27.50 -35.20
C LEU D 269 12.63 -27.56 -33.98
N VAL D 270 12.77 -28.60 -33.16
CA VAL D 270 11.87 -28.86 -32.04
C VAL D 270 12.55 -28.36 -30.78
N LEU D 271 12.21 -27.14 -30.38
CA LEU D 271 12.81 -26.50 -29.21
C LEU D 271 12.10 -26.99 -27.94
N GLU D 272 12.91 -27.39 -26.94
CA GLU D 272 12.39 -28.02 -25.74
C GLU D 272 13.00 -27.35 -24.51
N VAL D 273 12.21 -27.25 -23.45
CA VAL D 273 12.66 -26.65 -22.19
C VAL D 273 12.79 -27.77 -21.17
N PRO D 274 13.99 -28.05 -20.65
CA PRO D 274 14.09 -28.87 -19.44
C PRO D 274 13.44 -28.13 -18.28
N LEU D 275 12.80 -28.89 -17.40
CA LEU D 275 12.12 -28.33 -16.26
C LEU D 275 13.00 -28.43 -15.02
N GLU D 276 13.33 -27.28 -14.44
CA GLU D 276 13.96 -27.19 -13.14
C GLU D 276 13.19 -26.20 -12.29
N HIS D 277 13.39 -26.28 -10.97
CA HIS D 277 12.71 -25.38 -10.07
C HIS D 277 13.72 -24.40 -9.48
N PRO D 278 13.37 -23.13 -9.31
CA PRO D 278 14.40 -22.16 -8.90
C PRO D 278 14.92 -22.44 -7.51
N THR D 279 14.08 -22.94 -6.63
CA THR D 279 14.56 -23.30 -5.33
C THR D 279 14.49 -24.79 -5.03
N LEU D 280 13.74 -25.62 -5.74
CA LEU D 280 13.73 -27.05 -5.37
C LEU D 280 14.69 -27.80 -6.28
N GLU D 281 15.94 -27.92 -5.82
CA GLU D 281 16.99 -28.43 -6.69
C GLU D 281 16.77 -29.89 -7.09
N TRP D 282 16.10 -30.70 -6.27
CA TRP D 282 15.87 -32.08 -6.70
C TRP D 282 14.94 -32.16 -7.91
N PHE D 283 14.14 -31.13 -8.15
CA PHE D 283 13.17 -31.15 -9.26
C PHE D 283 13.81 -31.58 -10.57
N ALA D 284 15.02 -31.07 -10.86
CA ALA D 284 15.67 -31.37 -12.12
C ALA D 284 15.83 -32.87 -12.33
N ALA D 285 16.08 -33.61 -11.25
CA ALA D 285 16.25 -35.06 -11.32
C ALA D 285 14.98 -35.80 -11.76
N LEU D 286 13.81 -35.16 -11.66
CA LEU D 286 12.58 -35.77 -12.18
C LEU D 286 12.66 -36.04 -13.69
N GLY D 287 13.52 -35.31 -14.40
CA GLY D 287 13.67 -35.54 -15.84
C GLY D 287 12.57 -34.95 -16.70
N LEU D 288 11.97 -33.85 -16.28
CA LEU D 288 10.81 -33.30 -16.97
C LEU D 288 11.23 -32.26 -18.02
N ARG D 289 10.55 -32.30 -19.16
CA ARG D 289 10.75 -31.37 -20.27
C ARG D 289 9.42 -31.15 -20.94
N TRP D 290 9.26 -29.98 -21.57
CA TRP D 290 8.14 -29.75 -22.47
C TRP D 290 8.65 -29.01 -23.70
N TYR D 291 7.87 -29.04 -24.79
CA TYR D 291 8.30 -28.40 -26.02
C TYR D 291 7.87 -26.93 -26.01
N ALA D 292 8.52 -26.14 -26.87
CA ALA D 292 8.33 -24.69 -26.81
C ALA D 292 7.03 -24.25 -27.46
N LEU D 293 6.58 -24.96 -28.49
CA LEU D 293 5.62 -24.43 -29.47
C LEU D 293 4.33 -25.24 -29.46
N PRO D 294 3.24 -24.65 -29.02
CA PRO D 294 1.92 -25.28 -29.13
C PRO D 294 1.34 -25.03 -30.51
N ALA D 295 1.23 -26.07 -31.32
CA ALA D 295 0.80 -25.87 -32.71
C ALA D 295 -0.30 -26.88 -33.02
N VAL D 296 -1.54 -26.42 -32.82
CA VAL D 296 -2.71 -27.24 -33.10
C VAL D 296 -2.83 -27.45 -34.61
N SER D 297 -3.11 -28.69 -35.01
CA SER D 297 -3.02 -29.12 -36.39
C SER D 297 -4.23 -29.92 -36.88
N ASN D 298 -5.25 -30.09 -36.05
CA ASN D 298 -6.38 -30.93 -36.42
C ASN D 298 -7.71 -30.20 -36.43
N MET D 299 -7.74 -28.89 -36.23
CA MET D 299 -9.02 -28.20 -36.40
C MET D 299 -9.23 -27.75 -37.86
N LEU D 300 -10.50 -27.53 -38.22
CA LEU D 300 -10.86 -27.07 -39.56
C LEU D 300 -11.13 -25.58 -39.51
N LEU D 301 -10.56 -24.85 -40.45
CA LEU D 301 -10.82 -23.43 -40.54
C LEU D 301 -11.87 -23.19 -41.63
N GLU D 302 -12.89 -22.41 -41.29
CA GLU D 302 -14.05 -22.17 -42.13
C GLU D 302 -14.17 -20.66 -42.36
N ILE D 303 -14.11 -20.25 -43.63
CA ILE D 303 -14.15 -18.85 -44.03
C ILE D 303 -15.13 -18.71 -45.18
N GLY D 304 -16.15 -17.88 -45.00
CA GLY D 304 -17.08 -17.58 -46.08
C GLY D 304 -17.68 -18.81 -46.73
N GLY D 305 -18.01 -19.83 -45.95
CA GLY D 305 -18.51 -21.06 -46.48
C GLY D 305 -17.46 -22.04 -46.95
N LEU D 306 -16.22 -21.60 -47.12
CA LEU D 306 -15.15 -22.50 -47.55
C LEU D 306 -14.49 -23.11 -46.32
N GLU D 307 -14.07 -24.36 -46.49
CA GLU D 307 -13.52 -25.16 -45.41
C GLU D 307 -12.10 -25.54 -45.76
N PHE D 308 -11.19 -25.35 -44.82
CA PHE D 308 -9.80 -25.73 -44.98
C PHE D 308 -9.55 -26.78 -43.90
N PRO D 309 -9.64 -28.07 -44.25
CA PRO D 309 -9.42 -29.13 -43.24
C PRO D 309 -8.05 -29.07 -42.61
N ALA D 310 -7.06 -28.57 -43.31
CA ALA D 310 -5.69 -28.54 -42.82
C ALA D 310 -5.29 -27.07 -42.78
N ALA D 311 -5.03 -26.57 -41.56
CA ALA D 311 -4.65 -25.18 -41.35
C ALA D 311 -3.97 -24.98 -40.00
N PRO D 312 -2.83 -25.62 -39.75
CA PRO D 312 -2.19 -25.57 -38.42
C PRO D 312 -1.91 -24.16 -37.96
N PHE D 313 -2.17 -23.88 -36.67
CA PHE D 313 -1.91 -22.56 -36.11
C PHE D 313 -1.17 -22.70 -34.78
N SER D 314 -0.43 -21.67 -34.42
CA SER D 314 0.41 -21.78 -33.23
C SER D 314 0.59 -20.41 -32.62
N GLY D 315 0.74 -20.40 -31.29
CA GLY D 315 1.01 -19.18 -30.56
C GLY D 315 2.11 -19.45 -29.54
N TRP D 316 1.85 -19.16 -28.28
CA TRP D 316 2.71 -19.59 -27.19
C TRP D 316 1.85 -20.12 -26.04
N TYR D 317 2.52 -20.73 -25.08
CA TYR D 317 1.83 -21.41 -24.00
C TYR D 317 1.40 -20.46 -22.91
N MET D 318 0.23 -20.73 -22.32
CA MET D 318 -0.09 -20.29 -20.98
C MET D 318 0.40 -21.37 -20.00
N SER D 319 1.24 -20.97 -19.04
CA SER D 319 1.97 -21.94 -18.19
C SER D 319 1.06 -22.96 -17.51
N THR D 320 -0.17 -22.60 -17.18
CA THR D 320 -0.96 -23.65 -16.56
C THR D 320 -1.37 -24.76 -17.53
N GLU D 321 -1.28 -24.60 -18.87
CA GLU D 321 -1.57 -25.78 -19.70
C GLU D 321 -0.48 -26.84 -19.51
N ILE D 322 0.75 -26.42 -19.35
CA ILE D 322 1.85 -27.34 -19.12
C ILE D 322 1.85 -27.82 -17.67
N GLY D 323 1.76 -26.89 -16.74
CA GLY D 323 1.99 -27.18 -15.34
C GLY D 323 0.89 -28.04 -14.76
N THR D 324 -0.34 -27.54 -14.85
CA THR D 324 -1.50 -28.17 -14.26
C THR D 324 -2.09 -29.26 -15.14
N ARG D 325 -2.34 -28.99 -16.43
CA ARG D 325 -3.10 -29.94 -17.23
C ARG D 325 -2.23 -31.07 -17.82
N ASN D 326 -1.10 -30.74 -18.44
CA ASN D 326 -0.31 -31.79 -19.08
C ASN D 326 0.46 -32.62 -18.06
N LEU D 327 0.94 -32.00 -16.99
CA LEU D 327 1.71 -32.73 -15.99
C LEU D 327 0.90 -33.18 -14.77
N CYS D 328 -0.24 -32.56 -14.43
CA CYS D 328 -0.97 -32.94 -13.20
C CYS D 328 -2.34 -33.57 -13.40
N ASP D 329 -2.93 -33.53 -14.61
CA ASP D 329 -4.14 -34.30 -14.84
C ASP D 329 -3.85 -35.76 -14.47
N PRO D 330 -4.75 -36.43 -13.73
CA PRO D 330 -4.48 -37.83 -13.38
C PRO D 330 -4.32 -38.72 -14.58
N HIS D 331 -4.98 -38.37 -15.70
CA HIS D 331 -4.94 -39.16 -16.93
C HIS D 331 -3.91 -38.62 -17.91
N ARG D 332 -3.01 -37.75 -17.48
CA ARG D 332 -1.84 -37.39 -18.29
C ARG D 332 -0.57 -37.86 -17.61
N TYR D 333 0.41 -36.97 -17.41
CA TYR D 333 1.69 -37.41 -16.82
C TYR D 333 1.59 -37.68 -15.32
N ASN D 334 0.61 -37.09 -14.65
CA ASN D 334 0.18 -37.49 -13.30
C ASN D 334 1.36 -37.56 -12.33
N ILE D 335 2.04 -36.43 -12.16
CA ILE D 335 3.24 -36.36 -11.31
C ILE D 335 2.98 -35.70 -9.97
N LEU D 336 1.73 -35.31 -9.69
CA LEU D 336 1.41 -34.49 -8.52
C LEU D 336 1.84 -35.17 -7.23
N GLU D 337 1.53 -36.46 -7.09
CA GLU D 337 1.78 -37.12 -5.82
C GLU D 337 3.27 -37.32 -5.61
N ASP D 338 4.04 -37.48 -6.70
CA ASP D 338 5.47 -37.71 -6.55
C ASP D 338 6.17 -36.42 -6.14
N VAL D 339 5.72 -35.29 -6.67
CA VAL D 339 6.28 -34.01 -6.28
C VAL D 339 5.97 -33.73 -4.81
N ALA D 340 4.72 -33.99 -4.40
CA ALA D 340 4.28 -33.73 -3.04
C ALA D 340 5.10 -34.51 -2.02
N VAL D 341 5.40 -35.77 -2.33
CA VAL D 341 6.25 -36.59 -1.45
C VAL D 341 7.64 -35.99 -1.39
N CYS D 342 8.22 -35.67 -2.55
CA CYS D 342 9.54 -35.06 -2.57
C CYS D 342 9.58 -33.74 -1.79
N MET D 343 8.47 -32.99 -1.78
CA MET D 343 8.39 -31.78 -0.98
C MET D 343 8.12 -32.06 0.49
N ASP D 344 7.91 -33.33 0.85
CA ASP D 344 7.67 -33.76 2.23
C ASP D 344 6.32 -33.23 2.76
N LEU D 345 5.33 -33.22 1.89
CA LEU D 345 3.99 -32.84 2.30
C LEU D 345 3.24 -34.04 2.87
N ASP D 346 2.24 -33.77 3.70
CA ASP D 346 1.49 -34.87 4.29
C ASP D 346 0.47 -35.36 3.27
N THR D 347 0.85 -36.38 2.50
CA THR D 347 0.02 -36.85 1.39
C THR D 347 -1.16 -37.71 1.84
N ARG D 348 -1.41 -37.82 3.14
CA ARG D 348 -2.36 -38.80 3.63
C ARG D 348 -3.74 -38.24 3.98
N THR D 349 -3.89 -36.91 4.10
CA THR D 349 -5.20 -36.30 4.27
C THR D 349 -5.38 -35.17 3.28
N THR D 350 -6.59 -35.04 2.74
CA THR D 350 -6.84 -33.95 1.79
C THR D 350 -6.69 -32.59 2.47
N SER D 351 -6.95 -32.53 3.77
CA SER D 351 -7.05 -31.24 4.44
C SER D 351 -5.70 -30.56 4.65
N SER D 352 -4.59 -31.21 4.27
CA SER D 352 -3.33 -30.48 4.26
C SER D 352 -3.16 -29.65 2.99
N LEU D 353 -3.98 -29.91 1.97
CA LEU D 353 -3.87 -29.21 0.69
C LEU D 353 -2.51 -29.45 0.07
N TRP D 354 -1.98 -30.66 0.26
CA TRP D 354 -0.77 -31.02 -0.45
C TRP D 354 -0.94 -30.88 -1.95
N LYS D 355 -2.07 -31.33 -2.51
CA LYS D 355 -2.23 -31.25 -3.96
C LYS D 355 -2.06 -29.82 -4.45
N ASP D 356 -2.74 -28.88 -3.81
CA ASP D 356 -2.64 -27.48 -4.21
C ASP D 356 -1.21 -26.98 -4.06
N LYS D 357 -0.52 -27.39 -2.99
CA LYS D 357 0.83 -26.91 -2.74
C LYS D 357 1.80 -27.42 -3.80
N ALA D 358 1.72 -28.70 -4.13
CA ALA D 358 2.66 -29.21 -5.12
C ALA D 358 2.31 -28.70 -6.52
N ALA D 359 1.02 -28.49 -6.80
CA ALA D 359 0.65 -28.02 -8.12
C ALA D 359 1.17 -26.60 -8.34
N VAL D 360 1.17 -25.77 -7.28
CA VAL D 360 1.72 -24.43 -7.42
C VAL D 360 3.20 -24.51 -7.74
N GLU D 361 3.97 -25.30 -6.97
CA GLU D 361 5.41 -25.38 -7.23
C GLU D 361 5.70 -25.94 -8.62
N ILE D 362 4.83 -26.80 -9.15
CA ILE D 362 5.04 -27.30 -10.51
C ILE D 362 4.82 -26.19 -11.53
N ASN D 363 3.88 -25.29 -11.26
CA ASN D 363 3.67 -24.14 -12.14
C ASN D 363 4.80 -23.14 -12.02
N VAL D 364 5.34 -22.94 -10.81
CA VAL D 364 6.50 -22.09 -10.63
C VAL D 364 7.68 -22.62 -11.45
N ALA D 365 7.88 -23.94 -11.45
CA ALA D 365 9.03 -24.47 -12.18
C ALA D 365 8.89 -24.25 -13.70
N VAL D 366 7.71 -24.51 -14.26
CA VAL D 366 7.42 -24.28 -15.68
C VAL D 366 7.77 -22.84 -16.07
N LEU D 367 7.11 -21.87 -15.45
CA LEU D 367 7.44 -20.46 -15.67
C LEU D 367 8.94 -20.22 -15.57
N HIS D 368 9.56 -20.68 -14.48
CA HIS D 368 10.98 -20.40 -14.28
C HIS D 368 11.85 -21.02 -15.36
N SER D 369 11.55 -22.28 -15.73
CA SER D 369 12.34 -22.93 -16.77
C SER D 369 12.16 -22.23 -18.13
N TYR D 370 10.96 -21.75 -18.43
CA TYR D 370 10.79 -21.16 -19.76
C TYR D 370 11.48 -19.79 -19.84
N GLN D 371 11.37 -18.99 -18.78
CA GLN D 371 12.07 -17.71 -18.73
C GLN D 371 13.57 -17.90 -18.77
N LEU D 372 14.06 -18.99 -18.18
CA LEU D 372 15.49 -19.23 -18.12
C LEU D 372 16.03 -19.65 -19.48
N ALA D 373 15.28 -20.48 -20.19
CA ALA D 373 15.61 -20.87 -21.56
C ALA D 373 15.27 -19.78 -22.57
N LYS D 374 14.68 -18.67 -22.14
CA LYS D 374 14.31 -17.56 -23.03
C LYS D 374 13.30 -18.02 -24.09
N VAL D 375 12.32 -18.80 -23.66
CA VAL D 375 11.18 -19.18 -24.49
C VAL D 375 9.95 -18.46 -23.95
N THR D 376 9.23 -17.80 -24.85
CA THR D 376 8.01 -17.08 -24.51
C THR D 376 7.05 -17.99 -23.76
N ILE D 377 6.37 -17.42 -22.77
CA ILE D 377 5.37 -18.14 -22.01
C ILE D 377 4.64 -17.06 -21.23
N VAL D 378 3.38 -17.31 -20.89
CA VAL D 378 2.63 -16.36 -20.09
C VAL D 378 1.95 -17.10 -18.95
N ASP D 379 1.93 -16.48 -17.77
CA ASP D 379 1.27 -17.11 -16.64
C ASP D 379 -0.20 -16.71 -16.61
N HIS D 380 -0.99 -17.45 -15.81
CA HIS D 380 -2.43 -17.33 -15.97
C HIS D 380 -2.96 -16.00 -15.41
N HIS D 381 -2.15 -15.30 -14.63
CA HIS D 381 -2.57 -13.98 -14.14
C HIS D 381 -2.44 -12.93 -15.22
N ALA D 382 -1.36 -13.01 -16.00
CA ALA D 382 -1.16 -12.06 -17.07
C ALA D 382 -2.10 -12.36 -18.21
N ALA D 383 -2.23 -13.65 -18.55
CA ALA D 383 -3.13 -14.09 -19.62
C ALA D 383 -4.55 -13.58 -19.40
N THR D 384 -5.13 -13.85 -18.23
CA THR D 384 -6.51 -13.48 -17.97
C THR D 384 -6.68 -11.97 -17.84
N ALA D 385 -5.65 -11.27 -17.36
CA ALA D 385 -5.73 -9.81 -17.28
C ALA D 385 -5.74 -9.17 -18.67
N SER D 386 -5.00 -9.76 -19.62
CA SER D 386 -5.01 -9.27 -20.99
C SER D 386 -6.31 -9.63 -21.67
N PHE D 387 -6.92 -10.75 -21.29
CA PHE D 387 -8.24 -11.08 -21.82
C PHE D 387 -9.28 -10.05 -21.41
N MET D 388 -9.24 -9.59 -20.16
CA MET D 388 -10.18 -8.57 -19.74
C MET D 388 -10.04 -7.32 -20.62
N LYS D 389 -8.81 -7.00 -21.03
CA LYS D 389 -8.60 -5.87 -21.91
C LYS D 389 -9.20 -6.12 -23.29
N HIS D 390 -9.09 -7.37 -23.77
CA HIS D 390 -9.76 -7.80 -24.99
C HIS D 390 -11.26 -7.62 -24.91
N LEU D 391 -11.88 -8.12 -23.83
CA LEU D 391 -13.32 -7.97 -23.73
C LEU D 391 -13.71 -6.50 -23.80
N GLU D 392 -12.96 -5.64 -23.12
CA GLU D 392 -13.25 -4.21 -23.20
C GLU D 392 -13.08 -3.68 -24.61
N ASN D 393 -12.06 -4.15 -25.34
CA ASN D 393 -11.87 -3.70 -26.72
C ASN D 393 -13.04 -4.14 -27.57
N GLU D 394 -13.39 -5.43 -27.50
CA GLU D 394 -14.43 -6.02 -28.33
C GLU D 394 -15.80 -5.39 -28.07
N GLN D 395 -16.13 -5.12 -26.81
CA GLN D 395 -17.35 -4.37 -26.53
C GLN D 395 -17.40 -3.08 -27.37
N LYS D 396 -16.30 -2.31 -27.37
CA LYS D 396 -16.24 -1.10 -28.17
C LYS D 396 -16.37 -1.43 -29.65
N ALA D 397 -15.55 -2.36 -30.13
CA ALA D 397 -15.45 -2.66 -31.56
C ALA D 397 -16.73 -3.30 -32.10
N ARG D 398 -17.26 -4.31 -31.40
CA ARG D 398 -18.35 -5.12 -31.93
C ARG D 398 -19.58 -5.17 -31.04
N GLY D 399 -19.54 -4.64 -29.82
CA GLY D 399 -20.67 -4.73 -28.93
C GLY D 399 -20.80 -6.10 -28.29
N GLY D 400 -19.70 -6.79 -28.08
CA GLY D 400 -19.76 -8.14 -27.54
C GLY D 400 -18.56 -8.95 -27.97
N CYS D 401 -18.48 -10.15 -27.41
CA CYS D 401 -17.35 -11.05 -27.55
C CYS D 401 -17.77 -12.44 -27.11
N PRO D 402 -17.76 -13.45 -27.97
CA PRO D 402 -18.08 -14.81 -27.52
C PRO D 402 -16.99 -15.34 -26.61
N ALA D 403 -17.39 -15.87 -25.46
CA ALA D 403 -16.44 -16.34 -24.45
C ALA D 403 -17.06 -17.49 -23.68
N ASP D 404 -16.34 -18.60 -23.59
CA ASP D 404 -16.77 -19.81 -22.88
C ASP D 404 -16.11 -19.78 -21.49
N TRP D 405 -16.88 -19.38 -20.48
CA TRP D 405 -16.35 -19.16 -19.14
C TRP D 405 -15.53 -20.33 -18.63
N ALA D 406 -16.03 -21.54 -18.79
CA ALA D 406 -15.33 -22.68 -18.19
C ALA D 406 -13.97 -22.92 -18.82
N TRP D 407 -13.71 -22.39 -20.01
CA TRP D 407 -12.41 -22.55 -20.65
C TRP D 407 -11.49 -21.35 -20.50
N ILE D 408 -12.06 -20.16 -20.34
CA ILE D 408 -11.26 -18.95 -20.10
C ILE D 408 -10.66 -18.95 -18.67
N VAL D 409 -11.42 -19.40 -17.66
CA VAL D 409 -10.97 -19.46 -16.27
C VAL D 409 -9.87 -20.51 -16.12
N PRO D 410 -8.70 -20.13 -15.61
CA PRO D 410 -7.58 -21.07 -15.48
C PRO D 410 -7.95 -22.28 -14.66
N PRO D 411 -7.30 -23.42 -14.89
CA PRO D 411 -7.60 -24.64 -14.12
C PRO D 411 -7.08 -24.63 -12.69
N ILE D 412 -6.28 -23.64 -12.29
CA ILE D 412 -5.99 -23.38 -10.88
C ILE D 412 -6.23 -21.90 -10.61
N SER D 413 -6.48 -21.58 -9.35
CA SER D 413 -6.59 -20.20 -8.85
C SER D 413 -7.67 -19.38 -9.54
N GLY D 414 -8.71 -20.02 -10.10
CA GLY D 414 -9.76 -19.33 -10.82
C GLY D 414 -10.23 -17.99 -10.25
N SER D 415 -10.76 -18.00 -9.02
CA SER D 415 -11.27 -16.75 -8.46
C SER D 415 -10.17 -15.74 -8.14
N LEU D 416 -8.90 -16.12 -8.29
CA LEU D 416 -7.82 -15.16 -8.13
C LEU D 416 -7.58 -14.32 -9.36
N THR D 417 -8.11 -14.71 -10.49
CA THR D 417 -8.02 -14.06 -11.78
C THR D 417 -9.31 -13.29 -12.07
N PRO D 418 -9.23 -12.15 -12.77
CA PRO D 418 -10.40 -11.28 -12.89
C PRO D 418 -11.49 -11.86 -13.81
N VAL D 419 -11.17 -12.84 -14.65
CA VAL D 419 -12.21 -13.39 -15.53
C VAL D 419 -13.16 -14.29 -14.76
N PHE D 420 -12.79 -14.71 -13.55
CA PHE D 420 -13.72 -15.51 -12.75
C PHE D 420 -14.98 -14.72 -12.49
N HIS D 421 -14.84 -13.44 -12.21
CA HIS D 421 -15.95 -12.61 -11.78
C HIS D 421 -16.66 -11.93 -12.94
N GLN D 422 -16.29 -12.26 -14.19
CA GLN D 422 -16.90 -11.68 -15.39
C GLN D 422 -17.93 -12.66 -15.93
N GLU D 423 -19.19 -12.25 -15.92
CA GLU D 423 -20.19 -13.00 -16.68
C GLU D 423 -19.81 -12.97 -18.18
N MET D 424 -20.16 -14.04 -18.89
CA MET D 424 -19.78 -14.18 -20.29
C MET D 424 -20.92 -14.82 -21.08
N VAL D 425 -20.93 -14.58 -22.39
CA VAL D 425 -21.95 -15.12 -23.28
C VAL D 425 -21.25 -15.96 -24.34
N ASN D 426 -21.66 -17.21 -24.47
CA ASN D 426 -21.02 -18.13 -25.41
C ASN D 426 -21.88 -18.27 -26.67
N TYR D 427 -21.30 -18.02 -27.85
CA TYR D 427 -22.02 -18.19 -29.12
C TYR D 427 -21.03 -18.41 -30.25
N PHE D 428 -21.57 -18.75 -31.43
CA PHE D 428 -20.74 -19.18 -32.54
C PHE D 428 -20.83 -18.16 -33.67
N LEU D 429 -19.78 -17.38 -33.86
CA LEU D 429 -19.67 -16.47 -34.99
C LEU D 429 -18.83 -17.12 -36.09
N SER D 430 -18.97 -16.61 -37.31
CA SER D 430 -18.18 -17.11 -38.42
C SER D 430 -17.44 -15.96 -39.11
N PRO D 431 -16.24 -16.21 -39.63
CA PRO D 431 -15.40 -17.43 -39.69
C PRO D 431 -14.98 -18.00 -38.32
N ALA D 432 -14.53 -19.26 -38.35
CA ALA D 432 -14.38 -20.00 -37.12
C ALA D 432 -13.44 -21.18 -37.31
N PHE D 433 -12.79 -21.56 -36.23
CA PHE D 433 -12.11 -22.84 -36.12
C PHE D 433 -13.10 -23.82 -35.52
N ARG D 434 -13.15 -25.01 -36.09
CA ARG D 434 -14.07 -26.05 -35.68
C ARG D 434 -13.30 -27.35 -35.50
N TYR D 435 -13.79 -28.18 -34.59
CA TYR D 435 -13.31 -29.53 -34.48
C TYR D 435 -13.87 -30.38 -35.60
N GLN D 436 -13.13 -31.40 -35.99
CA GLN D 436 -13.58 -32.29 -37.05
C GLN D 436 -13.25 -33.72 -36.65
N PRO D 437 -13.96 -34.69 -37.23
CA PRO D 437 -13.65 -36.09 -36.90
C PRO D 437 -12.20 -36.42 -37.22
N ASP D 438 -11.64 -37.33 -36.42
CA ASP D 438 -10.32 -37.86 -36.73
C ASP D 438 -10.36 -38.53 -38.10
N PRO D 439 -9.33 -38.34 -38.94
CA PRO D 439 -9.39 -38.83 -40.32
C PRO D 439 -9.13 -40.32 -40.46
N TRP D 440 -9.10 -41.07 -39.37
CA TRP D 440 -9.03 -42.51 -39.46
C TRP D 440 -10.30 -43.14 -38.89
CHA HEM E . 23.04 28.43 2.50
CHB HEM E . 22.64 24.33 -0.06
CHC HEM E . 26.39 25.69 -2.85
CHD HEM E . 27.13 29.48 0.08
C1A HEM E . 22.53 27.24 2.02
C2A HEM E . 21.29 26.59 2.39
C3A HEM E . 21.20 25.47 1.67
C4A HEM E . 22.37 25.35 0.83
CMA HEM E . 20.06 24.44 1.71
CAA HEM E . 20.24 27.09 3.40
CBA HEM E . 19.80 28.50 2.96
CGA HEM E . 18.32 28.70 3.18
O1A HEM E . 17.72 27.82 3.83
O2A HEM E . 17.76 29.72 2.71
C1B HEM E . 23.60 24.35 -1.05
C2B HEM E . 23.78 23.34 -2.09
C3B HEM E . 24.81 23.69 -2.85
C4B HEM E . 25.33 24.95 -2.35
CMB HEM E . 22.93 22.07 -2.25
CAB HEM E . 25.31 22.86 -4.07
CBB HEM E . 26.48 23.05 -4.69
C1C HEM E . 26.88 26.88 -2.35
C2C HEM E . 27.88 27.76 -2.96
C3C HEM E . 28.06 28.81 -2.16
C4C HEM E . 27.22 28.63 -0.99
CMC HEM E . 28.56 27.52 -4.33
CAC HEM E . 29.02 30.00 -2.33
CBC HEM E . 30.27 29.83 -2.77
C1D HEM E . 26.07 29.55 0.96
C2D HEM E . 25.84 30.62 1.90
C3D HEM E . 24.73 30.33 2.57
C4D HEM E . 24.20 29.07 2.08
CMD HEM E . 26.72 31.87 2.13
CAD HEM E . 24.16 31.24 3.68
CBD HEM E . 24.19 30.43 4.95
CGD HEM E . 25.04 31.09 6.00
O1D HEM E . 24.47 31.83 6.85
O2D HEM E . 26.28 30.85 5.99
NA HEM E . 23.16 26.45 1.07
NB HEM E . 24.56 25.31 -1.24
NC HEM E . 26.52 27.45 -1.14
ND HEM E . 25.05 28.63 1.09
FE HEM E . 25.02 26.86 0.14
N1 H4B F . 16.47 26.49 7.92
C2 H4B F . 16.68 26.81 6.62
N2 H4B F . 17.42 25.99 5.82
N3 H4B F . 16.14 27.96 6.13
C4 H4B F . 15.40 28.79 6.90
O4 H4B F . 14.92 29.86 6.44
C4A H4B F . 15.20 28.46 8.23
C8A H4B F . 15.75 27.29 8.73
N5 H4B F . 14.48 29.26 9.04
N8 H4B F . 15.57 26.96 10.04
C6 H4B F . 14.82 29.22 10.44
C7 H4B F . 14.79 27.79 10.96
C9 H4B F . 13.88 30.14 11.22
O9 H4B F . 12.54 29.91 10.79
C10 H4B F . 13.94 29.91 12.72
C11 H4B F . 13.06 30.95 13.42
O10 H4B F . 15.29 30.01 13.18
C11 A1A0N G . 20.36 29.54 -0.83
C12 A1A0N G . 21.11 30.36 0.00
C02 A1A0N G . 21.28 26.34 -2.51
C03 A1A0N G . 22.46 26.69 -3.16
C04 A1A0N G . 22.95 27.98 -3.02
C05 A1A0N G . 22.24 28.88 -2.24
C06 A1A0N G . 21.06 28.49 -1.60
C07 A1A0N G . 24.22 28.42 -3.69
C13 A1A0N G . 20.50 31.37 0.71
C14 A1A0N G . 19.13 31.58 0.60
C15 A1A0N G . 18.36 30.76 -0.22
C16 A1A0N G . 18.99 29.75 -0.95
C17 A1A0N G . 16.88 31.03 -0.37
C19 A1A0N G . 14.89 31.31 0.85
C20 A1A0N G . 15.50 29.11 0.11
N01 A1A0N G . 20.60 27.24 -1.77
N02 A1A0N G . 20.79 25.08 -2.64
N18 A1A0N G . 16.02 30.39 0.63
CL13 A1A0N G . 21.51 32.39 1.77
C1 BTB H . -9.27 17.07 -8.11
O1 BTB H . -9.75 17.85 -7.02
C2 BTB H . -10.05 15.75 -8.09
C3 BTB H . -9.78 15.09 -6.73
O3 BTB H . -10.84 14.24 -6.21
C4 BTB H . -11.51 16.19 -8.19
O4 BTB H . -12.30 15.43 -9.10
N BTB H . -9.55 14.92 -9.22
C5 BTB H . -8.12 14.62 -9.00
C6 BTB H . -7.88 13.12 -9.09
O6 BTB H . -8.40 12.49 -7.90
C7 BTB H . -9.69 15.55 -10.55
C8 BTB H . -9.67 14.52 -11.68
O8 BTB H . -10.82 13.68 -11.63
C1 BTB I . -12.88 25.05 6.42
O1 BTB I . -13.40 24.12 5.46
C2 BTB I . -11.34 25.02 6.50
C3 BTB I . -10.67 24.63 5.22
O3 BTB I . -9.26 24.64 5.48
C4 BTB I . -10.82 26.42 6.77
O4 BTB I . -9.50 26.54 6.25
N BTB I . -10.91 24.06 7.55
C5 BTB I . -11.85 22.94 7.75
C6 BTB I . -11.37 21.66 7.07
O6 BTB I . -11.47 21.79 5.64
C7 BTB I . -10.72 24.73 8.84
C8 BTB I . -9.51 24.11 9.54
O8 BTB I . -8.52 23.83 8.54
C1 BTB J . 24.12 63.01 -13.24
O1 BTB J . 22.68 63.10 -13.18
C2 BTB J . 24.54 61.56 -13.07
C3 BTB J . 23.74 60.94 -11.91
O3 BTB J . 22.43 60.58 -12.38
C4 BTB J . 24.24 60.78 -14.33
O4 BTB J . 24.48 59.37 -14.14
N BTB J . 25.99 61.45 -12.74
C5 BTB J . 26.45 62.57 -11.90
C6 BTB J . 26.92 62.07 -10.52
O6 BTB J . 25.90 62.35 -9.55
C7 BTB J . 26.82 61.43 -13.97
C8 BTB J . 27.83 60.29 -13.86
O8 BTB J . 27.12 59.05 -13.75
C1 GOL K . 44.92 35.25 -14.52
O1 GOL K . 44.65 33.92 -14.89
C2 GOL K . 43.58 35.86 -14.17
O2 GOL K . 42.62 35.01 -14.73
C3 GOL K . 43.47 37.24 -14.83
O3 GOL K . 42.42 37.96 -14.23
C1 GOL L . -13.64 47.37 -3.14
O1 GOL L . -14.11 48.60 -2.62
C2 GOL L . -12.46 46.81 -2.33
O2 GOL L . -11.82 45.77 -3.03
C3 GOL L . -12.91 46.21 -1.01
O3 GOL L . -12.04 45.11 -0.82
CL CL M . 15.00 29.52 -3.25
GD GD3 N . -11.32 12.96 -8.57
ZN ZN O . 23.51 29.41 21.35
C1 GOL P . -12.09 13.89 0.43
O1 GOL P . -12.93 12.92 0.98
C2 GOL P . -12.54 15.10 1.22
O2 GOL P . -13.83 14.73 1.70
C3 GOL P . -12.47 16.39 0.39
O3 GOL P . -11.11 16.83 0.30
CHA HEM Q . 10.25 17.42 27.27
CHB HEM Q . 5.72 16.81 25.45
CHC HEM Q . 3.81 16.88 29.91
CHD HEM Q . 8.16 18.16 31.64
C1A HEM Q . 9.20 17.12 26.40
C2A HEM Q . 9.30 16.68 25.03
C3A HEM Q . 8.07 16.49 24.55
C4A HEM Q . 7.11 16.85 25.57
CMA HEM Q . 7.75 16.01 23.11
CAA HEM Q . 10.59 16.40 24.25
CBA HEM Q . 10.98 15.03 24.76
CGA HEM Q . 11.70 14.19 23.75
O1A HEM Q . 11.74 14.57 22.54
O2A HEM Q . 12.23 13.14 24.16
C1B HEM Q . 4.80 16.76 26.47
C2B HEM Q . 3.38 16.54 26.35
C3B HEM Q . 2.83 16.59 27.57
C4B HEM Q . 3.91 16.79 28.53
CMB HEM Q . 2.58 16.33 25.03
CAB HEM Q . 1.32 16.37 27.82
CBB HEM Q . 0.64 16.67 28.93
C1C HEM Q . 4.82 17.20 30.79
C2C HEM Q . 4.73 17.26 32.25
C3C HEM Q . 5.94 17.62 32.71
C4C HEM Q . 6.83 17.80 31.58
CMC HEM Q . 3.45 16.96 33.06
CAC HEM Q . 6.40 17.84 34.18
CBC HEM Q . 5.57 18.12 35.17
C1D HEM Q . 9.11 18.03 30.64
C2D HEM Q . 10.54 18.15 30.82
C3D HEM Q . 11.13 17.93 29.65
C4D HEM Q . 10.11 17.69 28.64
CMD HEM Q . 11.24 18.46 32.14
CAD HEM Q . 12.66 17.99 29.48
CBD HEM Q . 12.90 19.13 28.54
CGD HEM Q . 13.84 20.14 29.13
O1D HEM Q . 15.00 19.77 29.41
O2D HEM Q . 13.42 21.31 29.30
NA HEM Q . 7.84 17.23 26.70
NB HEM Q . 5.09 16.91 27.81
NC HEM Q . 6.11 17.54 30.42
ND HEM Q . 8.90 17.77 29.30
FE HEM Q . 6.94 17.62 28.51
N1 H4B R . 14.44 17.23 19.86
C2 H4B R . 13.62 16.46 20.63
N2 H4B R . 12.33 16.85 20.85
N3 H4B R . 14.10 15.32 21.18
C4 H4B R . 15.38 14.92 20.98
O4 H4B R . 15.78 13.85 21.51
C4A H4B R . 16.22 15.71 20.20
C8A H4B R . 15.73 16.88 19.64
N5 H4B R . 17.52 15.36 19.97
N8 H4B R . 16.53 17.67 18.87
C6 H4B R . 18.45 16.41 19.58
C7 H4B R . 17.89 17.32 18.49
C9 H4B R . 19.83 15.84 19.24
O9 H4B R . 19.68 14.65 18.47
C10 H4B R . 20.70 16.82 18.47
C11 H4B R . 22.12 16.26 18.40
O10 H4B R . 20.73 18.13 19.04
C11 A1A0N S . 9.62 12.79 27.60
C12 A1A0N S . 10.42 13.63 28.36
C02 A1A0N S . 5.98 13.31 26.77
C03 A1A0N S . 5.46 13.55 28.04
C04 A1A0N S . 6.31 13.54 29.13
C05 A1A0N S . 7.65 13.29 28.91
C06 A1A0N S . 8.15 13.04 27.63
C07 A1A0N S . 5.83 13.81 30.55
C13 A1A0N S . 11.79 13.45 28.46
C14 A1A0N S . 12.39 12.40 27.76
C15 A1A0N S . 11.61 11.55 26.99
C16 A1A0N S . 10.22 11.73 26.93
C17 A1A0N S . 12.26 10.40 26.20
C19 A1A0N S . 13.68 10.34 24.24
C20 A1A0N S . 11.30 10.25 23.94
N01 A1A0N S . 7.30 13.04 26.56
N02 A1A0N S . 5.13 13.31 25.72
N18 A1A0N S . 12.39 10.80 24.78
CL13 A1A0N S . 12.74 14.59 29.49
C1 BTB T . -9.41 -1.62 0.34
O1 BTB T . -10.59 -1.27 1.08
C2 BTB T . -8.23 -1.71 1.30
C3 BTB T . -7.44 -0.38 1.32
O3 BTB T . -6.70 -0.19 2.56
C4 BTB T . -8.77 -1.95 2.71
O4 BTB T . -7.71 -2.25 3.64
N BTB T . -7.32 -2.82 0.88
C5 BTB T . -6.66 -2.58 -0.40
C6 BTB T . -5.18 -2.39 -0.19
O6 BTB T . -4.61 -3.62 0.28
C7 BTB T . -7.73 -4.23 1.12
C8 BTB T . -7.00 -4.76 2.38
O8 BTB T . -5.55 -4.86 2.26
C1 BTB U . 17.43 -1.96 57.41
O1 BTB U . 16.13 -2.48 57.05
C2 BTB U . 18.01 -1.24 56.21
C3 BTB U . 17.75 -2.18 55.06
O3 BTB U . 18.99 -2.87 54.88
C4 BTB U . 17.24 0.06 56.06
O4 BTB U . 17.39 0.91 57.21
N BTB U . 19.48 -1.08 56.26
C5 BTB U . 20.03 -1.32 57.63
C6 BTB U . 21.08 -2.43 57.59
O6 BTB U . 21.18 -2.94 56.25
C7 BTB U . 19.98 0.22 55.77
C8 BTB U . 21.25 -0.07 54.98
O8 BTB U . 21.17 -1.45 54.61
C1 GOL V . 18.58 12.21 23.68
O1 GOL V . 19.06 11.23 24.58
C2 GOL V . 19.06 11.89 22.27
O2 GOL V . 18.55 12.86 21.40
C3 GOL V . 18.60 10.50 21.83
O3 GOL V . 19.16 10.16 20.58
CL CL W . 9.59 7.75 25.21
GD GD3 X . -5.36 -2.35 2.58
C1 BTB Y . 1.46 -4.77 -6.42
O1 BTB Y . 0.06 -5.06 -6.50
C2 BTB Y . 1.79 -3.32 -6.76
C3 BTB Y . 3.23 -3.20 -6.28
O3 BTB Y . 4.02 -2.47 -7.23
C4 BTB Y . 1.71 -3.05 -8.27
O4 BTB Y . 0.65 -3.78 -8.92
N BTB Y . 0.92 -2.37 -6.03
C5 BTB Y . -0.40 -2.15 -6.64
C6 BTB Y . -1.35 -2.41 -5.49
O6 BTB Y . -0.56 -3.10 -4.50
C7 BTB Y . 1.53 -1.04 -5.94
C8 BTB Y . 1.59 -0.74 -4.45
O8 BTB Y . 1.48 -1.99 -3.78
CHA HEM Z . -25.26 -23.45 -2.83
CHB HEM Z . -22.14 -25.91 -0.01
CHC HEM Z . -25.91 -27.34 2.72
CHD HEM Z . -29.03 -25.61 -0.58
C1A HEM Z . -24.05 -23.90 -2.29
C2A HEM Z . -22.68 -23.54 -2.66
C3A HEM Z . -21.83 -24.23 -1.89
C4A HEM Z . -22.61 -25.04 -0.99
CMA HEM Z . -20.29 -24.12 -1.97
CAA HEM Z . -22.18 -22.55 -3.74
CBA HEM Z . -22.95 -21.24 -3.58
CGA HEM Z . -22.02 -20.07 -3.42
O1A HEM Z . -20.81 -20.29 -3.14
O2A HEM Z . -22.50 -18.91 -3.55
C1B HEM Z . -22.90 -26.54 0.96
C2B HEM Z . -22.40 -27.42 2.01
C3B HEM Z . -23.42 -27.84 2.74
C4B HEM Z . -24.63 -27.20 2.23
CMB HEM Z . -20.93 -27.85 2.22
CAB HEM Z . -23.24 -28.79 3.97
CBB HEM Z . -24.19 -29.56 4.51
C1C HEM Z . -27.08 -26.96 2.09
C2C HEM Z . -28.43 -27.10 2.64
C3C HEM Z . -29.30 -26.62 1.72
C4C HEM Z . -28.54 -26.16 0.58
CMC HEM Z . -28.71 -27.70 4.03
CAC HEM Z . -30.86 -26.53 1.76
CBC HEM Z . -31.65 -27.16 2.63
C1D HEM Z . -28.30 -24.79 -1.41
C2D HEM Z . -28.84 -23.79 -2.31
C3D HEM Z . -27.81 -23.19 -2.92
C4D HEM Z . -26.56 -23.79 -2.45
CMD HEM Z . -30.32 -23.46 -2.52
CAD HEM Z . -27.97 -22.07 -3.95
CBD HEM Z . -27.42 -22.58 -5.26
CGD HEM Z . -28.50 -22.59 -6.31
O1D HEM Z . -28.97 -21.48 -6.68
O2D HEM Z . -28.83 -23.71 -6.78
NA HEM Z . -23.95 -24.82 -1.26
NB HEM Z . -24.27 -26.43 1.13
NC HEM Z . -27.20 -26.39 0.85
ND HEM Z . -26.92 -24.76 -1.53
FE HEM Z . -25.62 -25.77 -0.37
N1 H4B AA . -19.05 -20.42 -7.60
C2 H4B AA . -19.40 -20.31 -6.30
N2 H4B AA . -19.30 -21.39 -5.48
N3 H4B AA . -19.84 -19.12 -5.81
C4 H4B AA . -19.93 -18.04 -6.62
O4 H4B AA . -20.35 -16.95 -6.14
C4A H4B AA . -19.59 -18.16 -7.97
C8A H4B AA . -19.14 -19.37 -8.45
N5 H4B AA . -19.67 -17.11 -8.82
N8 H4B AA . -18.79 -19.52 -9.75
C6 H4B AA . -19.79 -17.35 -10.25
C7 H4B AA . -18.80 -18.42 -10.71
C9 H4B AA . -19.68 -16.03 -11.03
O9 H4B AA . -18.49 -15.31 -10.68
C10 H4B AA . -19.66 -16.23 -12.53
C11 H4B AA . -19.87 -14.90 -13.23
O10 H4B AA . -20.67 -17.17 -12.94
C11 A1A0N BA . -24.22 -20.57 0.56
C12 A1A0N BA . -25.30 -20.48 -0.31
C02 A1A0N BA . -22.74 -23.48 2.33
C03 A1A0N BA . -23.86 -24.00 2.97
C04 A1A0N BA . -25.11 -23.40 2.82
C05 A1A0N BA . -25.21 -22.26 2.03
C06 A1A0N BA . -24.07 -21.78 1.39
C07 A1A0N BA . -26.32 -23.94 3.51
C13 A1A0N BA . -25.48 -19.35 -1.10
C14 A1A0N BA . -24.57 -18.31 -1.00
C15 A1A0N BA . -23.48 -18.38 -0.12
C16 A1A0N BA . -23.32 -19.52 0.66
C17 A1A0N BA . -22.47 -17.25 -0.01
C19 A1A0N BA . -22.36 -16.08 -2.13
C20 A1A0N BA . -20.36 -16.60 -0.88
N01 A1A0N BA . -22.88 -22.37 1.55
N02 A1A0N BA . -21.52 -24.07 2.48
N18 A1A0N BA . -21.70 -17.07 -1.25
CL13 A1A0N BA . -26.88 -19.28 -2.22
C1 BTB CA . 5.47 -8.93 7.55
O1 BTB CA . 4.83 -8.12 8.52
C2 BTB CA . 6.95 -9.21 7.84
C3 BTB CA . 7.47 -9.85 6.55
O3 BTB CA . 8.89 -9.97 6.38
C4 BTB CA . 7.61 -7.85 8.09
O4 BTB CA . 8.73 -7.85 8.98
N BTB CA . 7.06 -10.17 8.98
C5 BTB CA . 6.34 -11.41 8.65
C6 BTB CA . 7.24 -12.63 8.84
O6 BTB CA . 8.45 -12.49 8.09
C7 BTB CA . 6.59 -9.64 10.27
C8 BTB CA . 7.25 -10.41 11.42
O8 BTB CA . 8.59 -10.75 11.03
C1 BTB DA . -51.63 -4.32 12.46
O1 BTB DA . -52.48 -5.24 13.13
C2 BTB DA . -50.95 -3.40 13.46
C3 BTB DA . -51.95 -2.37 13.98
O3 BTB DA . -53.13 -3.02 14.48
C4 BTB DA . -50.41 -4.26 14.60
O4 BTB DA . -51.50 -4.85 15.35
N BTB DA . -49.82 -2.68 12.82
C5 BTB DA . -49.00 -2.01 13.84
C6 BTB DA . -48.33 -0.72 13.34
O6 BTB DA . -47.27 -1.02 12.43
C7 BTB DA . -50.34 -1.70 11.85
C8 BTB DA . -49.93 -2.01 10.42
O8 BTB DA . -50.60 -1.11 9.55
C1 GOL EA . -44.33 -33.66 14.40
O1 GOL EA . -45.29 -34.41 13.70
C2 GOL EA . -45.05 -32.47 15.01
O2 GOL EA . -46.32 -32.39 14.38
C3 GOL EA . -44.26 -31.21 14.72
O3 GOL EA . -45.13 -30.17 14.32
C1 GOL FA . -15.54 -44.26 -8.03
O1 GOL FA . -15.73 -45.42 -7.23
C2 GOL FA . -14.23 -44.36 -8.82
O2 GOL FA . -13.30 -43.41 -8.36
C3 GOL FA . -14.49 -44.12 -10.31
O3 GOL FA . -13.32 -44.46 -11.02
C1 GOL GA . -55.82 -5.49 1.43
O1 GOL GA . -56.35 -6.79 1.56
C2 GOL GA . -54.49 -5.57 0.68
O2 GOL GA . -53.48 -6.02 1.54
C3 GOL GA . -54.10 -4.18 0.15
O3 GOL GA . -54.24 -3.24 1.20
CL CL HA . -20.63 -17.21 2.81
GD GD3 IA . 9.90 -10.21 8.65
ZN ZN JA . -25.94 -23.02 -21.72
CHA HEM KA . -7.79 -22.46 -27.13
CHB HEM KA . -4.18 -19.71 -25.39
CHC HEM KA . -2.90 -18.18 -29.82
CHD HEM KA . -6.90 -20.34 -31.42
C1A HEM KA . -6.85 -21.92 -26.27
C2A HEM KA . -6.66 -22.25 -24.87
C3A HEM KA . -5.66 -21.49 -24.41
C4A HEM KA . -5.18 -20.65 -25.50
CMA HEM KA . -5.07 -21.47 -22.99
CAA HEM KA . -7.46 -23.33 -24.12
CBA HEM KA . -6.84 -24.64 -24.65
CGA HEM KA . -7.08 -25.79 -23.70
O1A HEM KA . -7.39 -25.54 -22.51
O2A HEM KA . -6.94 -26.96 -24.13
C1B HEM KA . -3.50 -19.08 -26.40
C2B HEM KA . -2.34 -18.21 -26.23
C3B HEM KA . -1.99 -17.77 -27.45
C4B HEM KA . -2.89 -18.35 -28.43
CMB HEM KA . -1.67 -17.85 -24.90
CAB HEM KA . -0.79 -16.81 -27.68
CBB HEM KA . -0.51 -16.31 -28.89
C1C HEM KA . -3.86 -18.68 -30.69
C2C HEM KA . -3.85 -18.59 -32.14
C3C HEM KA . -4.96 -19.20 -32.59
C4C HEM KA . -5.70 -19.68 -31.42
CMC HEM KA . -2.70 -17.90 -32.93
CAC HEM KA . -5.50 -19.39 -34.03
CBC HEM KA . -5.06 -18.63 -35.05
C1D HEM KA . -7.45 -21.11 -30.43
C2D HEM KA . -8.57 -21.98 -30.63
C3D HEM KA . -8.83 -22.60 -29.46
C4D HEM KA . -7.89 -22.11 -28.47
CMD HEM KA . -9.30 -22.15 -31.98
CAD HEM KA . -9.99 -23.57 -29.25
CBD HEM KA . -11.08 -22.53 -29.07
CGD HEM KA . -12.47 -23.06 -29.17
O1D HEM KA . -12.65 -24.30 -29.29
O2D HEM KA . -13.39 -22.20 -29.10
NA HEM KA . -5.95 -20.93 -26.60
NB HEM KA . -3.81 -19.15 -27.75
NC HEM KA . -5.01 -19.32 -30.30
ND HEM KA . -7.05 -21.20 -29.09
FE HEM KA . -5.66 -19.93 -28.39
N1 H4B LA . -11.03 -25.22 -19.75
C2 H4B LA . -9.88 -25.25 -20.47
N2 H4B LA . -9.20 -24.10 -20.72
N3 H4B LA . -9.41 -26.42 -20.95
C4 H4B LA . -10.07 -27.58 -20.73
O4 H4B LA . -9.60 -28.66 -21.20
C4A H4B LA . -11.25 -27.55 -20.00
C8A H4B LA . -11.73 -26.35 -19.50
N5 H4B LA . -11.94 -28.68 -19.75
N8 H4B LA . -12.87 -26.28 -18.79
C6 H4B LA . -13.38 -28.56 -19.52
C7 H4B LA . -13.67 -27.48 -18.48
C9 H4B LA . -13.98 -29.94 -19.23
O9 H4B LA . -13.08 -30.72 -18.43
C10 H4B LA . -15.34 -29.87 -18.56
C11 H4B LA . -15.92 -31.27 -18.43
O10 H4B LA . -16.24 -29.00 -19.28
C11 A1A0N MA . -4.28 -25.05 -27.60
C12 A1A0N MA . -5.41 -25.05 -28.40
C02 A1A0N MA . -1.99 -22.24 -26.67
C03 A1A0N MA . -1.80 -21.66 -27.95
C04 A1A0N MA . -2.43 -22.20 -29.07
C05 A1A0N MA . -3.23 -23.30 -28.87
C06 A1A0N MA . -3.42 -23.84 -27.59
C07 A1A0N MA . -2.25 -21.60 -30.44
C13 A1A0N MA . -6.21 -26.17 -28.50
C14 A1A0N MA . -5.86 -27.31 -27.78
C15 A1A0N MA . -4.72 -27.31 -26.99
C16 A1A0N MA . -3.92 -26.18 -26.89
C17 A1A0N MA . -4.32 -28.55 -26.21
C19 A1A0N MA . -6.05 -29.78 -25.12
C20 A1A0N MA . -4.13 -28.96 -23.89
N01 A1A0N MA . -2.77 -23.33 -26.51
N02 A1A0N MA . -1.35 -21.69 -25.61
N18 A1A0N MA . -5.08 -28.67 -24.96
CL13 A1A0N MA . -7.67 -26.11 -29.58
C1 BTB NA . 18.46 -21.17 -1.12
O1 BTB NA . 18.25 -20.79 0.25
C2 BTB NA . 18.03 -22.58 -1.60
C3 BTB NA . 16.55 -22.72 -2.02
O3 BTB NA . 15.69 -23.57 -1.24
C4 BTB NA . 18.76 -22.73 -2.93
O4 BTB NA . 18.41 -23.97 -3.53
N BTB NA . 18.43 -23.69 -0.67
C5 BTB NA . 17.90 -23.67 0.71
C6 BTB NA . 16.98 -24.87 0.92
O6 BTB NA . 17.63 -26.08 0.52
C7 BTB NA . 19.89 -23.94 -0.66
C8 BTB NA . 20.13 -25.38 -1.09
O8 BTB NA . 19.52 -25.65 -2.36
C1 BTB OA . -1.19 -44.45 -53.36
O1 BTB OA . -2.40 -45.18 -53.11
C2 BTB OA . -1.43 -43.78 -54.69
C3 BTB OA . -1.73 -44.87 -55.71
O3 BTB OA . -3.15 -45.09 -55.71
C4 BTB OA . -2.69 -42.95 -54.49
O4 BTB OA . -3.23 -42.45 -55.72
N BTB OA . -0.25 -42.98 -55.13
C5 BTB OA . -0.49 -42.42 -56.47
C6 BTB OA . 0.70 -42.44 -57.41
O6 BTB OA . 1.55 -41.34 -57.04
C7 BTB OA . 0.99 -43.79 -55.11
C8 BTB OA . 2.13 -43.04 -54.42
O8 BTB OA . 3.42 -43.52 -54.82
C1 GOL PA . -24.02 -1.96 -31.69
O1 GOL PA . -25.35 -1.84 -31.25
C2 GOL PA . -23.24 -0.70 -31.30
O2 GOL PA . -22.83 0.02 -32.45
C3 GOL PA . -22.02 -1.10 -30.49
O3 GOL PA . -20.90 -0.45 -31.03
CL CL QA . -0.83 -28.89 -24.86
GD GD3 RA . 16.80 -25.45 -2.07
#